data_2F3M
#
_entry.id   2F3M
#
_cell.length_a   51.965
_cell.length_b   93.096
_cell.length_c   92.998
_cell.angle_alpha   120.53
_cell.angle_beta   106.19
_cell.angle_gamma   89.97
#
_symmetry.space_group_name_H-M   'P 1'
#
loop_
_entity.id
_entity.type
_entity.pdbx_description
1 polymer 'Glutathione S-transferase Mu 1'
2 non-polymer 1-(S-GLUTATHIONYL)-2,4,6-TRINITROCYCLOHEXA-2,5-DIENE
3 water water
#
_entity_poly.entity_id   1
_entity_poly.type   'polypeptide(L)'
_entity_poly.pdbx_seq_one_letter_code
;MPMILGYWDIRGLAHAIRLLLEYTDSSYEEKKYTMGDAPDYDRSQWLNEKFKLGLDFPNLPYLIDGAHKITQSNAILCYI
ARKHNLCGETEEEKIRVDILENQTMDNHMQLGMICYNPEFEKLKPKYLEELPEKLKLYSEFLGKRPWFAGNKITFVDFLV
YDVLDLHRIFEPKCLDAFPNLKDFISRFEGLEKISAYMKSSRFLPRPVFSKMAVWGNK
;
_entity_poly.pdbx_strand_id   A,B,C,D,E,F
#
# COMPACT_ATOMS: atom_id res chain seq x y z
N MET A 1 -16.95 32.00 -9.75
CA MET A 1 -15.79 32.19 -10.69
C MET A 1 -14.72 33.19 -10.15
N PRO A 2 -13.42 32.77 -10.18
CA PRO A 2 -12.34 33.67 -9.73
C PRO A 2 -11.88 34.65 -10.81
N MET A 3 -11.31 35.78 -10.40
CA MET A 3 -10.76 36.75 -11.33
C MET A 3 -9.42 36.24 -11.84
N ILE A 4 -9.13 36.54 -13.11
CA ILE A 4 -7.83 36.23 -13.71
C ILE A 4 -6.95 37.48 -13.77
N LEU A 5 -5.75 37.36 -13.22
CA LEU A 5 -4.78 38.42 -13.34
C LEU A 5 -3.69 37.93 -14.26
N GLY A 6 -3.53 38.60 -15.39
CA GLY A 6 -2.53 38.18 -16.37
C GLY A 6 -1.29 39.06 -16.29
N TYR A 7 -0.13 38.42 -16.34
CA TYR A 7 1.14 39.17 -16.31
C TYR A 7 2.32 38.23 -16.56
N TRP A 8 3.49 38.82 -16.82
CA TRP A 8 4.70 38.04 -16.97
C TRP A 8 4.94 37.33 -15.65
N ASP A 9 5.67 36.21 -15.70
CA ASP A 9 6.01 35.48 -14.47
CA ASP A 9 6.02 35.48 -14.48
C ASP A 9 7.04 36.26 -13.66
N ILE A 10 6.79 37.55 -13.47
CA ILE A 10 7.68 38.39 -12.66
C ILE A 10 6.91 39.25 -11.68
N ARG A 11 7.65 40.05 -10.90
CA ARG A 11 7.06 41.04 -10.02
C ARG A 11 6.49 42.21 -10.85
N GLY A 12 7.37 43.06 -11.37
CA GLY A 12 6.97 44.16 -12.22
C GLY A 12 5.80 44.97 -11.69
N LEU A 13 4.79 45.15 -12.55
CA LEU A 13 3.70 46.08 -12.25
C LEU A 13 2.54 45.43 -11.53
N ALA A 14 2.69 44.13 -11.25
CA ALA A 14 1.61 43.31 -10.71
C ALA A 14 1.73 43.24 -9.21
N HIS A 15 2.91 43.55 -8.71
CA HIS A 15 3.14 43.43 -7.31
C HIS A 15 2.08 44.11 -6.42
N ALA A 16 1.77 45.38 -6.69
CA ALA A 16 0.74 46.07 -5.92
C ALA A 16 -0.60 45.38 -6.09
N ILE A 17 -0.88 44.93 -7.31
CA ILE A 17 -2.15 44.27 -7.57
C ILE A 17 -2.28 42.95 -6.82
N ARG A 18 -1.21 42.15 -6.84
CA ARG A 18 -1.23 40.91 -6.06
C ARG A 18 -1.47 41.22 -4.59
N LEU A 19 -0.60 42.02 -3.99
CA LEU A 19 -0.77 42.43 -2.61
C LEU A 19 -2.20 42.90 -2.34
N LEU A 20 -2.72 43.80 -3.17
CA LEU A 20 -4.08 44.31 -2.94
C LEU A 20 -5.10 43.18 -3.00
N LEU A 21 -4.95 42.28 -3.99
CA LEU A 21 -5.84 41.15 -4.14
C LEU A 21 -5.91 40.34 -2.83
N GLU A 22 -4.74 40.01 -2.29
CA GLU A 22 -4.68 39.26 -1.04
C GLU A 22 -5.31 40.02 0.11
N TYR A 23 -4.96 41.30 0.26
CA TYR A 23 -5.46 42.08 1.37
C TYR A 23 -6.97 42.18 1.38
N THR A 24 -7.55 42.32 0.20
CA THR A 24 -8.99 42.41 0.07
C THR A 24 -9.63 41.04 0.15
N ASP A 25 -8.80 40.01 0.18
CA ASP A 25 -9.31 38.65 0.27
C ASP A 25 -9.96 38.21 -1.04
N SER A 26 -9.66 38.95 -2.12
CA SER A 26 -10.25 38.68 -3.42
C SER A 26 -10.07 37.23 -3.85
N SER A 27 -11.02 36.76 -4.65
CA SER A 27 -10.98 35.42 -5.17
C SER A 27 -10.41 35.39 -6.59
N TYR A 28 -9.19 34.89 -6.76
CA TYR A 28 -8.50 35.06 -8.04
C TYR A 28 -7.45 34.00 -8.36
N GLU A 29 -7.18 33.81 -9.65
CA GLU A 29 -5.96 33.10 -10.07
C GLU A 29 -5.13 34.00 -10.97
N GLU A 30 -3.87 33.63 -11.15
CA GLU A 30 -2.98 34.29 -12.10
C GLU A 30 -2.80 33.48 -13.40
N LYS A 31 -2.88 34.15 -14.54
CA LYS A 31 -2.42 33.60 -15.79
C LYS A 31 -1.04 34.18 -16.07
N LYS A 32 0.01 33.42 -15.73
CA LYS A 32 1.39 33.87 -15.89
C LYS A 32 1.91 33.54 -17.30
N TYR A 33 2.64 34.49 -17.88
CA TYR A 33 3.22 34.32 -19.21
C TYR A 33 4.74 34.33 -19.09
N THR A 34 5.39 33.37 -19.75
CA THR A 34 6.84 33.30 -19.70
C THR A 34 7.46 33.98 -20.90
N MET A 35 8.64 34.54 -20.67
CA MET A 35 9.41 35.22 -21.70
C MET A 35 10.66 34.41 -22.03
N GLY A 36 10.98 34.30 -23.32
CA GLY A 36 12.19 33.63 -23.79
C GLY A 36 13.49 34.29 -23.31
N ASP A 37 14.62 33.66 -23.63
CA ASP A 37 15.92 34.19 -23.24
C ASP A 37 16.57 34.96 -24.38
N ALA A 38 17.77 35.48 -24.12
CA ALA A 38 18.51 36.25 -25.12
C ALA A 38 18.73 35.44 -26.39
N PRO A 39 18.82 36.12 -27.52
CA PRO A 39 18.71 37.58 -27.54
C PRO A 39 17.44 38.05 -28.24
N ASP A 40 16.39 37.23 -28.18
CA ASP A 40 15.10 37.57 -28.78
C ASP A 40 13.95 37.43 -27.78
N TYR A 41 14.28 37.41 -26.51
CA TYR A 41 13.26 37.27 -25.46
C TYR A 41 11.88 37.06 -26.08
N ASP A 42 11.69 35.92 -26.71
CA ASP A 42 10.43 35.59 -27.34
C ASP A 42 9.24 35.85 -26.40
N ARG A 43 8.16 36.40 -26.97
CA ARG A 43 6.99 36.78 -26.18
C ARG A 43 5.72 36.22 -26.81
N SER A 44 5.90 35.23 -27.68
CA SER A 44 4.78 34.63 -28.42
C SER A 44 3.71 33.97 -27.50
N GLN A 45 4.13 33.50 -26.33
CA GLN A 45 3.18 32.91 -25.38
C GLN A 45 2.07 33.90 -24.98
N TRP A 46 2.44 35.17 -24.90
CA TRP A 46 1.50 36.26 -24.64
C TRP A 46 0.90 36.81 -25.93
N LEU A 47 1.73 36.97 -26.96
CA LEU A 47 1.31 37.50 -28.26
C LEU A 47 0.29 36.62 -28.95
N ASN A 48 0.40 35.31 -28.79
CA ASN A 48 -0.58 34.39 -29.36
C ASN A 48 -1.96 34.60 -28.77
N GLU A 49 -2.03 35.31 -27.66
CA GLU A 49 -3.26 35.42 -26.89
C GLU A 49 -3.70 36.87 -26.75
N LYS A 50 -2.76 37.78 -26.99
CA LYS A 50 -2.93 39.22 -26.79
C LYS A 50 -4.25 39.78 -27.30
N PHE A 51 -4.63 39.40 -28.51
CA PHE A 51 -5.81 40.03 -29.14
C PHE A 51 -7.10 39.24 -29.03
N LYS A 52 -7.06 38.13 -28.28
CA LYS A 52 -8.25 37.29 -28.17
C LYS A 52 -8.77 37.22 -26.75
N LEU A 53 -8.71 38.31 -26.02
CA LEU A 53 -9.15 38.26 -24.63
C LEU A 53 -10.24 39.28 -24.38
N GLY A 54 -10.75 39.85 -25.47
CA GLY A 54 -11.75 40.89 -25.36
C GLY A 54 -11.25 42.06 -24.51
N LEU A 55 -9.94 42.33 -24.56
CA LEU A 55 -9.40 43.51 -23.91
C LEU A 55 -9.49 44.69 -24.86
N ASP A 56 -9.81 45.87 -24.32
CA ASP A 56 -9.92 47.04 -25.16
C ASP A 56 -8.57 47.58 -25.56
N PHE A 57 -7.59 47.53 -24.67
CA PHE A 57 -6.27 48.03 -25.01
C PHE A 57 -5.24 47.01 -24.61
N PRO A 58 -5.18 45.91 -25.37
CA PRO A 58 -4.43 44.73 -24.97
C PRO A 58 -3.12 45.12 -24.29
N ASN A 59 -2.93 44.63 -23.07
CA ASN A 59 -1.74 44.98 -22.35
C ASN A 59 -1.54 44.06 -21.17
N LEU A 60 -0.41 44.21 -20.50
CA LEU A 60 -0.13 43.47 -19.30
C LEU A 60 0.32 44.50 -18.30
N PRO A 61 -0.20 44.42 -17.06
CA PRO A 61 -1.14 43.39 -16.62
C PRO A 61 -2.54 43.62 -17.12
N TYR A 62 -3.36 42.59 -17.07
CA TYR A 62 -4.80 42.75 -17.23
C TYR A 62 -5.54 42.00 -16.11
N LEU A 63 -6.79 42.38 -15.89
CA LEU A 63 -7.57 41.68 -14.91
C LEU A 63 -8.88 41.33 -15.57
N ILE A 64 -9.29 40.08 -15.44
CA ILE A 64 -10.56 39.66 -16.01
C ILE A 64 -11.53 39.22 -14.92
N ASP A 65 -12.70 39.84 -14.88
CA ASP A 65 -13.63 39.64 -13.80
C ASP A 65 -15.02 39.53 -14.37
N GLY A 66 -15.36 38.33 -14.80
CA GLY A 66 -16.57 38.12 -15.58
C GLY A 66 -16.59 39.06 -16.78
N ALA A 67 -17.62 39.89 -16.87
CA ALA A 67 -17.86 40.75 -18.04
C ALA A 67 -16.81 41.83 -18.15
N HIS A 68 -16.32 42.28 -16.99
CA HIS A 68 -15.33 43.35 -16.95
C HIS A 68 -13.91 42.86 -17.31
N LYS A 69 -13.34 43.42 -18.38
CA LYS A 69 -12.00 43.08 -18.81
C LYS A 69 -11.19 44.34 -18.73
N ILE A 70 -10.22 44.37 -17.81
CA ILE A 70 -9.49 45.61 -17.53
C ILE A 70 -8.00 45.56 -17.88
N THR A 71 -7.44 46.68 -18.37
CA THR A 71 -5.98 46.83 -18.46
C THR A 71 -5.54 48.13 -17.81
N GLN A 72 -4.23 48.38 -17.80
CA GLN A 72 -3.67 49.55 -17.13
C GLN A 72 -3.61 49.34 -15.64
N SER A 73 -2.41 49.05 -15.17
CA SER A 73 -2.23 48.68 -13.79
C SER A 73 -3.01 49.56 -12.82
N ASN A 74 -2.93 50.88 -12.95
CA ASN A 74 -3.66 51.74 -12.01
C ASN A 74 -5.18 51.57 -12.09
N ALA A 75 -5.69 51.26 -13.26
CA ALA A 75 -7.09 51.00 -13.43
C ALA A 75 -7.48 49.70 -12.75
N ILE A 76 -6.66 48.67 -12.89
CA ILE A 76 -6.94 47.44 -12.19
C ILE A 76 -6.98 47.75 -10.70
N LEU A 77 -5.98 48.48 -10.23
CA LEU A 77 -5.92 48.87 -8.82
C LEU A 77 -7.14 49.60 -8.27
N CYS A 78 -7.62 50.61 -8.98
CA CYS A 78 -8.80 51.32 -8.48
C CYS A 78 -10.06 50.48 -8.61
N TYR A 79 -10.12 49.69 -9.68
CA TYR A 79 -11.27 48.83 -9.87
C TYR A 79 -11.47 47.89 -8.71
N ILE A 80 -10.39 47.23 -8.30
CA ILE A 80 -10.44 46.38 -7.12
C ILE A 80 -10.73 47.20 -5.87
N ALA A 81 -9.94 48.25 -5.64
CA ALA A 81 -10.09 49.08 -4.43
C ALA A 81 -11.55 49.52 -4.19
N ARG A 82 -12.26 49.79 -5.28
CA ARG A 82 -13.62 50.28 -5.21
C ARG A 82 -14.55 49.25 -4.61
N LYS A 83 -14.39 47.99 -5.00
CA LYS A 83 -15.18 46.91 -4.43
C LYS A 83 -15.08 46.86 -2.91
N HIS A 84 -14.09 47.53 -2.33
CA HIS A 84 -13.81 47.41 -0.89
C HIS A 84 -13.50 48.73 -0.22
N ASN A 85 -14.04 49.81 -0.74
CA ASN A 85 -13.85 51.12 -0.13
C ASN A 85 -12.40 51.50 0.14
N LEU A 86 -11.59 51.53 -0.91
CA LEU A 86 -10.18 51.86 -0.75
C LEU A 86 -9.63 52.77 -1.86
N CYS A 87 -10.51 53.58 -2.45
CA CYS A 87 -10.12 54.53 -3.46
C CYS A 87 -10.22 55.91 -2.84
N GLY A 88 -10.48 55.95 -1.54
CA GLY A 88 -10.52 57.23 -0.81
C GLY A 88 -11.91 57.82 -0.58
N GLU A 89 -12.16 58.23 0.67
CA GLU A 89 -13.48 58.71 1.09
C GLU A 89 -13.63 60.17 0.76
N THR A 90 -13.01 61.01 1.57
CA THR A 90 -13.19 62.46 1.50
C THR A 90 -12.55 63.06 0.25
N GLU A 91 -12.66 64.38 0.12
CA GLU A 91 -12.06 65.07 -1.02
C GLU A 91 -10.55 65.09 -0.82
N GLU A 92 -10.10 65.47 0.37
CA GLU A 92 -8.67 65.47 0.65
C GLU A 92 -8.06 64.10 0.38
N GLU A 93 -8.75 63.05 0.78
CA GLU A 93 -8.27 61.69 0.56
C GLU A 93 -8.07 61.41 -0.92
N LYS A 94 -9.05 61.80 -1.73
CA LYS A 94 -8.98 61.61 -3.18
C LYS A 94 -7.82 62.34 -3.88
N ILE A 95 -7.58 63.57 -3.47
CA ILE A 95 -6.51 64.35 -4.07
C ILE A 95 -5.22 63.62 -3.84
N ARG A 96 -4.95 63.29 -2.58
CA ARG A 96 -3.74 62.56 -2.23
C ARG A 96 -3.62 61.27 -3.04
N VAL A 97 -4.70 60.51 -3.10
CA VAL A 97 -4.73 59.29 -3.91
C VAL A 97 -4.36 59.55 -5.39
N ASP A 98 -5.04 60.50 -6.02
CA ASP A 98 -4.72 60.84 -7.41
C ASP A 98 -3.24 61.20 -7.59
N ILE A 99 -2.71 62.04 -6.70
CA ILE A 99 -1.32 62.42 -6.79
C ILE A 99 -0.39 61.21 -6.70
N LEU A 100 -0.47 60.48 -5.59
CA LEU A 100 0.41 59.33 -5.39
C LEU A 100 0.25 58.27 -6.46
N GLU A 101 -0.96 58.08 -6.95
CA GLU A 101 -1.24 57.14 -8.00
C GLU A 101 -0.31 57.37 -9.17
N ASN A 102 -0.10 58.63 -9.50
CA ASN A 102 0.75 58.98 -10.63
C ASN A 102 2.19 59.20 -10.20
N GLN A 103 2.37 59.74 -9.01
CA GLN A 103 3.71 59.96 -8.49
C GLN A 103 4.52 58.67 -8.38
N THR A 104 3.94 57.65 -7.78
CA THR A 104 4.61 56.34 -7.72
C THR A 104 4.94 55.79 -9.10
N MET A 105 3.95 55.83 -10.01
CA MET A 105 4.16 55.41 -11.38
C MET A 105 5.40 56.04 -12.01
N ASP A 106 5.63 57.31 -11.70
CA ASP A 106 6.78 58.03 -12.24
C ASP A 106 8.09 57.54 -11.66
N ASN A 107 8.20 57.53 -10.34
CA ASN A 107 9.39 57.03 -9.69
C ASN A 107 9.70 55.57 -10.05
N HIS A 108 8.65 54.77 -10.27
CA HIS A 108 8.82 53.42 -10.77
C HIS A 108 9.39 53.43 -12.19
N MET A 109 8.75 54.12 -13.14
CA MET A 109 9.30 54.30 -14.49
CA MET A 109 9.30 54.25 -14.49
C MET A 109 10.78 54.62 -14.42
N GLN A 110 11.11 55.61 -13.61
CA GLN A 110 12.47 56.11 -13.49
C GLN A 110 13.45 55.02 -13.12
N LEU A 111 13.08 54.24 -12.11
CA LEU A 111 13.90 53.12 -11.71
C LEU A 111 14.02 52.17 -12.89
N GLY A 112 12.88 51.79 -13.44
CA GLY A 112 12.84 50.82 -14.51
C GLY A 112 13.56 51.29 -15.76
N MET A 113 13.72 52.60 -15.89
CA MET A 113 14.38 53.11 -17.08
C MET A 113 15.85 52.77 -17.08
N ILE A 114 16.50 52.90 -15.94
CA ILE A 114 17.93 52.64 -15.90
C ILE A 114 18.20 51.16 -15.76
N CYS A 115 17.35 50.46 -15.02
CA CYS A 115 17.53 49.03 -14.83
C CYS A 115 17.30 48.25 -16.13
N TYR A 116 16.78 48.91 -17.15
CA TYR A 116 16.61 48.26 -18.45
C TYR A 116 17.60 48.84 -19.44
N ASN A 117 18.31 49.88 -19.02
CA ASN A 117 19.28 50.57 -19.86
C ASN A 117 20.64 49.91 -19.80
N PRO A 118 21.16 49.46 -20.96
CA PRO A 118 22.51 48.89 -21.08
C PRO A 118 23.57 49.71 -20.35
N GLU A 119 23.40 51.03 -20.34
CA GLU A 119 24.33 51.94 -19.67
C GLU A 119 24.23 51.84 -18.15
N PHE A 120 23.40 50.91 -17.67
CA PHE A 120 23.04 50.86 -16.25
C PHE A 120 24.14 51.35 -15.32
N GLU A 121 25.36 50.85 -15.52
CA GLU A 121 26.41 51.10 -14.54
C GLU A 121 26.84 52.57 -14.43
N LYS A 122 26.79 53.30 -15.53
CA LYS A 122 27.23 54.70 -15.56
C LYS A 122 26.14 55.64 -15.04
N LEU A 123 24.89 55.25 -15.29
CA LEU A 123 23.73 56.03 -14.87
C LEU A 123 23.50 55.94 -13.35
N LYS A 124 23.92 54.80 -12.77
CA LYS A 124 23.66 54.48 -11.38
C LYS A 124 24.10 55.54 -10.35
N PRO A 125 25.35 56.06 -10.47
CA PRO A 125 25.82 57.10 -9.53
C PRO A 125 24.89 58.33 -9.46
N LYS A 126 24.45 58.80 -10.61
CA LYS A 126 23.57 59.97 -10.71
C LYS A 126 22.20 59.69 -10.10
N TYR A 127 21.62 58.54 -10.45
CA TYR A 127 20.35 58.10 -9.87
C TYR A 127 20.42 57.95 -8.33
N LEU A 128 21.52 57.43 -7.82
CA LEU A 128 21.72 57.31 -6.37
C LEU A 128 21.95 58.67 -5.72
N GLU A 129 22.53 59.60 -6.46
CA GLU A 129 22.69 60.97 -5.96
C GLU A 129 21.36 61.56 -5.60
N GLU A 130 20.37 61.32 -6.46
CA GLU A 130 19.02 61.81 -6.24
C GLU A 130 18.16 60.78 -5.51
N LEU A 131 18.71 59.59 -5.32
CA LEU A 131 18.00 58.52 -4.65
C LEU A 131 17.25 59.04 -3.42
N PRO A 132 17.98 59.72 -2.54
CA PRO A 132 17.38 60.27 -1.32
C PRO A 132 16.24 61.23 -1.63
N GLU A 133 16.58 62.46 -2.02
CA GLU A 133 15.58 63.46 -2.34
C GLU A 133 14.20 62.82 -2.52
N LYS A 134 14.05 62.04 -3.59
CA LYS A 134 12.79 61.37 -3.87
C LYS A 134 12.14 60.79 -2.63
N LEU A 135 12.92 60.05 -1.84
CA LEU A 135 12.44 59.48 -0.59
C LEU A 135 12.05 60.56 0.41
N LYS A 136 12.76 61.67 0.43
CA LYS A 136 12.41 62.73 1.37
C LYS A 136 10.97 63.18 1.11
N LEU A 137 10.63 63.36 -0.18
CA LEU A 137 9.29 63.80 -0.56
C LEU A 137 8.22 62.87 0.00
N TYR A 138 8.46 61.56 -0.12
CA TYR A 138 7.52 60.60 0.45
C TYR A 138 7.44 60.77 1.98
N SER A 139 8.59 60.81 2.63
CA SER A 139 8.58 60.93 4.08
C SER A 139 7.78 62.14 4.50
N GLU A 140 8.13 63.30 3.97
CA GLU A 140 7.41 64.50 4.35
C GLU A 140 5.93 64.39 4.00
N PHE A 141 5.63 63.76 2.88
CA PHE A 141 4.25 63.65 2.45
C PHE A 141 3.47 62.78 3.42
N LEU A 142 4.07 61.68 3.86
CA LEU A 142 3.40 60.82 4.81
C LEU A 142 3.24 61.55 6.14
N GLY A 143 4.34 62.14 6.59
CA GLY A 143 4.33 62.88 7.84
C GLY A 143 4.07 61.97 9.03
N LYS A 144 3.00 62.29 9.77
CA LYS A 144 2.68 61.58 11.01
C LYS A 144 1.49 60.63 10.83
N ARG A 145 0.86 60.68 9.66
CA ARG A 145 -0.21 59.75 9.30
C ARG A 145 0.22 58.31 9.27
N PRO A 146 -0.70 57.41 9.63
CA PRO A 146 -0.50 55.97 9.50
C PRO A 146 -0.51 55.48 8.05
N TRP A 147 -1.19 56.20 7.17
CA TRP A 147 -1.22 55.83 5.77
C TRP A 147 -1.11 57.07 4.94
N PHE A 148 -0.85 56.90 3.64
CA PHE A 148 -0.58 58.02 2.77
C PHE A 148 -1.82 58.83 2.43
N ALA A 149 -2.97 58.19 2.39
CA ALA A 149 -4.23 58.89 2.19
C ALA A 149 -4.64 59.71 3.41
N GLY A 150 -4.29 59.21 4.60
CA GLY A 150 -4.75 59.82 5.86
C GLY A 150 -4.82 58.77 6.94
N ASN A 151 -5.99 58.60 7.56
CA ASN A 151 -6.17 57.59 8.62
C ASN A 151 -6.63 56.20 8.16
N LYS A 152 -7.23 56.14 6.98
CA LYS A 152 -7.62 54.88 6.42
C LYS A 152 -6.56 54.45 5.43
N ILE A 153 -6.31 53.15 5.41
CA ILE A 153 -5.47 52.54 4.41
C ILE A 153 -6.21 52.66 3.11
N THR A 154 -5.48 52.84 2.01
CA THR A 154 -6.08 52.87 0.66
C THR A 154 -5.16 52.20 -0.32
N PHE A 155 -5.58 52.06 -1.58
CA PHE A 155 -4.77 51.35 -2.58
C PHE A 155 -3.43 52.01 -2.95
N VAL A 156 -3.28 53.31 -2.74
CA VAL A 156 -1.98 53.91 -3.03
C VAL A 156 -0.92 53.42 -2.04
N ASP A 157 -1.35 52.98 -0.87
CA ASP A 157 -0.39 52.52 0.10
C ASP A 157 0.36 51.35 -0.46
N PHE A 158 -0.35 50.57 -1.27
CA PHE A 158 0.27 49.45 -1.98
C PHE A 158 1.29 49.92 -3.01
N LEU A 159 0.91 50.90 -3.81
CA LEU A 159 1.83 51.46 -4.75
C LEU A 159 3.05 52.03 -4.05
N VAL A 160 2.85 52.85 -3.02
CA VAL A 160 3.99 53.48 -2.32
C VAL A 160 4.87 52.41 -1.68
N TYR A 161 4.24 51.43 -1.07
CA TYR A 161 5.02 50.37 -0.49
C TYR A 161 5.95 49.75 -1.54
N ASP A 162 5.39 49.36 -2.68
CA ASP A 162 6.17 48.65 -3.68
C ASP A 162 7.39 49.43 -4.09
N VAL A 163 7.18 50.71 -4.34
CA VAL A 163 8.27 51.61 -4.65
C VAL A 163 9.31 51.73 -3.55
N LEU A 164 8.87 51.83 -2.30
CA LEU A 164 9.84 51.88 -1.21
C LEU A 164 10.61 50.56 -1.07
N ASP A 165 9.88 49.46 -1.06
CA ASP A 165 10.50 48.14 -0.99
C ASP A 165 11.55 47.98 -2.09
N LEU A 166 11.15 48.25 -3.33
CA LEU A 166 12.05 48.13 -4.47
C LEU A 166 13.38 48.80 -4.21
N HIS A 167 13.34 49.99 -3.62
CA HIS A 167 14.55 50.75 -3.36
C HIS A 167 15.36 50.21 -2.20
N ARG A 168 14.68 49.73 -1.16
CA ARG A 168 15.40 49.18 -0.01
C ARG A 168 16.20 48.01 -0.55
N ILE A 169 15.64 47.32 -1.55
CA ILE A 169 16.31 46.19 -2.17
C ILE A 169 17.44 46.68 -3.08
N PHE A 170 17.33 47.94 -3.49
CA PHE A 170 18.33 48.55 -4.36
C PHE A 170 19.33 49.37 -3.55
N GLU A 171 18.82 50.02 -2.50
CA GLU A 171 19.67 50.84 -1.64
C GLU A 171 19.28 50.64 -0.17
N PRO A 172 19.65 49.48 0.38
CA PRO A 172 19.34 49.16 1.77
C PRO A 172 19.21 50.41 2.64
N LYS A 173 20.34 50.98 3.04
CA LYS A 173 20.35 52.19 3.87
C LYS A 173 19.63 53.35 3.19
N CYS A 174 18.83 53.03 2.17
CA CYS A 174 18.09 54.04 1.45
C CYS A 174 16.75 54.34 2.12
N LEU A 175 16.66 54.00 3.40
CA LEU A 175 15.44 54.23 4.17
C LEU A 175 15.75 54.54 5.62
N ASP A 176 17.03 54.61 5.95
CA ASP A 176 17.47 54.90 7.31
C ASP A 176 17.23 56.34 7.72
N ALA A 177 17.29 57.27 6.77
CA ALA A 177 17.17 58.68 7.12
C ALA A 177 15.71 59.05 7.38
N PHE A 178 14.82 58.07 7.29
CA PHE A 178 13.38 58.35 7.36
C PHE A 178 12.63 57.33 8.20
N PRO A 179 12.71 57.47 9.53
CA PRO A 179 12.04 56.52 10.44
C PRO A 179 10.62 56.22 9.99
N ASN A 180 9.84 57.27 9.74
CA ASN A 180 8.41 57.12 9.47
C ASN A 180 8.08 56.24 8.26
N LEU A 181 9.00 56.21 7.31
CA LEU A 181 8.87 55.37 6.14
C LEU A 181 9.14 53.91 6.51
N LYS A 182 10.13 53.68 7.37
CA LYS A 182 10.40 52.32 7.83
C LYS A 182 9.23 51.82 8.68
N ASP A 183 8.65 52.72 9.46
CA ASP A 183 7.44 52.41 10.21
C ASP A 183 6.29 52.05 9.29
N PHE A 184 6.25 52.70 8.13
CA PHE A 184 5.20 52.43 7.17
C PHE A 184 5.39 51.01 6.64
N ILE A 185 6.62 50.68 6.27
CA ILE A 185 6.91 49.33 5.82
C ILE A 185 6.56 48.27 6.88
N SER A 186 6.81 48.59 8.15
CA SER A 186 6.38 47.75 9.24
C SER A 186 4.86 47.53 9.24
N ARG A 187 4.12 48.63 9.41
CA ARG A 187 2.66 48.58 9.37
C ARG A 187 2.16 47.73 8.21
N PHE A 188 2.66 48.00 7.03
CA PHE A 188 2.13 47.37 5.85
C PHE A 188 2.41 45.86 5.84
N GLU A 189 3.67 45.49 6.04
CA GLU A 189 4.03 44.08 6.10
C GLU A 189 3.46 43.43 7.36
N GLY A 190 3.14 44.29 8.34
CA GLY A 190 2.53 43.87 9.60
C GLY A 190 1.05 43.55 9.46
N LEU A 191 0.46 43.97 8.34
CA LEU A 191 -0.93 43.65 8.08
C LEU A 191 -1.07 42.15 7.92
N GLU A 192 -2.10 41.60 8.55
CA GLU A 192 -2.25 40.18 8.69
C GLU A 192 -2.21 39.42 7.36
N LYS A 193 -3.14 39.74 6.46
CA LYS A 193 -3.22 39.05 5.17
C LYS A 193 -1.94 39.27 4.35
N ILE A 194 -1.30 40.42 4.56
CA ILE A 194 -0.06 40.73 3.84
C ILE A 194 0.99 39.75 4.34
N SER A 195 1.14 39.71 5.66
CA SER A 195 2.10 38.84 6.30
C SER A 195 1.87 37.39 5.87
N ALA A 196 0.66 36.89 6.09
CA ALA A 196 0.32 35.53 5.67
C ALA A 196 0.77 35.26 4.23
N TYR A 197 0.40 36.19 3.32
CA TYR A 197 0.69 36.04 1.89
C TYR A 197 2.19 36.03 1.60
N MET A 198 2.92 36.91 2.29
CA MET A 198 4.37 36.97 2.13
C MET A 198 5.02 35.65 2.55
N LYS A 199 4.41 34.93 3.49
CA LYS A 199 4.91 33.63 3.89
C LYS A 199 4.43 32.52 2.96
N SER A 200 3.39 32.78 2.20
CA SER A 200 2.83 31.77 1.33
C SER A 200 3.78 31.46 0.17
N SER A 201 3.51 30.37 -0.55
CA SER A 201 4.29 29.99 -1.71
C SER A 201 3.80 30.77 -2.93
N ARG A 202 2.78 31.60 -2.73
CA ARG A 202 2.32 32.47 -3.82
C ARG A 202 3.19 33.72 -3.98
N PHE A 203 3.85 34.14 -2.90
CA PHE A 203 4.68 35.33 -2.89
C PHE A 203 5.72 35.29 -4.01
N LEU A 204 5.86 36.39 -4.74
CA LEU A 204 6.75 36.44 -5.89
C LEU A 204 7.47 37.79 -5.96
N PRO A 205 8.52 37.95 -5.13
CA PRO A 205 9.26 39.20 -4.99
C PRO A 205 10.34 39.42 -6.05
N ARG A 206 10.59 38.39 -6.87
CA ARG A 206 11.62 38.47 -7.92
C ARG A 206 11.41 37.38 -8.96
N PRO A 207 11.88 37.60 -10.20
CA PRO A 207 12.55 38.81 -10.70
C PRO A 207 11.74 40.09 -10.46
N VAL A 208 12.42 41.21 -10.24
CA VAL A 208 11.77 42.52 -10.20
C VAL A 208 11.30 42.99 -11.59
N PHE A 209 12.20 42.91 -12.57
CA PHE A 209 11.85 43.26 -13.95
C PHE A 209 11.99 42.07 -14.90
N SER A 210 11.61 42.26 -16.17
CA SER A 210 11.67 41.20 -17.17
C SER A 210 13.12 40.85 -17.50
N LYS A 211 13.29 39.84 -18.34
CA LYS A 211 14.63 39.32 -18.63
C LYS A 211 15.52 40.33 -19.34
N MET A 212 14.90 41.22 -20.12
CA MET A 212 15.63 42.25 -20.86
C MET A 212 16.49 43.12 -19.95
N ALA A 213 16.29 43.00 -18.64
CA ALA A 213 16.89 43.92 -17.69
C ALA A 213 18.38 43.66 -17.44
N VAL A 214 19.06 44.71 -16.97
CA VAL A 214 20.45 44.62 -16.54
C VAL A 214 20.49 44.39 -15.04
N TRP A 215 19.49 44.90 -14.33
CA TRP A 215 19.39 44.72 -12.88
C TRP A 215 18.02 44.20 -12.51
N GLY A 216 17.96 43.29 -11.54
CA GLY A 216 16.69 42.73 -11.05
C GLY A 216 15.97 41.95 -12.13
N ASN A 217 16.74 41.52 -13.12
CA ASN A 217 16.25 40.65 -14.18
C ASN A 217 16.35 39.21 -13.69
N LYS A 218 17.06 39.07 -12.56
CA LYS A 218 17.35 37.77 -11.96
C LYS A 218 16.45 37.50 -10.75
N MET B 1 -10.44 84.56 -5.27
CA MET B 1 -9.18 83.96 -5.82
C MET B 1 -9.35 83.08 -7.08
N PRO B 2 -8.71 83.46 -8.21
CA PRO B 2 -8.61 82.50 -9.32
C PRO B 2 -7.58 81.41 -9.04
N MET B 3 -7.72 80.26 -9.72
CA MET B 3 -6.74 79.19 -9.59
C MET B 3 -5.52 79.54 -10.43
N ILE B 4 -4.35 79.13 -9.97
CA ILE B 4 -3.13 79.25 -10.77
C ILE B 4 -2.75 77.91 -11.40
N LEU B 5 -2.57 77.93 -12.70
CA LEU B 5 -2.03 76.77 -13.39
C LEU B 5 -0.61 77.08 -13.81
N GLY B 6 0.34 76.32 -13.28
CA GLY B 6 1.75 76.53 -13.62
C GLY B 6 2.26 75.54 -14.65
N TYR B 7 2.97 76.05 -15.64
CA TYR B 7 3.55 75.18 -16.66
C TYR B 7 4.50 75.98 -17.54
N TRP B 8 5.33 75.28 -18.30
CA TRP B 8 6.16 75.91 -19.32
C TRP B 8 5.26 76.65 -20.31
N ASP B 9 5.82 77.67 -20.98
CA ASP B 9 5.07 78.42 -21.97
C ASP B 9 4.86 77.60 -23.23
N ILE B 10 4.41 76.36 -23.07
CA ILE B 10 4.15 75.49 -24.22
C ILE B 10 2.85 74.75 -24.02
N ARG B 11 2.51 73.92 -25.01
CA ARG B 11 1.34 73.06 -24.94
C ARG B 11 1.57 71.91 -23.95
N GLY B 12 2.43 70.96 -24.34
CA GLY B 12 2.77 69.84 -23.50
C GLY B 12 1.59 69.27 -22.74
N LEU B 13 1.77 69.05 -21.44
CA LEU B 13 0.82 68.32 -20.62
C LEU B 13 -0.31 69.13 -20.07
N ALA B 14 -0.36 70.41 -20.42
CA ALA B 14 -1.33 71.37 -19.86
C ALA B 14 -2.52 71.53 -20.77
N HIS B 15 -2.35 71.07 -22.00
CA HIS B 15 -3.38 71.27 -23.01
C HIS B 15 -4.76 70.77 -22.55
N ALA B 16 -4.83 69.52 -22.11
CA ALA B 16 -6.10 68.99 -21.61
C ALA B 16 -6.61 69.81 -20.46
N ILE B 17 -5.71 70.20 -19.55
CA ILE B 17 -6.10 71.01 -18.40
C ILE B 17 -6.67 72.37 -18.82
N ARG B 18 -5.96 73.07 -19.71
CA ARG B 18 -6.47 74.33 -20.19
C ARG B 18 -7.86 74.16 -20.79
N LEU B 19 -7.97 73.29 -21.79
CA LEU B 19 -9.26 72.98 -22.38
C LEU B 19 -10.32 72.66 -21.32
N LEU B 20 -10.00 71.81 -20.36
CA LEU B 20 -10.98 71.48 -19.34
C LEU B 20 -11.32 72.73 -18.54
N LEU B 21 -10.31 73.49 -18.16
CA LEU B 21 -10.55 74.70 -17.40
C LEU B 21 -11.59 75.59 -18.09
N GLU B 22 -11.42 75.79 -19.40
CA GLU B 22 -12.31 76.64 -20.18
C GLU B 22 -13.69 76.04 -20.27
N TYR B 23 -13.76 74.74 -20.50
CA TYR B 23 -15.06 74.08 -20.66
C TYR B 23 -15.91 74.17 -19.40
N THR B 24 -15.26 74.09 -18.25
CA THR B 24 -15.94 74.18 -16.97
C THR B 24 -16.24 75.61 -16.54
N ASP B 25 -15.64 76.57 -17.22
CA ASP B 25 -15.86 77.97 -16.89
C ASP B 25 -15.25 78.29 -15.54
N SER B 26 -14.02 77.86 -15.34
CA SER B 26 -13.34 78.09 -14.07
C SER B 26 -12.46 79.34 -14.03
N SER B 27 -12.58 80.10 -12.95
CA SER B 27 -11.78 81.31 -12.78
C SER B 27 -10.33 80.89 -12.55
N TYR B 28 -9.44 81.36 -13.41
CA TYR B 28 -8.04 81.01 -13.30
C TYR B 28 -7.10 81.84 -14.13
N GLU B 29 -5.86 81.81 -13.69
CA GLU B 29 -4.74 82.42 -14.39
C GLU B 29 -3.58 81.45 -14.52
N GLU B 30 -2.76 81.62 -15.56
CA GLU B 30 -1.63 80.75 -15.77
C GLU B 30 -0.36 81.44 -15.31
N LYS B 31 0.49 80.71 -14.59
CA LYS B 31 1.85 81.15 -14.33
C LYS B 31 2.75 80.40 -15.29
N LYS B 32 3.14 81.07 -16.37
CA LYS B 32 3.98 80.46 -17.41
C LYS B 32 5.45 80.63 -17.12
N TYR B 33 6.23 79.58 -17.34
CA TYR B 33 7.65 79.60 -17.07
C TYR B 33 8.37 79.44 -18.40
N THR B 34 9.38 80.27 -18.63
CA THR B 34 10.15 80.18 -19.87
C THR B 34 11.42 79.37 -19.70
N MET B 35 11.80 78.68 -20.77
CA MET B 35 12.99 77.86 -20.79
C MET B 35 14.02 78.48 -21.73
N GLY B 36 15.28 78.47 -21.30
CA GLY B 36 16.37 79.02 -22.08
C GLY B 36 16.63 78.23 -23.35
N ASP B 37 17.56 78.73 -24.17
CA ASP B 37 17.94 78.08 -25.43
C ASP B 37 19.12 77.11 -25.24
N ALA B 38 19.46 76.37 -26.28
CA ALA B 38 20.61 75.47 -26.23
C ALA B 38 21.85 76.26 -25.87
N PRO B 39 22.84 75.61 -25.24
CA PRO B 39 22.87 74.19 -24.92
C PRO B 39 22.47 73.88 -23.47
N ASP B 40 22.20 74.89 -22.65
CA ASP B 40 21.82 74.64 -21.26
C ASP B 40 20.34 74.40 -21.12
N TYR B 41 19.54 75.09 -21.93
CA TYR B 41 18.10 75.07 -21.77
C TYR B 41 17.82 75.42 -20.32
N ASP B 42 18.29 76.59 -19.91
CA ASP B 42 18.17 77.01 -18.54
C ASP B 42 16.73 76.94 -18.04
N ARG B 43 16.55 76.45 -16.82
CA ARG B 43 15.23 76.29 -16.23
C ARG B 43 15.12 76.96 -14.86
N SER B 44 16.03 77.88 -14.58
CA SER B 44 16.12 78.52 -13.28
C SER B 44 14.90 79.35 -12.95
N GLN B 45 14.20 79.84 -13.97
CA GLN B 45 12.98 80.60 -13.73
C GLN B 45 11.98 79.75 -12.96
N TRP B 46 11.96 78.45 -13.25
CA TRP B 46 11.09 77.52 -12.55
C TRP B 46 11.77 76.98 -11.31
N LEU B 47 13.06 76.70 -11.42
CA LEU B 47 13.85 76.12 -10.33
C LEU B 47 14.01 77.06 -9.14
N ASN B 48 14.06 78.35 -9.39
CA ASN B 48 14.07 79.32 -8.31
C ASN B 48 12.81 79.25 -7.46
N GLU B 49 11.76 78.60 -7.96
CA GLU B 49 10.45 78.71 -7.35
C GLU B 49 9.91 77.34 -6.99
N LYS B 50 10.51 76.32 -7.61
CA LYS B 50 10.08 74.92 -7.50
C LYS B 50 9.72 74.47 -6.08
N PHE B 51 10.57 74.81 -5.12
CA PHE B 51 10.37 74.26 -3.78
C PHE B 51 9.68 75.22 -2.82
N LYS B 52 9.25 76.37 -3.32
CA LYS B 52 8.61 77.34 -2.46
C LYS B 52 7.15 77.55 -2.83
N LEU B 53 6.46 76.50 -3.22
CA LEU B 53 5.07 76.68 -3.58
C LEU B 53 4.14 75.82 -2.77
N GLY B 54 4.71 75.17 -1.75
CA GLY B 54 3.96 74.29 -0.88
C GLY B 54 3.40 73.12 -1.65
N LEU B 55 4.10 72.69 -2.69
CA LEU B 55 3.69 71.53 -3.43
C LEU B 55 4.33 70.33 -2.77
N ASP B 56 3.60 69.22 -2.73
CA ASP B 56 4.10 68.01 -2.13
C ASP B 56 5.07 67.27 -3.02
N PHE B 57 4.81 67.24 -4.31
CA PHE B 57 5.80 66.65 -5.22
C PHE B 57 6.12 67.63 -6.35
N PRO B 58 6.88 68.67 -6.02
CA PRO B 58 7.08 69.78 -6.92
C PRO B 58 7.22 69.27 -8.34
N ASN B 59 6.37 69.76 -9.22
CA ASN B 59 6.38 69.37 -10.59
C ASN B 59 5.63 70.38 -11.45
N LEU B 60 5.69 70.18 -12.76
CA LEU B 60 4.90 70.95 -13.70
C LEU B 60 4.20 69.93 -14.56
N PRO B 61 2.89 70.13 -14.82
CA PRO B 61 2.13 71.27 -14.37
C PRO B 61 1.78 71.17 -12.89
N TYR B 62 1.34 72.27 -12.32
CA TYR B 62 0.72 72.25 -11.03
C TYR B 62 -0.50 73.13 -11.04
N LEU B 63 -1.44 72.84 -10.17
CA LEU B 63 -2.59 73.70 -9.99
C LEU B 63 -2.69 74.17 -8.55
N ILE B 64 -2.86 75.47 -8.37
CA ILE B 64 -3.06 75.99 -7.03
C ILE B 64 -4.47 76.58 -6.89
N ASP B 65 -5.19 76.08 -5.89
CA ASP B 65 -6.58 76.46 -5.68
C ASP B 65 -6.81 76.67 -4.19
N GLY B 66 -6.50 77.88 -3.74
CA GLY B 66 -6.51 78.18 -2.31
C GLY B 66 -5.62 77.20 -1.58
N ALA B 67 -6.22 76.43 -0.67
CA ALA B 67 -5.46 75.54 0.21
C ALA B 67 -4.91 74.35 -0.56
N HIS B 68 -5.64 73.93 -1.57
CA HIS B 68 -5.27 72.76 -2.36
C HIS B 68 -4.17 73.06 -3.36
N LYS B 69 -3.03 72.42 -3.17
CA LYS B 69 -1.90 72.56 -4.08
C LYS B 69 -1.65 71.23 -4.76
N ILE B 70 -1.87 71.17 -6.07
CA ILE B 70 -1.87 69.88 -6.76
C ILE B 70 -0.77 69.74 -7.81
N THR B 71 -0.15 68.56 -7.89
CA THR B 71 0.67 68.21 -9.05
C THR B 71 0.22 66.91 -9.71
N GLN B 72 0.89 66.55 -10.81
CA GLN B 72 0.50 65.35 -11.61
C GLN B 72 -0.68 65.59 -12.53
N SER B 73 -0.39 65.81 -13.79
CA SER B 73 -1.41 66.27 -14.70
C SER B 73 -2.74 65.54 -14.56
N ASN B 74 -2.75 64.20 -14.48
CA ASN B 74 -4.03 63.50 -14.32
C ASN B 74 -4.80 63.83 -13.03
N ALA B 75 -4.04 64.12 -11.97
CA ALA B 75 -4.59 64.54 -10.69
C ALA B 75 -5.25 65.90 -10.82
N ILE B 76 -4.57 66.84 -11.47
CA ILE B 76 -5.16 68.14 -11.71
C ILE B 76 -6.45 67.93 -12.49
N LEU B 77 -6.40 67.09 -13.51
CA LEU B 77 -7.57 66.83 -14.32
C LEU B 77 -8.78 66.27 -13.55
N CYS B 78 -8.59 65.24 -12.74
CA CYS B 78 -9.72 64.70 -11.98
C CYS B 78 -10.17 65.62 -10.87
N TYR B 79 -9.25 66.39 -10.33
CA TYR B 79 -9.60 67.36 -9.28
C TYR B 79 -10.56 68.39 -9.81
N ILE B 80 -10.25 68.94 -10.97
CA ILE B 80 -11.16 69.87 -11.61
C ILE B 80 -12.43 69.18 -12.02
N ALA B 81 -12.33 68.06 -12.74
CA ALA B 81 -13.50 67.34 -13.22
C ALA B 81 -14.53 67.07 -12.11
N ARG B 82 -14.02 66.78 -10.92
CA ARG B 82 -14.88 66.47 -9.78
C ARG B 82 -15.77 67.64 -9.39
N LYS B 83 -15.22 68.85 -9.35
CA LYS B 83 -16.01 70.03 -9.08
C LYS B 83 -17.20 70.17 -10.02
N HIS B 84 -17.22 69.45 -11.14
CA HIS B 84 -18.27 69.61 -12.17
C HIS B 84 -18.84 68.30 -12.73
N ASN B 85 -18.82 67.25 -11.92
CA ASN B 85 -19.36 65.95 -12.33
C ASN B 85 -18.85 65.41 -13.65
N LEU B 86 -17.53 65.27 -13.75
CA LEU B 86 -16.94 64.81 -15.00
C LEU B 86 -15.83 63.78 -14.79
N CYS B 87 -15.90 63.07 -13.69
CA CYS B 87 -14.96 62.03 -13.41
C CYS B 87 -15.64 60.68 -13.64
N GLY B 88 -16.89 60.71 -14.11
CA GLY B 88 -17.66 59.49 -14.40
C GLY B 88 -18.67 59.08 -13.34
N GLU B 89 -19.90 58.78 -13.77
CA GLU B 89 -21.03 58.49 -12.89
C GLU B 89 -21.03 57.02 -12.47
N THR B 90 -21.44 56.16 -13.39
CA THR B 90 -21.63 54.75 -13.13
C THR B 90 -20.32 54.02 -12.93
N GLU B 91 -20.40 52.72 -12.65
CA GLU B 91 -19.20 51.91 -12.53
C GLU B 91 -18.54 51.72 -13.90
N GLU B 92 -19.33 51.37 -14.91
CA GLU B 92 -18.78 51.22 -16.25
C GLU B 92 -18.08 52.50 -16.71
N GLU B 93 -18.67 53.65 -16.41
CA GLU B 93 -18.08 54.93 -16.79
C GLU B 93 -16.72 55.09 -16.15
N LYS B 94 -16.61 54.70 -14.89
CA LYS B 94 -15.35 54.86 -14.16
C LYS B 94 -14.25 53.97 -14.69
N ILE B 95 -14.57 52.72 -15.00
CA ILE B 95 -13.58 51.80 -15.54
C ILE B 95 -12.99 52.42 -16.79
N ARG B 96 -13.85 52.76 -17.73
CA ARG B 96 -13.40 53.35 -18.96
C ARG B 96 -12.52 54.57 -18.68
N VAL B 97 -12.97 55.45 -17.79
CA VAL B 97 -12.17 56.61 -17.41
C VAL B 97 -10.80 56.23 -16.87
N ASP B 98 -10.74 55.32 -15.91
CA ASP B 98 -9.43 54.87 -15.39
C ASP B 98 -8.51 54.32 -16.49
N ILE B 99 -9.05 53.52 -17.39
CA ILE B 99 -8.25 52.97 -18.48
C ILE B 99 -7.69 54.10 -19.36
N LEU B 100 -8.59 54.88 -19.97
CA LEU B 100 -8.19 55.95 -20.88
C LEU B 100 -7.24 56.96 -20.23
N GLU B 101 -7.47 57.25 -18.96
CA GLU B 101 -6.62 58.15 -18.20
C GLU B 101 -5.15 57.76 -18.31
N ASN B 102 -4.88 56.48 -18.16
CA ASN B 102 -3.53 55.93 -18.28
C ASN B 102 -3.15 55.58 -19.69
N GLN B 103 -4.10 55.08 -20.47
CA GLN B 103 -3.86 54.75 -21.88
C GLN B 103 -3.39 55.96 -22.67
N THR B 104 -4.05 57.10 -22.53
CA THR B 104 -3.63 58.29 -23.27
C THR B 104 -2.25 58.72 -22.86
N MET B 105 -2.00 58.74 -21.54
CA MET B 105 -0.69 59.13 -20.99
C MET B 105 0.41 58.28 -21.63
N ASP B 106 0.12 57.00 -21.84
CA ASP B 106 1.11 56.12 -22.48
C ASP B 106 1.39 56.53 -23.93
N ASN B 107 0.34 56.62 -24.74
CA ASN B 107 0.52 57.02 -26.12
C ASN B 107 1.16 58.40 -26.24
N HIS B 108 0.89 59.25 -25.27
CA HIS B 108 1.54 60.55 -25.20
C HIS B 108 3.02 60.45 -24.90
N MET B 109 3.41 59.72 -23.85
CA MET B 109 4.83 59.47 -23.58
CA MET B 109 4.83 59.55 -23.59
C MET B 109 5.52 58.94 -24.82
N GLN B 110 4.87 58.00 -25.50
CA GLN B 110 5.45 57.34 -26.66
C GLN B 110 5.76 58.33 -27.76
N LEU B 111 4.80 59.20 -28.08
CA LEU B 111 5.06 60.26 -29.03
C LEU B 111 6.21 61.11 -28.56
N GLY B 112 6.13 61.59 -27.32
CA GLY B 112 7.13 62.47 -26.76
C GLY B 112 8.49 61.84 -26.64
N MET B 113 8.54 60.53 -26.60
CA MET B 113 9.82 59.85 -26.48
C MET B 113 10.64 60.01 -27.73
N ILE B 114 10.00 59.91 -28.89
CA ILE B 114 10.76 60.03 -30.12
C ILE B 114 10.97 61.49 -30.50
N CYS B 115 9.99 62.32 -30.24
CA CYS B 115 10.11 63.74 -30.56
C CYS B 115 11.15 64.47 -29.71
N TYR B 116 11.65 63.82 -28.68
CA TYR B 116 12.72 64.40 -27.86
C TYR B 116 14.02 63.67 -28.12
N ASN B 117 13.94 62.57 -28.87
CA ASN B 117 15.09 61.71 -29.15
C ASN B 117 15.82 62.24 -30.37
N PRO B 118 17.10 62.57 -30.21
CA PRO B 118 17.97 62.99 -31.31
C PRO B 118 17.85 62.09 -32.55
N GLU B 119 17.62 60.79 -32.35
CA GLU B 119 17.49 59.84 -33.45
C GLU B 119 16.16 60.01 -34.19
N PHE B 120 15.40 61.03 -33.83
CA PHE B 120 14.03 61.18 -34.29
C PHE B 120 13.78 60.68 -35.69
N GLU B 121 14.66 61.04 -36.62
CA GLU B 121 14.40 60.73 -38.03
C GLU B 121 14.40 59.23 -38.36
N LYS B 122 15.23 58.44 -37.69
CA LYS B 122 15.31 57.01 -37.95
C LYS B 122 14.18 56.24 -37.27
N LEU B 123 13.75 56.75 -36.12
CA LEU B 123 12.69 56.09 -35.35
C LEU B 123 11.33 56.32 -35.99
N LYS B 124 11.20 57.42 -36.73
CA LYS B 124 9.92 57.84 -37.25
C LYS B 124 9.20 56.80 -38.11
N PRO B 125 9.90 56.14 -39.06
CA PRO B 125 9.26 55.12 -39.91
C PRO B 125 8.57 54.02 -39.11
N LYS B 126 9.25 53.52 -38.09
CA LYS B 126 8.71 52.46 -37.27
C LYS B 126 7.48 52.95 -36.49
N TYR B 127 7.60 54.14 -35.90
CA TYR B 127 6.49 54.73 -35.14
C TYR B 127 5.29 54.96 -36.02
N LEU B 128 5.54 55.37 -37.27
CA LEU B 128 4.46 55.56 -38.24
C LEU B 128 3.85 54.24 -38.72
N GLU B 129 4.65 53.19 -38.76
CA GLU B 129 4.16 51.85 -39.07
C GLU B 129 3.06 51.44 -38.09
N GLU B 130 3.26 51.78 -36.84
CA GLU B 130 2.46 51.25 -35.76
C GLU B 130 1.30 52.15 -35.36
N LEU B 131 1.32 53.37 -35.87
CA LEU B 131 0.32 54.35 -35.51
C LEU B 131 -1.09 53.89 -35.88
N PRO B 132 -1.29 53.44 -37.11
CA PRO B 132 -2.62 52.99 -37.53
C PRO B 132 -3.27 52.10 -36.47
N GLU B 133 -2.48 51.18 -35.92
CA GLU B 133 -2.93 50.26 -34.91
C GLU B 133 -3.43 51.00 -33.66
N LYS B 134 -2.61 51.90 -33.13
CA LYS B 134 -2.98 52.69 -31.95
C LYS B 134 -4.33 53.39 -32.13
N LEU B 135 -4.47 54.05 -33.27
CA LEU B 135 -5.69 54.78 -33.56
C LEU B 135 -6.86 53.84 -33.72
N LYS B 136 -6.61 52.63 -34.23
CA LYS B 136 -7.71 51.69 -34.38
C LYS B 136 -8.30 51.38 -33.01
N LEU B 137 -7.45 51.14 -32.04
CA LEU B 137 -7.90 50.85 -30.68
C LEU B 137 -8.84 51.93 -30.17
N TYR B 138 -8.48 53.20 -30.33
CA TYR B 138 -9.37 54.29 -29.92
C TYR B 138 -10.68 54.20 -30.67
N SER B 139 -10.62 54.11 -32.00
CA SER B 139 -11.82 54.05 -32.80
C SER B 139 -12.77 52.98 -32.31
N GLU B 140 -12.27 51.75 -32.26
CA GLU B 140 -13.11 50.67 -31.79
C GLU B 140 -13.59 50.89 -30.36
N PHE B 141 -12.73 51.45 -29.52
CA PHE B 141 -13.11 51.71 -28.13
C PHE B 141 -14.25 52.74 -28.03
N LEU B 142 -14.18 53.80 -28.84
CA LEU B 142 -15.26 54.79 -28.90
C LEU B 142 -16.52 54.16 -29.47
N GLY B 143 -16.37 53.48 -30.60
CA GLY B 143 -17.49 52.80 -31.23
C GLY B 143 -18.52 53.80 -31.71
N LYS B 144 -19.74 53.68 -31.21
CA LYS B 144 -20.85 54.50 -31.71
C LYS B 144 -21.22 55.57 -30.68
N ARG B 145 -20.54 55.55 -29.53
CA ARG B 145 -20.77 56.51 -28.46
C ARG B 145 -20.38 57.93 -28.90
N PRO B 146 -21.07 58.93 -28.34
CA PRO B 146 -20.70 60.32 -28.53
C PRO B 146 -19.43 60.70 -27.76
N TRP B 147 -19.15 60.01 -26.65
CA TRP B 147 -17.96 60.29 -25.87
C TRP B 147 -17.34 59.00 -25.43
N PHE B 148 -16.12 59.08 -24.94
CA PHE B 148 -15.38 57.87 -24.59
C PHE B 148 -15.90 57.16 -23.33
N ALA B 149 -16.42 57.92 -22.39
CA ALA B 149 -16.97 57.33 -21.20
C ALA B 149 -18.30 56.63 -21.48
N GLY B 150 -19.04 57.15 -22.46
CA GLY B 150 -20.40 56.72 -22.73
C GLY B 150 -21.21 57.88 -23.31
N ASN B 151 -22.32 58.22 -22.67
CA ASN B 151 -23.19 59.27 -23.19
C ASN B 151 -22.91 60.64 -22.66
N LYS B 152 -22.23 60.71 -21.53
CA LYS B 152 -21.85 61.97 -20.91
C LYS B 152 -20.41 62.24 -21.26
N ILE B 153 -20.14 63.47 -21.64
CA ILE B 153 -18.75 63.93 -21.76
C ILE B 153 -18.07 63.85 -20.40
N THR B 154 -16.78 63.50 -20.39
CA THR B 154 -15.98 63.42 -19.16
C THR B 154 -14.58 63.90 -19.43
N PHE B 155 -13.77 64.01 -18.38
CA PHE B 155 -12.44 64.58 -18.56
C PHE B 155 -11.51 63.78 -19.45
N VAL B 156 -11.74 62.49 -19.60
CA VAL B 156 -10.88 61.73 -20.51
C VAL B 156 -11.09 62.11 -21.97
N ASP B 157 -12.24 62.68 -22.28
CA ASP B 157 -12.45 63.16 -23.62
C ASP B 157 -11.43 64.23 -23.99
N PHE B 158 -11.03 65.00 -22.99
CA PHE B 158 -10.00 65.99 -23.16
C PHE B 158 -8.64 65.38 -23.40
N LEU B 159 -8.32 64.34 -22.64
CA LEU B 159 -7.08 63.63 -22.87
C LEU B 159 -7.03 62.94 -24.24
N VAL B 160 -8.10 62.26 -24.62
CA VAL B 160 -8.14 61.56 -25.89
C VAL B 160 -8.06 62.56 -27.02
N TYR B 161 -8.78 63.65 -26.89
CA TYR B 161 -8.74 64.62 -27.95
C TYR B 161 -7.31 65.09 -28.17
N ASP B 162 -6.63 65.44 -27.08
CA ASP B 162 -5.31 66.01 -27.19
C ASP B 162 -4.42 65.08 -27.96
N VAL B 163 -4.43 63.82 -27.58
CA VAL B 163 -3.65 62.80 -28.25
C VAL B 163 -4.01 62.66 -29.73
N LEU B 164 -5.29 62.63 -30.05
CA LEU B 164 -5.71 62.56 -31.46
C LEU B 164 -5.27 63.78 -32.26
N ASP B 165 -5.56 64.96 -31.73
CA ASP B 165 -5.15 66.20 -32.38
C ASP B 165 -3.65 66.16 -32.67
N LEU B 166 -2.87 65.79 -31.65
CA LEU B 166 -1.42 65.82 -31.75
C LEU B 166 -1.00 65.05 -32.96
N HIS B 167 -1.62 63.89 -33.14
CA HIS B 167 -1.27 63.04 -34.26
C HIS B 167 -1.74 63.56 -35.60
N ARG B 168 -2.96 64.08 -35.67
CA ARG B 168 -3.42 64.70 -36.91
C ARG B 168 -2.39 65.76 -37.33
N ILE B 169 -1.75 66.37 -36.34
CA ILE B 169 -0.70 67.35 -36.62
C ILE B 169 0.55 66.64 -37.08
N PHE B 170 0.92 65.58 -36.37
CA PHE B 170 2.11 64.80 -36.73
C PHE B 170 1.92 64.08 -38.05
N GLU B 171 0.76 63.46 -38.22
CA GLU B 171 0.47 62.73 -39.46
C GLU B 171 -0.91 63.09 -39.99
N PRO B 172 -1.01 64.25 -40.63
CA PRO B 172 -2.28 64.72 -41.20
C PRO B 172 -3.22 63.55 -41.52
N LYS B 173 -2.87 62.78 -42.54
CA LYS B 173 -3.68 61.64 -42.96
C LYS B 173 -3.48 60.46 -42.02
N CYS B 174 -3.87 60.63 -40.76
CA CYS B 174 -3.72 59.58 -39.76
C CYS B 174 -5.05 59.29 -39.08
N LEU B 175 -6.10 60.00 -39.50
CA LEU B 175 -7.42 59.82 -38.93
C LEU B 175 -8.43 59.39 -39.98
N ASP B 176 -8.05 59.50 -41.25
CA ASP B 176 -9.00 59.28 -42.33
C ASP B 176 -9.67 57.92 -42.27
N ALA B 177 -8.97 56.93 -41.75
CA ALA B 177 -9.47 55.56 -41.76
C ALA B 177 -10.49 55.35 -40.66
N PHE B 178 -10.82 56.42 -39.93
CA PHE B 178 -11.69 56.31 -38.74
C PHE B 178 -12.69 57.45 -38.63
N PRO B 179 -13.76 57.41 -39.46
CA PRO B 179 -14.76 58.49 -39.45
C PRO B 179 -15.14 58.89 -38.02
N ASN B 180 -15.47 57.91 -37.18
CA ASN B 180 -15.99 58.21 -35.86
C ASN B 180 -15.06 59.05 -34.99
N LEU B 181 -13.76 58.92 -35.25
CA LEU B 181 -12.77 59.68 -34.52
C LEU B 181 -12.76 61.10 -35.02
N LYS B 182 -12.89 61.28 -36.33
CA LYS B 182 -12.99 62.62 -36.88
C LYS B 182 -14.29 63.32 -36.42
N ASP B 183 -15.35 62.54 -36.26
CA ASP B 183 -16.61 63.03 -35.69
C ASP B 183 -16.43 63.48 -34.27
N PHE B 184 -15.57 62.77 -33.55
CA PHE B 184 -15.28 63.07 -32.16
C PHE B 184 -14.58 64.44 -32.10
N ILE B 185 -13.57 64.61 -32.95
CA ILE B 185 -12.88 65.89 -33.02
C ILE B 185 -13.83 67.05 -33.36
N SER B 186 -14.82 66.76 -34.22
CA SER B 186 -15.85 67.73 -34.53
C SER B 186 -16.67 68.11 -33.29
N ARG B 187 -17.38 67.13 -32.73
CA ARG B 187 -18.12 67.33 -31.50
C ARG B 187 -17.33 68.16 -30.50
N PHE B 188 -16.09 67.74 -30.23
CA PHE B 188 -15.30 68.35 -29.18
C PHE B 188 -14.98 69.80 -29.49
N GLU B 189 -14.40 70.04 -30.67
CA GLU B 189 -14.10 71.41 -31.07
C GLU B 189 -15.38 72.18 -31.32
N GLY B 190 -16.47 71.45 -31.51
CA GLY B 190 -17.78 72.05 -31.71
C GLY B 190 -18.41 72.51 -30.42
N LEU B 191 -17.85 72.08 -29.30
CA LEU B 191 -18.39 72.48 -28.02
C LEU B 191 -18.19 73.96 -27.92
N GLU B 192 -19.19 74.64 -27.39
CA GLU B 192 -19.24 76.09 -27.43
C GLU B 192 -18.04 76.77 -26.77
N LYS B 193 -17.79 76.46 -25.50
CA LYS B 193 -16.67 77.09 -24.78
C LYS B 193 -15.31 76.70 -25.37
N ILE B 194 -15.24 75.49 -25.94
CA ILE B 194 -14.02 75.04 -26.59
C ILE B 194 -13.78 75.90 -27.83
N SER B 195 -14.80 76.01 -28.66
CA SER B 195 -14.71 76.82 -29.86
C SER B 195 -14.29 78.26 -29.51
N ALA B 196 -15.06 78.93 -28.67
CA ALA B 196 -14.75 80.30 -28.22
C ALA B 196 -13.30 80.42 -27.80
N TYR B 197 -12.85 79.49 -26.96
CA TYR B 197 -11.49 79.49 -26.44
C TYR B 197 -10.45 79.33 -27.53
N MET B 198 -10.73 78.42 -28.47
CA MET B 198 -9.81 78.18 -29.57
C MET B 198 -9.63 79.45 -30.37
N LYS B 199 -10.67 80.28 -30.42
CA LYS B 199 -10.62 81.54 -31.17
C LYS B 199 -9.96 82.64 -30.36
N SER B 200 -9.94 82.50 -29.03
CA SER B 200 -9.38 83.52 -28.18
C SER B 200 -7.88 83.62 -28.34
N SER B 201 -7.31 84.67 -27.75
CA SER B 201 -5.87 84.87 -27.76
C SER B 201 -5.19 84.09 -26.65
N ARG B 202 -5.98 83.34 -25.88
CA ARG B 202 -5.43 82.46 -24.85
C ARG B 202 -5.01 81.09 -25.42
N PHE B 203 -5.60 80.71 -26.56
CA PHE B 203 -5.28 79.44 -27.18
C PHE B 203 -3.76 79.32 -27.35
N LEU B 204 -3.22 78.14 -27.05
CA LEU B 204 -1.78 77.94 -27.17
C LEU B 204 -1.46 76.55 -27.66
N PRO B 205 -1.64 76.31 -28.98
CA PRO B 205 -1.48 74.99 -29.60
C PRO B 205 -0.04 74.60 -29.90
N ARG B 206 0.89 75.54 -29.78
CA ARG B 206 2.31 75.27 -30.06
C ARG B 206 3.20 76.29 -29.37
N PRO B 207 4.46 75.93 -29.06
CA PRO B 207 5.10 74.64 -29.28
C PRO B 207 4.35 73.48 -28.65
N VAL B 208 4.44 72.32 -29.27
CA VAL B 208 3.88 71.11 -28.70
C VAL B 208 4.71 70.61 -27.51
N PHE B 209 6.02 70.54 -27.69
CA PHE B 209 6.92 70.12 -26.62
C PHE B 209 7.92 71.22 -26.27
N SER B 210 8.78 70.97 -25.30
CA SER B 210 9.76 71.97 -24.87
C SER B 210 10.87 72.14 -25.91
N LYS B 211 11.76 73.08 -25.65
CA LYS B 211 12.79 73.42 -26.62
C LYS B 211 13.76 72.27 -26.87
N MET B 212 13.94 71.40 -25.88
CA MET B 212 14.83 70.26 -26.04
C MET B 212 14.44 69.37 -27.22
N ALA B 213 13.26 69.58 -27.77
CA ALA B 213 12.70 68.66 -28.73
C ALA B 213 13.27 68.77 -30.14
N VAL B 214 13.14 67.68 -30.90
CA VAL B 214 13.55 67.63 -32.30
C VAL B 214 12.37 67.94 -33.20
N TRP B 215 11.17 67.64 -32.71
CA TRP B 215 9.93 67.91 -33.44
C TRP B 215 8.93 68.59 -32.54
N GLY B 216 8.20 69.56 -33.07
CA GLY B 216 7.19 70.26 -32.27
C GLY B 216 7.80 71.05 -31.12
N ASN B 217 9.07 71.38 -31.27
CA ASN B 217 9.79 72.25 -30.35
C ASN B 217 9.59 73.69 -30.78
N LYS B 218 9.04 73.83 -31.97
CA LYS B 218 8.88 75.11 -32.62
C LYS B 218 7.44 75.53 -32.55
N PRO C 2 20.64 -17.61 -11.00
CA PRO C 2 19.69 -17.46 -9.89
C PRO C 2 19.20 -16.02 -9.76
N MET C 3 17.97 -15.84 -9.29
CA MET C 3 17.40 -14.51 -9.11
C MET C 3 17.98 -13.82 -7.87
N ILE C 4 18.11 -12.50 -7.95
CA ILE C 4 18.65 -11.73 -6.84
C ILE C 4 17.52 -11.03 -6.12
N LEU C 5 17.46 -11.21 -4.80
CA LEU C 5 16.55 -10.47 -3.95
C LEU C 5 17.35 -9.49 -3.15
N GLY C 6 17.13 -8.20 -3.37
CA GLY C 6 17.84 -7.17 -2.64
C GLY C 6 17.03 -6.60 -1.49
N TYR C 7 17.66 -6.45 -0.33
CA TYR C 7 17.01 -5.86 0.85
C TYR C 7 18.00 -5.61 1.98
N TRP C 8 17.57 -4.85 2.97
CA TRP C 8 18.40 -4.65 4.15
C TRP C 8 18.63 -6.01 4.83
N ASP C 9 19.69 -6.09 5.62
CA ASP C 9 20.04 -7.31 6.34
C ASP C 9 19.05 -7.52 7.46
N ILE C 10 17.76 -7.34 7.18
CA ILE C 10 16.71 -7.55 8.20
C ILE C 10 15.52 -8.34 7.65
N ARG C 11 14.53 -8.51 8.51
CA ARG C 11 13.31 -9.19 8.16
C ARG C 11 12.47 -8.26 7.31
N GLY C 12 11.89 -7.26 7.94
CA GLY C 12 11.07 -6.27 7.25
C GLY C 12 10.13 -6.82 6.18
N LEU C 13 10.19 -6.23 5.01
CA LEU C 13 9.23 -6.49 3.97
C LEU C 13 9.60 -7.68 3.07
N ALA C 14 10.71 -8.33 3.39
CA ALA C 14 11.24 -9.40 2.57
C ALA C 14 10.79 -10.75 3.10
N HIS C 15 10.30 -10.76 4.32
CA HIS C 15 10.00 -12.00 4.98
C HIS C 15 9.07 -12.87 4.16
N ALA C 16 7.98 -12.30 3.67
CA ALA C 16 7.01 -13.05 2.90
C ALA C 16 7.64 -13.52 1.61
N ILE C 17 8.48 -12.67 1.02
CA ILE C 17 9.17 -13.02 -0.22
C ILE C 17 10.14 -14.18 -0.02
N ARG C 18 10.96 -14.11 1.01
CA ARG C 18 11.88 -15.20 1.28
C ARG C 18 11.09 -16.48 1.46
N LEU C 19 10.16 -16.49 2.40
CA LEU C 19 9.30 -17.66 2.59
C LEU C 19 8.71 -18.14 1.25
N LEU C 20 8.14 -17.24 0.47
CA LEU C 20 7.55 -17.65 -0.78
C LEU C 20 8.61 -18.28 -1.67
N LEU C 21 9.78 -17.63 -1.71
CA LEU C 21 10.84 -18.14 -2.55
C LEU C 21 11.20 -19.59 -2.21
N GLU C 22 11.36 -19.86 -0.91
CA GLU C 22 11.66 -21.21 -0.45
C GLU C 22 10.54 -22.20 -0.79
N TYR C 23 9.30 -21.85 -0.45
CA TYR C 23 8.15 -22.70 -0.72
C TYR C 23 8.02 -23.10 -2.20
N THR C 24 8.34 -22.17 -3.10
CA THR C 24 8.22 -22.41 -4.53
C THR C 24 9.47 -23.07 -5.05
N ASP C 25 10.45 -23.21 -4.18
CA ASP C 25 11.67 -23.91 -4.53
C ASP C 25 12.47 -23.05 -5.50
N SER C 26 12.15 -21.76 -5.54
CA SER C 26 12.79 -20.84 -6.45
C SER C 26 14.30 -20.89 -6.30
N SER C 27 15.00 -20.58 -7.38
CA SER C 27 16.45 -20.58 -7.39
C SER C 27 16.97 -19.14 -7.23
N TYR C 28 17.55 -18.81 -6.07
CA TYR C 28 17.84 -17.39 -5.77
C TYR C 28 18.97 -17.12 -4.76
N GLU C 29 19.52 -15.90 -4.85
CA GLU C 29 20.56 -15.43 -3.95
C GLU C 29 20.17 -14.03 -3.45
N GLU C 30 20.45 -13.73 -2.17
CA GLU C 30 20.10 -12.44 -1.60
C GLU C 30 21.27 -11.48 -1.70
N LYS C 31 21.00 -10.26 -2.14
CA LYS C 31 21.96 -9.18 -2.00
C LYS C 31 21.57 -8.36 -0.77
N LYS C 32 22.23 -8.62 0.35
CA LYS C 32 21.89 -7.92 1.59
C LYS C 32 22.66 -6.63 1.73
N TYR C 33 21.99 -5.59 2.22
CA TYR C 33 22.59 -4.27 2.39
C TYR C 33 22.60 -3.95 3.87
N THR C 34 23.74 -3.49 4.38
CA THR C 34 23.84 -3.15 5.80
C THR C 34 23.62 -1.66 6.02
N MET C 35 23.02 -1.35 7.16
CA MET C 35 22.77 0.03 7.53
C MET C 35 23.64 0.43 8.72
N GLY C 36 24.22 1.63 8.67
CA GLY C 36 25.05 2.16 9.75
C GLY C 36 24.31 2.33 11.06
N ASP C 37 25.03 2.73 12.10
CA ASP C 37 24.43 2.92 13.42
C ASP C 37 24.10 4.39 13.66
N ALA C 38 23.56 4.68 14.85
CA ALA C 38 23.19 6.05 15.20
C ALA C 38 24.40 6.97 15.15
N PRO C 39 24.15 8.25 14.88
CA PRO C 39 22.78 8.73 14.64
C PRO C 39 22.57 9.14 13.20
N ASP C 40 23.24 8.49 12.26
CA ASP C 40 23.03 8.81 10.86
C ASP C 40 22.76 7.58 10.03
N TYR C 41 22.49 6.47 10.72
CA TYR C 41 22.20 5.21 10.06
C TYR C 41 22.57 5.27 8.58
N ASP C 42 23.85 5.44 8.30
CA ASP C 42 24.35 5.52 6.93
C ASP C 42 23.72 4.41 6.02
N ARG C 43 23.37 4.78 4.79
CA ARG C 43 22.72 3.87 3.86
C ARG C 43 23.46 3.90 2.51
N SER C 44 24.71 4.32 2.54
CA SER C 44 25.46 4.54 1.32
C SER C 44 25.75 3.24 0.60
N GLN C 45 25.76 2.15 1.34
CA GLN C 45 26.01 0.84 0.74
C GLN C 45 24.92 0.52 -0.27
N TRP C 46 23.70 0.96 0.02
CA TRP C 46 22.58 0.80 -0.89
C TRP C 46 22.50 1.98 -1.85
N LEU C 47 22.76 3.18 -1.33
CA LEU C 47 22.64 4.39 -2.15
C LEU C 47 23.67 4.44 -3.27
N ASN C 48 24.83 3.83 -3.06
CA ASN C 48 25.86 3.77 -4.09
C ASN C 48 25.40 2.95 -5.28
N GLU C 49 24.35 2.17 -5.07
CA GLU C 49 23.95 1.17 -6.05
C GLU C 49 22.52 1.40 -6.51
N LYS C 50 21.81 2.24 -5.76
CA LYS C 50 20.38 2.46 -5.97
C LYS C 50 20.00 2.69 -7.42
N PHE C 51 20.73 3.55 -8.10
CA PHE C 51 20.28 3.98 -9.43
C PHE C 51 20.97 3.23 -10.57
N LYS C 52 21.75 2.22 -10.22
CA LYS C 52 22.49 1.49 -11.24
C LYS C 52 22.05 0.05 -11.41
N LEU C 53 20.78 -0.23 -11.19
CA LEU C 53 20.37 -1.62 -11.22
C LEU C 53 19.31 -1.84 -12.28
N GLY C 54 19.07 -0.81 -13.07
CA GLY C 54 18.01 -0.84 -14.08
C GLY C 54 16.64 -1.02 -13.49
N LEU C 55 16.44 -0.56 -12.27
CA LEU C 55 15.12 -0.61 -11.64
C LEU C 55 14.33 0.59 -12.10
N ASP C 56 13.04 0.42 -12.35
CA ASP C 56 12.23 1.54 -12.74
C ASP C 56 11.88 2.47 -11.58
N PHE C 57 11.63 1.92 -10.40
CA PHE C 57 11.35 2.77 -9.28
C PHE C 57 12.23 2.36 -8.10
N PRO C 58 13.52 2.70 -8.19
CA PRO C 58 14.52 2.16 -7.31
C PRO C 58 14.01 2.08 -5.88
N ASN C 59 14.04 0.88 -5.32
CA ASN C 59 13.49 0.64 -4.01
C ASN C 59 13.96 -0.69 -3.42
N LEU C 60 13.68 -0.88 -2.13
CA LEU C 60 13.96 -2.13 -1.46
C LEU C 60 12.68 -2.59 -0.82
N PRO C 61 12.33 -3.87 -0.99
CA PRO C 61 13.07 -4.87 -1.70
C PRO C 61 12.97 -4.76 -3.21
N TYR C 62 13.91 -5.40 -3.91
CA TYR C 62 13.78 -5.55 -5.34
C TYR C 62 14.12 -6.99 -5.69
N LEU C 63 13.62 -7.44 -6.82
CA LEU C 63 13.92 -8.76 -7.29
C LEU C 63 14.46 -8.65 -8.70
N ILE C 64 15.58 -9.28 -8.95
CA ILE C 64 16.12 -9.29 -10.30
C ILE C 64 16.12 -10.70 -10.89
N ASP C 65 15.43 -10.87 -12.00
CA ASP C 65 15.26 -12.17 -12.63
C ASP C 65 15.54 -12.06 -14.13
N GLY C 66 16.80 -12.17 -14.50
CA GLY C 66 17.22 -11.90 -15.87
C GLY C 66 16.77 -10.53 -16.29
N ALA C 67 15.98 -10.50 -17.37
CA ALA C 67 15.49 -9.23 -17.95
C ALA C 67 14.59 -8.45 -17.02
N HIS C 68 13.78 -9.17 -16.24
CA HIS C 68 12.78 -8.57 -15.36
C HIS C 68 13.40 -8.03 -14.10
N LYS C 69 13.24 -6.74 -13.91
CA LYS C 69 13.73 -6.07 -12.72
C LYS C 69 12.55 -5.48 -11.99
N ILE C 70 12.28 -5.98 -10.80
CA ILE C 70 11.05 -5.65 -10.09
C ILE C 70 11.26 -4.95 -8.74
N THR C 71 10.39 -4.00 -8.43
CA THR C 71 10.32 -3.45 -7.06
C THR C 71 8.89 -3.49 -6.57
N GLN C 72 8.68 -3.03 -5.34
CA GLN C 72 7.36 -3.08 -4.69
C GLN C 72 7.06 -4.48 -4.19
N SER C 73 7.18 -4.63 -2.88
CA SER C 73 7.10 -5.95 -2.29
C SER C 73 5.94 -6.77 -2.79
N ASN C 74 4.75 -6.18 -2.92
CA ASN C 74 3.60 -6.97 -3.39
C ASN C 74 3.71 -7.41 -4.87
N ALA C 75 4.37 -6.58 -5.67
CA ALA C 75 4.67 -6.90 -7.05
C ALA C 75 5.65 -8.07 -7.15
N ILE C 76 6.73 -8.02 -6.38
CA ILE C 76 7.63 -9.14 -6.32
C ILE C 76 6.85 -10.39 -5.95
N LEU C 77 5.99 -10.28 -4.95
CA LEU C 77 5.18 -11.42 -4.50
C LEU C 77 4.30 -12.02 -5.58
N CYS C 78 3.51 -11.22 -6.27
CA CYS C 78 2.66 -11.78 -7.29
C CYS C 78 3.46 -12.29 -8.48
N TYR C 79 4.56 -11.63 -8.78
CA TYR C 79 5.40 -12.03 -9.89
C TYR C 79 5.90 -13.44 -9.70
N ILE C 80 6.39 -13.72 -8.49
CA ILE C 80 6.82 -15.07 -8.17
C ILE C 80 5.62 -16.02 -8.15
N ALA C 81 4.58 -15.65 -7.41
CA ALA C 81 3.39 -16.49 -7.29
C ALA C 81 2.89 -16.96 -8.64
N ARG C 82 3.00 -16.09 -9.65
CA ARG C 82 2.43 -16.38 -10.97
C ARG C 82 3.16 -17.53 -11.62
N LYS C 83 4.48 -17.55 -11.50
CA LYS C 83 5.26 -18.65 -12.02
C LYS C 83 4.82 -20.00 -11.46
N HIS C 84 4.03 -20.02 -10.39
CA HIS C 84 3.66 -21.28 -9.71
C HIS C 84 2.19 -21.41 -9.32
N ASN C 85 1.30 -20.74 -10.06
CA ASN C 85 -0.13 -20.78 -9.80
C ASN C 85 -0.54 -20.48 -8.38
N LEU C 86 -0.19 -19.29 -7.90
CA LEU C 86 -0.50 -18.94 -6.52
C LEU C 86 -0.95 -17.48 -6.38
N CYS C 87 -1.54 -16.96 -7.44
CA CYS C 87 -2.08 -15.63 -7.45
C CYS C 87 -3.60 -15.75 -7.40
N GLY C 88 -4.08 -16.98 -7.33
CA GLY C 88 -5.51 -17.23 -7.23
C GLY C 88 -6.20 -17.63 -8.54
N GLU C 89 -7.00 -18.68 -8.45
CA GLU C 89 -7.64 -19.28 -9.62
C GLU C 89 -8.94 -18.54 -9.97
N THR C 90 -9.99 -18.80 -9.21
CA THR C 90 -11.33 -18.32 -9.52
C THR C 90 -11.45 -16.82 -9.28
N GLU C 91 -12.64 -16.28 -9.55
CA GLU C 91 -12.90 -14.87 -9.30
C GLU C 91 -12.94 -14.58 -7.80
N GLU C 92 -13.68 -15.41 -7.07
CA GLU C 92 -13.73 -15.25 -5.61
C GLU C 92 -12.33 -15.28 -4.99
N GLU C 93 -11.50 -16.21 -5.46
CA GLU C 93 -10.15 -16.32 -4.95
C GLU C 93 -9.39 -14.99 -5.16
N LYS C 94 -9.52 -14.41 -6.35
CA LYS C 94 -8.82 -13.18 -6.69
C LYS C 94 -9.20 -11.98 -5.83
N ILE C 95 -10.51 -11.81 -5.60
CA ILE C 95 -11.02 -10.74 -4.77
C ILE C 95 -10.39 -10.80 -3.39
N ARG C 96 -10.48 -11.97 -2.77
CA ARG C 96 -9.90 -12.18 -1.47
C ARG C 96 -8.41 -11.88 -1.51
N VAL C 97 -7.71 -12.39 -2.53
CA VAL C 97 -6.30 -12.07 -2.70
C VAL C 97 -6.04 -10.56 -2.74
N ASP C 98 -6.75 -9.86 -3.62
CA ASP C 98 -6.59 -8.41 -3.75
C ASP C 98 -6.81 -7.67 -2.42
N ILE C 99 -7.84 -8.05 -1.69
CA ILE C 99 -8.13 -7.42 -0.41
C ILE C 99 -6.99 -7.65 0.58
N LEU C 100 -6.68 -8.91 0.88
CA LEU C 100 -5.63 -9.24 1.83
C LEU C 100 -4.29 -8.64 1.47
N GLU C 101 -4.02 -8.57 0.17
CA GLU C 101 -2.76 -8.06 -0.32
C GLU C 101 -2.55 -6.69 0.22
N ASN C 102 -3.61 -5.92 0.24
CA ASN C 102 -3.53 -4.56 0.70
C ASN C 102 -3.82 -4.44 2.19
N GLN C 103 -4.71 -5.31 2.67
CA GLN C 103 -5.08 -5.32 4.07
C GLN C 103 -3.87 -5.60 4.96
N THR C 104 -3.09 -6.62 4.62
CA THR C 104 -1.92 -6.95 5.41
C THR C 104 -0.90 -5.81 5.41
N MET C 105 -0.65 -5.24 4.23
CA MET C 105 0.30 -4.12 4.16
CA MET C 105 0.23 -4.08 4.06
C MET C 105 -0.15 -2.96 5.03
N ASP C 106 -1.46 -2.80 5.23
CA ASP C 106 -1.93 -1.73 6.11
C ASP C 106 -1.62 -2.04 7.56
N ASN C 107 -2.02 -3.21 8.01
CA ASN C 107 -1.77 -3.61 9.37
C ASN C 107 -0.28 -3.67 9.66
N HIS C 108 0.52 -4.01 8.65
CA HIS C 108 1.98 -3.98 8.78
C HIS C 108 2.48 -2.55 8.94
N MET C 109 2.10 -1.67 8.03
CA MET C 109 2.55 -0.30 8.20
C MET C 109 2.18 0.25 9.59
N GLN C 110 0.98 -0.07 10.04
CA GLN C 110 0.49 0.40 11.34
C GLN C 110 1.42 -0.01 12.46
N LEU C 111 1.77 -1.29 12.49
CA LEU C 111 2.71 -1.79 13.48
C LEU C 111 4.01 -1.00 13.35
N GLY C 112 4.53 -0.95 12.13
CA GLY C 112 5.79 -0.31 11.84
C GLY C 112 5.79 1.16 12.14
N MET C 113 4.60 1.77 12.17
CA MET C 113 4.53 3.21 12.39
C MET C 113 4.88 3.54 13.82
N ILE C 114 4.39 2.74 14.76
CA ILE C 114 4.68 3.00 16.16
C ILE C 114 6.05 2.46 16.55
N CYS C 115 6.42 1.29 16.03
CA CYS C 115 7.73 0.72 16.32
C CYS C 115 8.92 1.55 15.78
N TYR C 116 8.64 2.51 14.92
CA TYR C 116 9.65 3.46 14.44
C TYR C 116 9.45 4.83 15.09
N ASN C 117 8.36 4.96 15.84
CA ASN C 117 8.01 6.23 16.47
C ASN C 117 8.67 6.36 17.84
N PRO C 118 9.48 7.43 18.04
CA PRO C 118 10.10 7.72 19.34
C PRO C 118 9.10 7.58 20.49
N GLU C 119 7.86 7.99 20.25
CA GLU C 119 6.81 7.96 21.27
C GLU C 119 6.37 6.52 21.61
N PHE C 120 7.03 5.54 21.01
CA PHE C 120 6.59 4.15 21.05
C PHE C 120 5.91 3.76 22.34
N GLU C 121 6.46 4.19 23.47
CA GLU C 121 5.96 3.68 24.74
C GLU C 121 4.57 4.15 25.11
N LYS C 122 4.25 5.38 24.73
CA LYS C 122 2.93 5.99 25.02
C LYS C 122 1.85 5.51 24.06
N LEU C 123 2.24 5.27 22.81
CA LEU C 123 1.32 4.82 21.78
C LEU C 123 0.90 3.37 22.00
N LYS C 124 1.80 2.62 22.63
CA LYS C 124 1.63 1.17 22.77
C LYS C 124 0.32 0.70 23.44
N PRO C 125 -0.10 1.34 24.55
CA PRO C 125 -1.38 0.96 25.18
C PRO C 125 -2.57 1.02 24.21
N LYS C 126 -2.65 2.10 23.44
CA LYS C 126 -3.75 2.34 22.52
C LYS C 126 -3.74 1.27 21.40
N TYR C 127 -2.55 1.06 20.80
CA TYR C 127 -2.36 0.03 19.78
C TYR C 127 -2.72 -1.37 20.29
N LEU C 128 -2.40 -1.64 21.54
CA LEU C 128 -2.76 -2.92 22.15
C LEU C 128 -4.27 -3.05 22.45
N GLU C 129 -4.89 -1.92 22.74
CA GLU C 129 -6.34 -1.88 22.94
C GLU C 129 -6.99 -2.43 21.70
N GLU C 130 -6.51 -2.00 20.54
CA GLU C 130 -7.20 -2.18 19.27
C GLU C 130 -6.81 -3.48 18.58
N LEU C 131 -5.73 -4.08 19.05
CA LEU C 131 -5.21 -5.25 18.39
C LEU C 131 -6.23 -6.38 18.28
N PRO C 132 -6.86 -6.76 19.40
CA PRO C 132 -7.76 -7.90 19.29
C PRO C 132 -8.74 -7.71 18.14
N GLU C 133 -9.21 -6.48 17.95
CA GLU C 133 -10.16 -6.20 16.88
C GLU C 133 -9.56 -6.61 15.52
N LYS C 134 -8.36 -6.12 15.25
CA LYS C 134 -7.69 -6.45 14.00
C LYS C 134 -7.60 -7.95 13.77
N LEU C 135 -7.21 -8.70 14.80
CA LEU C 135 -7.04 -10.12 14.66
C LEU C 135 -8.37 -10.80 14.49
N LYS C 136 -9.42 -10.22 15.08
CA LYS C 136 -10.74 -10.83 14.96
C LYS C 136 -11.11 -10.87 13.47
N LEU C 137 -10.87 -9.76 12.78
CA LEU C 137 -11.22 -9.64 11.38
C LEU C 137 -10.55 -10.76 10.58
N TYR C 138 -9.29 -11.05 10.89
CA TYR C 138 -8.58 -12.12 10.19
C TYR C 138 -9.24 -13.44 10.51
N SER C 139 -9.42 -13.71 11.81
CA SER C 139 -10.07 -14.95 12.20
C SER C 139 -11.38 -15.17 11.45
N GLU C 140 -12.29 -14.21 11.56
CA GLU C 140 -13.56 -14.34 10.90
C GLU C 140 -13.41 -14.48 9.39
N PHE C 141 -12.45 -13.75 8.82
CA PHE C 141 -12.25 -13.79 7.40
C PHE C 141 -11.78 -15.19 6.97
N LEU C 142 -10.88 -15.78 7.77
CA LEU C 142 -10.40 -17.11 7.46
C LEU C 142 -11.54 -18.09 7.61
N GLY C 143 -12.22 -18.00 8.76
CA GLY C 143 -13.33 -18.89 9.07
C GLY C 143 -12.88 -20.34 9.16
N LYS C 144 -13.45 -21.18 8.30
CA LYS C 144 -13.22 -22.63 8.40
C LYS C 144 -12.29 -23.14 7.27
N ARG C 145 -11.92 -22.22 6.38
CA ARG C 145 -10.98 -22.53 5.30
C ARG C 145 -9.60 -22.87 5.80
N PRO C 146 -8.90 -23.74 5.06
CA PRO C 146 -7.51 -24.07 5.34
C PRO C 146 -6.58 -22.90 5.00
N TRP C 147 -6.97 -22.05 4.05
CA TRP C 147 -6.14 -20.92 3.63
C TRP C 147 -7.03 -19.75 3.40
N PHE C 148 -6.43 -18.56 3.33
CA PHE C 148 -7.19 -17.31 3.23
C PHE C 148 -7.87 -17.07 1.89
N ALA C 149 -7.30 -17.60 0.82
CA ALA C 149 -7.94 -17.54 -0.48
C ALA C 149 -9.12 -18.50 -0.59
N GLY C 150 -9.03 -19.64 0.09
CA GLY C 150 -10.02 -20.70 -0.03
C GLY C 150 -9.38 -22.05 0.27
N ASN C 151 -9.45 -22.98 -0.68
CA ASN C 151 -8.90 -24.32 -0.46
C ASN C 151 -7.48 -24.49 -0.94
N LYS C 152 -7.05 -23.59 -1.82
CA LYS C 152 -5.68 -23.60 -2.28
C LYS C 152 -4.88 -22.57 -1.51
N ILE C 153 -3.66 -22.94 -1.15
CA ILE C 153 -2.71 -21.98 -0.63
C ILE C 153 -2.39 -20.95 -1.72
N THR C 154 -2.19 -19.70 -1.32
CA THR C 154 -1.78 -18.66 -2.26
C THR C 154 -0.82 -17.71 -1.57
N PHE C 155 -0.29 -16.77 -2.32
CA PHE C 155 0.75 -15.90 -1.81
C PHE C 155 0.33 -14.98 -0.67
N VAL C 156 -0.97 -14.72 -0.54
CA VAL C 156 -1.41 -13.87 0.58
C VAL C 156 -1.29 -14.60 1.90
N ASP C 157 -1.27 -15.92 1.86
CA ASP C 157 -1.10 -16.68 3.07
C ASP C 157 0.24 -16.34 3.70
N PHE C 158 1.23 -16.11 2.86
CA PHE C 158 2.54 -15.69 3.32
C PHE C 158 2.46 -14.31 3.97
N LEU C 159 1.72 -13.41 3.35
CA LEU C 159 1.58 -12.09 3.90
C LEU C 159 0.84 -12.14 5.22
N VAL C 160 -0.27 -12.87 5.25
CA VAL C 160 -1.05 -12.96 6.49
C VAL C 160 -0.24 -13.60 7.62
N TYR C 161 0.44 -14.69 7.29
CA TYR C 161 1.28 -15.32 8.27
C TYR C 161 2.24 -14.29 8.86
N ASP C 162 2.94 -13.57 8.00
CA ASP C 162 3.97 -12.71 8.51
C ASP C 162 3.37 -11.77 9.52
N VAL C 163 2.22 -11.22 9.20
CA VAL C 163 1.59 -10.23 10.07
C VAL C 163 1.16 -10.85 11.40
N LEU C 164 0.59 -12.05 11.35
CA LEU C 164 0.22 -12.75 12.58
C LEU C 164 1.46 -13.10 13.41
N ASP C 165 2.45 -13.72 12.78
CA ASP C 165 3.71 -14.06 13.46
C ASP C 165 4.29 -12.85 14.20
N LEU C 166 4.35 -11.73 13.47
CA LEU C 166 4.90 -10.49 13.98
C LEU C 166 4.25 -10.12 15.29
N HIS C 167 2.94 -10.28 15.33
CA HIS C 167 2.18 -9.89 16.49
C HIS C 167 2.33 -10.89 17.64
N ARG C 168 2.39 -12.18 17.31
CA ARG C 168 2.58 -13.18 18.34
C ARG C 168 3.89 -12.86 19.05
N ILE C 169 4.83 -12.29 18.30
CA ILE C 169 6.09 -11.85 18.86
C ILE C 169 5.89 -10.59 19.70
N PHE C 170 5.07 -9.68 19.20
CA PHE C 170 4.78 -8.43 19.89
C PHE C 170 3.89 -8.60 21.11
N GLU C 171 2.97 -9.56 21.06
CA GLU C 171 2.06 -9.80 22.18
C GLU C 171 1.67 -11.26 22.27
N PRO C 172 2.67 -12.08 22.55
CA PRO C 172 2.54 -13.54 22.69
C PRO C 172 1.15 -14.17 22.74
N LYS C 173 0.26 -13.70 23.61
CA LYS C 173 -1.05 -14.33 23.72
C LYS C 173 -2.13 -13.77 22.82
N CYS C 174 -1.79 -12.73 22.07
CA CYS C 174 -2.76 -12.09 21.18
C CYS C 174 -3.48 -13.04 20.22
N LEU C 175 -3.03 -14.29 20.14
CA LEU C 175 -3.67 -15.22 19.21
C LEU C 175 -4.57 -16.23 19.92
N ASP C 176 -4.46 -16.29 21.23
CA ASP C 176 -5.19 -17.30 21.99
C ASP C 176 -6.70 -17.29 21.77
N ALA C 177 -7.26 -16.11 21.57
CA ALA C 177 -8.69 -15.96 21.41
C ALA C 177 -9.18 -16.51 20.07
N PHE C 178 -8.26 -17.01 19.25
CA PHE C 178 -8.59 -17.37 17.87
C PHE C 178 -7.93 -18.67 17.45
N PRO C 179 -8.49 -19.81 17.90
CA PRO C 179 -7.95 -21.15 17.54
C PRO C 179 -7.58 -21.27 16.06
N ASN C 180 -8.49 -20.86 15.17
CA ASN C 180 -8.29 -21.09 13.73
C ASN C 180 -7.07 -20.39 13.16
N LEU C 181 -6.70 -19.27 13.78
CA LEU C 181 -5.50 -18.55 13.39
C LEU C 181 -4.24 -19.27 13.85
N LYS C 182 -4.28 -19.84 15.06
CA LYS C 182 -3.16 -20.66 15.54
C LYS C 182 -3.03 -21.93 14.71
N ASP C 183 -4.16 -22.45 14.25
CA ASP C 183 -4.15 -23.60 13.34
C ASP C 183 -3.55 -23.22 11.99
N PHE C 184 -3.81 -21.99 11.58
CA PHE C 184 -3.21 -21.47 10.37
C PHE C 184 -1.68 -21.44 10.50
N ILE C 185 -1.19 -20.85 11.58
CA ILE C 185 0.24 -20.81 11.85
C ILE C 185 0.84 -22.21 11.91
N SER C 186 0.10 -23.16 12.45
CA SER C 186 0.51 -24.55 12.37
C SER C 186 0.64 -25.03 10.94
N ARG C 187 -0.46 -25.07 10.22
CA ARG C 187 -0.42 -25.49 8.82
C ARG C 187 0.75 -24.88 8.07
N PHE C 188 0.93 -23.56 8.20
CA PHE C 188 1.92 -22.84 7.43
C PHE C 188 3.35 -23.25 7.80
N GLU C 189 3.69 -23.16 9.08
CA GLU C 189 5.00 -23.59 9.54
C GLU C 189 5.16 -25.11 9.36
N GLY C 190 4.06 -25.80 9.20
CA GLY C 190 4.09 -27.24 9.04
C GLY C 190 4.36 -27.63 7.61
N LEU C 191 4.28 -26.64 6.73
CA LEU C 191 4.59 -26.90 5.33
C LEU C 191 6.06 -27.29 5.21
N GLU C 192 6.32 -28.33 4.42
CA GLU C 192 7.61 -28.99 4.43
C GLU C 192 8.78 -28.03 4.21
N LYS C 193 8.77 -27.37 3.05
CA LYS C 193 9.86 -26.45 2.69
C LYS C 193 9.93 -25.28 3.66
N ILE C 194 8.80 -24.90 4.25
CA ILE C 194 8.80 -23.81 5.20
C ILE C 194 9.50 -24.26 6.46
N SER C 195 9.15 -25.45 6.92
CA SER C 195 9.79 -26.05 8.08
C SER C 195 11.30 -26.17 7.85
N ALA C 196 11.69 -26.87 6.79
CA ALA C 196 13.11 -27.05 6.43
C ALA C 196 13.85 -25.73 6.50
N TYR C 197 13.29 -24.72 5.82
CA TYR C 197 13.89 -23.40 5.71
C TYR C 197 14.02 -22.73 7.07
N MET C 198 12.99 -22.89 7.91
CA MET C 198 13.01 -22.26 9.23
C MET C 198 14.15 -22.83 10.05
N LYS C 199 14.50 -24.10 9.78
CA LYS C 199 15.59 -24.76 10.50
C LYS C 199 16.94 -24.44 9.87
N SER C 200 16.92 -23.93 8.65
CA SER C 200 18.16 -23.67 7.94
C SER C 200 18.87 -22.44 8.56
N SER C 201 20.11 -22.24 8.15
CA SER C 201 20.89 -21.07 8.56
C SER C 201 20.54 -19.87 7.70
N ARG C 202 19.66 -20.04 6.72
CA ARG C 202 19.20 -18.92 5.91
C ARG C 202 18.06 -18.17 6.61
N PHE C 203 17.32 -18.85 7.49
CA PHE C 203 16.24 -18.21 8.24
C PHE C 203 16.69 -16.91 8.91
N LEU C 204 15.91 -15.85 8.76
CA LEU C 204 16.28 -14.54 9.32
C LEU C 204 15.07 -13.84 9.91
N PRO C 205 14.68 -14.25 11.13
CA PRO C 205 13.48 -13.73 11.81
C PRO C 205 13.68 -12.40 12.52
N ARG C 206 14.92 -11.93 12.61
CA ARG C 206 15.19 -10.66 13.28
C ARG C 206 16.54 -10.11 12.87
N PRO C 207 16.73 -8.79 12.94
CA PRO C 207 15.79 -7.76 13.41
C PRO C 207 14.50 -7.74 12.61
N VAL C 208 13.41 -7.34 13.25
CA VAL C 208 12.15 -7.19 12.54
C VAL C 208 12.13 -5.93 11.68
N PHE C 209 12.62 -4.84 12.24
CA PHE C 209 12.70 -3.59 11.51
C PHE C 209 14.14 -3.10 11.44
N SER C 210 14.35 -2.00 10.71
CA SER C 210 15.68 -1.41 10.60
C SER C 210 16.16 -0.82 11.93
N LYS C 211 17.41 -0.36 11.93
CA LYS C 211 18.06 0.12 13.16
C LYS C 211 17.38 1.38 13.71
N MET C 212 16.75 2.16 12.83
CA MET C 212 16.05 3.38 13.24
C MET C 212 14.95 3.11 14.27
N ALA C 213 14.64 1.83 14.45
CA ALA C 213 13.47 1.43 15.23
C ALA C 213 13.64 1.54 16.75
N VAL C 214 12.51 1.65 17.45
CA VAL C 214 12.51 1.64 18.90
C VAL C 214 12.25 0.21 19.41
N TRP C 215 11.54 -0.57 18.60
CA TRP C 215 11.19 -1.97 18.91
C TRP C 215 11.51 -2.88 17.72
N GLY C 216 12.02 -4.08 18.00
CA GLY C 216 12.33 -5.04 16.94
C GLY C 216 13.40 -4.49 16.00
N ASN C 217 14.18 -3.54 16.50
CA ASN C 217 15.37 -3.00 15.82
C ASN C 217 16.55 -3.88 16.17
N LYS C 218 16.34 -4.75 17.14
CA LYS C 218 17.38 -5.62 17.68
C LYS C 218 17.19 -7.05 17.16
N MET D 1 -29.58 -3.62 -9.58
CA MET D 1 -29.21 -2.60 -8.51
C MET D 1 -27.79 -2.03 -8.65
N PRO D 2 -27.69 -0.70 -8.73
CA PRO D 2 -26.44 -0.04 -9.00
C PRO D 2 -25.44 -0.38 -7.90
N MET D 3 -24.16 -0.27 -8.20
CA MET D 3 -23.15 -0.47 -7.19
C MET D 3 -23.12 0.74 -6.27
N ILE D 4 -22.79 0.49 -5.00
CA ILE D 4 -22.57 1.59 -4.06
C ILE D 4 -21.09 1.80 -3.79
N LEU D 5 -20.64 3.04 -3.99
CA LEU D 5 -19.29 3.40 -3.64
C LEU D 5 -19.35 4.28 -2.40
N GLY D 6 -18.77 3.81 -1.31
CA GLY D 6 -18.77 4.58 -0.08
C GLY D 6 -17.46 5.29 0.17
N TYR D 7 -17.54 6.55 0.56
CA TYR D 7 -16.35 7.35 0.87
C TYR D 7 -16.71 8.70 1.48
N TRP D 8 -15.72 9.36 2.08
CA TRP D 8 -15.92 10.72 2.54
C TRP D 8 -16.34 11.62 1.37
N ASP D 9 -16.97 12.73 1.70
CA ASP D 9 -17.40 13.72 0.72
C ASP D 9 -16.21 14.45 0.15
N ILE D 10 -15.13 13.73 -0.15
CA ILE D 10 -13.94 14.34 -0.73
C ILE D 10 -13.37 13.53 -1.90
N ARG D 11 -12.26 14.01 -2.43
CA ARG D 11 -11.59 13.35 -3.53
C ARG D 11 -10.85 12.12 -3.00
N GLY D 12 -9.77 12.39 -2.27
CA GLY D 12 -8.98 11.34 -1.62
C GLY D 12 -8.74 10.12 -2.49
N LEU D 13 -9.04 8.96 -1.93
CA LEU D 13 -8.67 7.70 -2.55
C LEU D 13 -9.72 7.18 -3.53
N ALA D 14 -10.78 7.94 -3.71
CA ALA D 14 -11.91 7.50 -4.52
C ALA D 14 -11.78 8.03 -5.94
N HIS D 15 -10.90 8.99 -6.12
CA HIS D 15 -10.85 9.68 -7.39
C HIS D 15 -10.64 8.73 -8.55
N ALA D 16 -9.67 7.85 -8.42
CA ALA D 16 -9.38 6.92 -9.49
C ALA D 16 -10.54 5.99 -9.70
N ILE D 17 -11.21 5.63 -8.60
CA ILE D 17 -12.37 4.74 -8.67
C ILE D 17 -13.54 5.40 -9.39
N ARG D 18 -13.84 6.65 -9.03
CA ARG D 18 -14.92 7.36 -9.70
C ARG D 18 -14.60 7.45 -11.18
N LEU D 19 -13.45 8.00 -11.53
CA LEU D 19 -13.03 8.05 -12.92
C LEU D 19 -13.15 6.67 -13.62
N LEU D 20 -12.66 5.62 -12.98
CA LEU D 20 -12.75 4.32 -13.60
C LEU D 20 -14.20 3.92 -13.78
N LEU D 21 -15.02 4.21 -12.77
CA LEU D 21 -16.42 3.85 -12.86
C LEU D 21 -17.04 4.51 -14.10
N GLU D 22 -16.83 5.82 -14.27
CA GLU D 22 -17.38 6.53 -15.40
C GLU D 22 -16.87 5.98 -16.74
N TYR D 23 -15.55 5.80 -16.84
CA TYR D 23 -14.95 5.29 -18.07
C TYR D 23 -15.53 3.96 -18.50
N THR D 24 -15.80 3.09 -17.53
CA THR D 24 -16.32 1.75 -17.81
C THR D 24 -17.82 1.78 -17.96
N ASP D 25 -18.39 2.97 -17.74
CA ASP D 25 -19.81 3.14 -17.94
C ASP D 25 -20.56 2.38 -16.86
N SER D 26 -19.85 2.07 -15.78
CA SER D 26 -20.45 1.33 -14.67
C SER D 26 -21.71 1.99 -14.14
N SER D 27 -22.63 1.16 -13.65
CA SER D 27 -23.89 1.62 -13.12
C SER D 27 -23.78 1.73 -11.58
N TYR D 28 -23.73 2.95 -11.05
CA TYR D 28 -23.40 3.14 -9.62
C TYR D 28 -23.92 4.41 -8.95
N GLU D 29 -23.99 4.36 -7.62
CA GLU D 29 -24.40 5.49 -6.79
C GLU D 29 -23.38 5.62 -5.64
N GLU D 30 -23.09 6.84 -5.20
CA GLU D 30 -22.14 7.08 -4.14
C GLU D 30 -22.85 7.24 -2.83
N LYS D 31 -22.37 6.58 -1.79
CA LYS D 31 -22.80 6.86 -0.43
C LYS D 31 -21.75 7.75 0.21
N LYS D 32 -21.98 9.05 0.24
CA LYS D 32 -20.98 9.99 0.76
C LYS D 32 -21.16 10.19 2.24
N TYR D 33 -20.05 10.26 2.97
CA TYR D 33 -20.07 10.44 4.41
C TYR D 33 -19.44 11.78 4.74
N THR D 34 -20.08 12.56 5.60
CA THR D 34 -19.53 13.87 5.98
C THR D 34 -18.76 13.80 7.27
N MET D 35 -17.70 14.59 7.35
CA MET D 35 -16.88 14.66 8.53
C MET D 35 -17.06 16.01 9.23
N GLY D 36 -17.18 15.98 10.56
CA GLY D 36 -17.32 17.20 11.37
C GLY D 36 -16.13 18.15 11.27
N ASP D 37 -16.23 19.29 11.94
CA ASP D 37 -15.17 20.29 11.92
C ASP D 37 -14.35 20.23 13.20
N ALA D 38 -13.29 21.04 13.26
CA ALA D 38 -12.42 21.09 14.43
C ALA D 38 -13.23 21.26 15.71
N PRO D 39 -12.72 20.69 16.80
CA PRO D 39 -11.46 19.96 16.78
C PRO D 39 -11.66 18.47 17.03
N ASP D 40 -12.88 17.99 16.81
CA ASP D 40 -13.20 16.59 17.01
C ASP D 40 -13.31 15.85 15.68
N TYR D 41 -13.51 16.60 14.61
CA TYR D 41 -13.64 16.03 13.28
C TYR D 41 -14.50 14.80 13.44
N ASP D 42 -15.70 14.98 13.97
CA ASP D 42 -16.59 13.85 14.20
C ASP D 42 -16.78 12.98 12.95
N ARG D 43 -16.79 11.65 13.15
CA ARG D 43 -16.89 10.69 12.05
C ARG D 43 -18.00 9.68 12.34
N SER D 44 -18.93 10.07 13.21
CA SER D 44 -19.96 9.15 13.65
C SER D 44 -20.90 8.77 12.53
N GLN D 45 -21.03 9.65 11.54
CA GLN D 45 -21.90 9.35 10.42
C GLN D 45 -21.45 8.09 9.70
N TRP D 46 -20.14 7.88 9.66
CA TRP D 46 -19.56 6.67 9.09
C TRP D 46 -19.45 5.58 10.15
N LEU D 47 -19.08 5.97 11.37
CA LEU D 47 -18.87 5.00 12.45
C LEU D 47 -20.14 4.29 12.84
N ASN D 48 -21.28 4.98 12.69
CA ASN D 48 -22.58 4.38 13.01
C ASN D 48 -22.91 3.25 12.07
N GLU D 49 -22.17 3.17 10.98
CA GLU D 49 -22.54 2.28 9.91
C GLU D 49 -21.40 1.32 9.58
N LYS D 50 -20.21 1.67 10.09
CA LYS D 50 -18.96 0.96 9.77
C LYS D 50 -19.08 -0.55 9.84
N PHE D 51 -19.68 -1.06 10.90
CA PHE D 51 -19.64 -2.50 11.14
C PHE D 51 -20.91 -3.22 10.67
N LYS D 52 -21.81 -2.48 10.03
CA LYS D 52 -23.06 -3.09 9.59
C LYS D 52 -23.22 -3.19 8.08
N LEU D 53 -22.12 -3.34 7.36
CA LEU D 53 -22.25 -3.34 5.92
C LEU D 53 -21.82 -4.65 5.32
N GLY D 54 -21.51 -5.62 6.18
CA GLY D 54 -21.01 -6.90 5.77
C GLY D 54 -19.67 -6.82 5.09
N LEU D 55 -18.88 -5.82 5.44
CA LEU D 55 -17.54 -5.66 4.91
C LEU D 55 -16.61 -6.52 5.74
N ASP D 56 -15.65 -7.15 5.10
CA ASP D 56 -14.71 -7.96 5.85
C ASP D 56 -13.69 -7.13 6.60
N PHE D 57 -13.21 -6.06 6.01
CA PHE D 57 -12.26 -5.23 6.71
C PHE D 57 -12.72 -3.79 6.66
N PRO D 58 -13.76 -3.47 7.45
CA PRO D 58 -14.47 -2.23 7.33
C PRO D 58 -13.51 -1.08 7.07
N ASN D 59 -13.74 -0.38 5.96
CA ASN D 59 -12.87 0.70 5.55
C ASN D 59 -13.52 1.59 4.51
N LEU D 60 -12.89 2.73 4.24
CA LEU D 60 -13.31 3.62 3.19
C LEU D 60 -12.10 3.84 2.31
N PRO D 61 -12.29 3.75 0.98
CA PRO D 61 -13.55 3.49 0.32
C PRO D 61 -13.98 2.04 0.39
N TYR D 62 -15.25 1.81 0.11
CA TYR D 62 -15.73 0.45 -0.09
C TYR D 62 -16.62 0.45 -1.32
N LEU D 63 -16.78 -0.71 -1.92
CA LEU D 63 -17.67 -0.84 -3.04
C LEU D 63 -18.60 -1.98 -2.75
N ILE D 64 -19.89 -1.75 -2.93
CA ILE D 64 -20.84 -2.82 -2.77
C ILE D 64 -21.53 -3.15 -4.07
N ASP D 65 -21.43 -4.41 -4.49
CA ASP D 65 -21.95 -4.86 -5.78
C ASP D 65 -22.71 -6.16 -5.61
N GLY D 66 -23.96 -6.05 -5.21
CA GLY D 66 -24.73 -7.23 -4.85
C GLY D 66 -24.03 -7.98 -3.74
N ALA D 67 -23.72 -9.25 -4.02
CA ALA D 67 -23.10 -10.14 -3.02
C ALA D 67 -21.70 -9.69 -2.61
N HIS D 68 -20.96 -9.15 -3.59
CA HIS D 68 -19.59 -8.77 -3.38
C HIS D 68 -19.46 -7.46 -2.64
N LYS D 69 -18.82 -7.52 -1.48
CA LYS D 69 -18.59 -6.34 -0.67
C LYS D 69 -17.11 -6.13 -0.53
N ILE D 70 -16.59 -5.06 -1.13
CA ILE D 70 -15.16 -4.87 -1.24
C ILE D 70 -14.60 -3.65 -0.47
N THR D 71 -13.41 -3.79 0.09
CA THR D 71 -12.65 -2.64 0.60
C THR D 71 -11.24 -2.68 0.03
N GLN D 72 -10.44 -1.66 0.38
CA GLN D 72 -9.10 -1.47 -0.14
C GLN D 72 -9.13 -0.91 -1.54
N SER D 73 -8.80 0.38 -1.64
CA SER D 73 -8.96 1.08 -2.89
C SER D 73 -8.40 0.32 -4.09
N ASN D 74 -7.21 -0.25 -4.00
CA ASN D 74 -6.67 -0.99 -5.15
C ASN D 74 -7.49 -2.26 -5.53
N ALA D 75 -8.04 -2.91 -4.52
CA ALA D 75 -8.92 -4.05 -4.72
C ALA D 75 -10.20 -3.63 -5.44
N ILE D 76 -10.85 -2.56 -4.99
CA ILE D 76 -11.98 -2.04 -5.71
C ILE D 76 -11.58 -1.79 -7.16
N LEU D 77 -10.43 -1.17 -7.36
CA LEU D 77 -9.95 -0.84 -8.69
C LEU D 77 -9.78 -2.06 -9.59
N CYS D 78 -9.08 -3.09 -9.15
CA CYS D 78 -8.93 -4.25 -9.99
C CYS D 78 -10.23 -5.00 -10.18
N TYR D 79 -11.06 -5.01 -9.16
CA TYR D 79 -12.33 -5.70 -9.25
C TYR D 79 -13.16 -5.16 -10.39
N ILE D 80 -13.25 -3.83 -10.46
CA ILE D 80 -13.96 -3.18 -11.54
C ILE D 80 -13.22 -3.42 -12.85
N ALA D 81 -11.92 -3.16 -12.87
CA ALA D 81 -11.16 -3.30 -14.11
C ALA D 81 -11.36 -4.67 -14.75
N ARG D 82 -11.53 -5.69 -13.91
CA ARG D 82 -11.63 -7.06 -14.40
C ARG D 82 -12.89 -7.26 -15.21
N LYS D 83 -14.01 -6.72 -14.72
CA LYS D 83 -15.24 -6.77 -15.47
C LYS D 83 -15.11 -6.23 -16.90
N HIS D 84 -14.05 -5.47 -17.19
CA HIS D 84 -13.91 -4.80 -18.49
C HIS D 84 -12.53 -4.91 -19.14
N ASN D 85 -11.81 -5.98 -18.83
CA ASN D 85 -10.49 -6.22 -19.41
C ASN D 85 -9.49 -5.10 -19.25
N LEU D 86 -9.26 -4.68 -18.02
CA LEU D 86 -8.36 -3.57 -17.79
C LEU D 86 -7.40 -3.79 -16.62
N CYS D 87 -7.12 -5.06 -16.34
CA CYS D 87 -6.17 -5.40 -15.32
C CYS D 87 -4.89 -5.85 -15.99
N GLY D 88 -4.85 -5.80 -17.32
CA GLY D 88 -3.66 -6.17 -18.06
C GLY D 88 -3.68 -7.55 -18.69
N GLU D 89 -3.34 -7.61 -19.97
CA GLU D 89 -3.40 -8.83 -20.78
C GLU D 89 -2.17 -9.68 -20.55
N THR D 90 -1.05 -9.29 -21.18
CA THR D 90 0.15 -10.10 -21.24
C THR D 90 0.85 -10.15 -19.88
N GLU D 91 1.95 -10.88 -19.82
CA GLU D 91 2.75 -10.96 -18.61
C GLU D 91 3.44 -9.62 -18.35
N GLU D 92 4.08 -9.07 -19.38
CA GLU D 92 4.70 -7.75 -19.23
C GLU D 92 3.71 -6.69 -18.74
N GLU D 93 2.50 -6.72 -19.29
CA GLU D 93 1.49 -5.76 -18.89
C GLU D 93 1.19 -5.89 -17.39
N LYS D 94 1.05 -7.13 -16.91
CA LYS D 94 0.75 -7.38 -15.50
C LYS D 94 1.82 -6.89 -14.54
N ILE D 95 3.10 -7.13 -14.86
CA ILE D 95 4.21 -6.69 -14.05
C ILE D 95 4.15 -5.18 -13.87
N ARG D 96 4.06 -4.48 -14.99
CA ARG D 96 3.97 -3.04 -14.95
C ARG D 96 2.76 -2.60 -14.10
N VAL D 97 1.61 -3.23 -14.30
CA VAL D 97 0.43 -2.94 -13.50
C VAL D 97 0.71 -3.13 -12.00
N ASP D 98 1.26 -4.29 -11.64
CA ASP D 98 1.53 -4.58 -10.24
C ASP D 98 2.46 -3.53 -9.60
N ILE D 99 3.51 -3.16 -10.32
CA ILE D 99 4.44 -2.16 -9.84
C ILE D 99 3.73 -0.80 -9.62
N LEU D 100 3.15 -0.25 -10.68
CA LEU D 100 2.47 1.04 -10.61
C LEU D 100 1.36 1.06 -9.57
N GLU D 101 0.67 -0.05 -9.42
CA GLU D 101 -0.42 -0.15 -8.47
C GLU D 101 0.09 0.25 -7.11
N ASN D 102 1.25 -0.26 -6.77
CA ASN D 102 1.83 0.04 -5.48
C ASN D 102 2.69 1.31 -5.47
N GLN D 103 3.33 1.59 -6.59
CA GLN D 103 4.14 2.77 -6.72
C GLN D 103 3.30 4.05 -6.54
N THR D 104 2.15 4.12 -7.19
CA THR D 104 1.35 5.31 -7.07
C THR D 104 0.85 5.51 -5.64
N MET D 105 0.42 4.42 -5.01
CA MET D 105 -0.07 4.45 -3.65
CA MET D 105 -0.06 4.47 -3.63
C MET D 105 1.03 5.02 -2.75
N ASP D 106 2.28 4.68 -3.03
CA ASP D 106 3.38 5.19 -2.21
C ASP D 106 3.54 6.70 -2.36
N ASN D 107 3.67 7.16 -3.60
CA ASN D 107 3.81 8.56 -3.88
C ASN D 107 2.61 9.36 -3.37
N HIS D 108 1.44 8.73 -3.39
CA HIS D 108 0.23 9.34 -2.82
C HIS D 108 0.34 9.47 -1.31
N MET D 109 0.56 8.38 -0.60
CA MET D 109 0.71 8.51 0.85
CA MET D 109 0.67 8.52 0.85
C MET D 109 1.77 9.55 1.21
N GLN D 110 2.87 9.58 0.44
CA GLN D 110 3.93 10.55 0.71
C GLN D 110 3.41 11.97 0.71
N LEU D 111 2.67 12.32 -0.35
CA LEU D 111 2.08 13.64 -0.46
C LEU D 111 1.17 13.87 0.73
N GLY D 112 0.31 12.87 0.97
CA GLY D 112 -0.70 12.95 2.01
C GLY D 112 -0.09 13.00 3.39
N MET D 113 1.15 12.56 3.52
CA MET D 113 1.78 12.53 4.83
C MET D 113 2.11 13.93 5.29
N ILE D 114 2.61 14.74 4.35
CA ILE D 114 2.97 16.11 4.71
C ILE D 114 1.75 17.02 4.72
N CYS D 115 0.84 16.84 3.76
CA CYS D 115 -0.38 17.64 3.71
C CYS D 115 -1.31 17.41 4.91
N TYR D 116 -1.05 16.38 5.70
CA TYR D 116 -1.80 16.14 6.95
C TYR D 116 -0.94 16.49 8.17
N ASN D 117 0.33 16.78 7.91
CA ASN D 117 1.29 17.06 8.97
C ASN D 117 1.27 18.55 9.34
N PRO D 118 1.00 18.86 10.63
CA PRO D 118 1.05 20.23 11.15
C PRO D 118 2.30 20.99 10.67
N GLU D 119 3.43 20.29 10.60
CA GLU D 119 4.70 20.88 10.16
C GLU D 119 4.72 21.22 8.67
N PHE D 120 3.56 21.10 8.02
CA PHE D 120 3.48 21.16 6.56
C PHE D 120 4.43 22.18 5.97
N GLU D 121 4.51 23.36 6.56
CA GLU D 121 5.26 24.44 5.93
C GLU D 121 6.78 24.23 5.87
N LYS D 122 7.33 23.58 6.89
CA LYS D 122 8.78 23.32 6.96
C LYS D 122 9.20 22.11 6.11
N LEU D 123 8.30 21.14 6.01
CA LEU D 123 8.55 19.92 5.22
C LEU D 123 8.51 20.21 3.72
N LYS D 124 7.72 21.23 3.35
CA LYS D 124 7.44 21.51 1.96
C LYS D 124 8.67 21.72 1.06
N PRO D 125 9.65 22.50 1.52
CA PRO D 125 10.86 22.71 0.69
C PRO D 125 11.54 21.40 0.30
N LYS D 126 11.70 20.51 1.29
CA LYS D 126 12.39 19.26 1.08
C LYS D 126 11.60 18.36 0.08
N TYR D 127 10.29 18.25 0.31
CA TYR D 127 9.39 17.52 -0.59
C TYR D 127 9.43 18.08 -2.02
N LEU D 128 9.52 19.39 -2.13
CA LEU D 128 9.62 20.02 -3.45
C LEU D 128 10.98 19.80 -4.12
N GLU D 129 12.02 19.69 -3.30
CA GLU D 129 13.36 19.36 -3.80
C GLU D 129 13.31 18.06 -4.56
N GLU D 130 12.58 17.10 -3.99
CA GLU D 130 12.65 15.72 -4.43
C GLU D 130 11.64 15.38 -5.52
N LEU D 131 10.66 16.28 -5.67
CA LEU D 131 9.56 15.99 -6.57
C LEU D 131 10.02 15.74 -8.01
N PRO D 132 10.85 16.62 -8.55
CA PRO D 132 11.35 16.46 -9.92
C PRO D 132 11.82 15.04 -10.19
N GLU D 133 12.45 14.44 -9.19
CA GLU D 133 12.96 13.08 -9.28
C GLU D 133 11.81 12.08 -9.46
N LYS D 134 10.84 12.15 -8.57
CA LYS D 134 9.68 11.28 -8.64
C LYS D 134 9.02 11.30 -9.99
N LEU D 135 8.78 12.50 -10.52
CA LEU D 135 8.11 12.63 -11.80
C LEU D 135 8.98 12.09 -12.93
N LYS D 136 10.31 12.21 -12.77
CA LYS D 136 11.20 11.75 -13.81
C LYS D 136 10.99 10.24 -14.01
N LEU D 137 10.88 9.52 -12.87
CA LEU D 137 10.69 8.08 -12.89
C LEU D 137 9.44 7.74 -13.72
N TYR D 138 8.36 8.48 -13.51
CA TYR D 138 7.15 8.25 -14.27
C TYR D 138 7.38 8.51 -15.74
N SER D 139 7.92 9.68 -16.04
CA SER D 139 8.21 10.01 -17.44
C SER D 139 8.99 8.90 -18.12
N GLU D 140 10.14 8.56 -17.56
CA GLU D 140 10.96 7.53 -18.17
C GLU D 140 10.22 6.21 -18.25
N PHE D 141 9.44 5.90 -17.22
CA PHE D 141 8.72 4.65 -17.21
C PHE D 141 7.67 4.62 -18.32
N LEU D 142 6.99 5.74 -18.55
CA LEU D 142 6.01 5.80 -19.61
C LEU D 142 6.72 5.70 -20.94
N GLY D 143 7.78 6.51 -21.09
CA GLY D 143 8.54 6.58 -22.31
C GLY D 143 7.69 7.03 -23.49
N LYS D 144 7.59 6.16 -24.50
CA LYS D 144 6.93 6.53 -25.76
C LYS D 144 5.55 5.88 -25.89
N ARG D 145 5.19 5.06 -24.90
CA ARG D 145 3.88 4.39 -24.88
C ARG D 145 2.75 5.37 -24.67
N PRO D 146 1.59 5.06 -25.27
CA PRO D 146 0.37 5.82 -25.05
C PRO D 146 -0.18 5.65 -23.64
N TRP D 147 0.08 4.50 -23.00
CA TRP D 147 -0.39 4.22 -21.64
C TRP D 147 0.71 3.56 -20.87
N PHE D 148 0.55 3.51 -19.54
CA PHE D 148 1.60 3.00 -18.66
C PHE D 148 1.79 1.49 -18.70
N ALA D 149 0.73 0.75 -18.98
CA ALA D 149 0.83 -0.68 -19.18
C ALA D 149 1.47 -1.05 -20.50
N GLY D 150 1.26 -0.23 -21.52
CA GLY D 150 1.71 -0.54 -22.88
C GLY D 150 0.82 0.17 -23.89
N ASN D 151 0.23 -0.60 -24.80
CA ASN D 151 -0.64 -0.01 -25.83
C ASN D 151 -2.10 0.05 -25.46
N LYS D 152 -2.50 -0.77 -24.50
CA LYS D 152 -3.84 -0.71 -24.00
C LYS D 152 -3.91 0.14 -22.73
N ILE D 153 -4.97 0.93 -22.62
CA ILE D 153 -5.27 1.61 -21.38
C ILE D 153 -5.61 0.57 -20.32
N THR D 154 -5.21 0.82 -19.08
CA THR D 154 -5.56 -0.06 -17.98
C THR D 154 -5.84 0.74 -16.74
N PHE D 155 -6.24 0.09 -15.67
CA PHE D 155 -6.65 0.81 -14.47
C PHE D 155 -5.54 1.59 -13.78
N VAL D 156 -4.28 1.22 -14.01
CA VAL D 156 -3.21 1.99 -13.36
C VAL D 156 -3.08 3.37 -13.97
N ASP D 157 -3.52 3.53 -15.21
CA ASP D 157 -3.50 4.82 -15.84
C ASP D 157 -4.31 5.82 -15.02
N PHE D 158 -5.40 5.33 -14.43
CA PHE D 158 -6.22 6.15 -13.58
C PHE D 158 -5.46 6.52 -12.34
N LEU D 159 -4.73 5.56 -11.77
CA LEU D 159 -3.98 5.85 -10.57
C LEU D 159 -2.89 6.83 -10.91
N VAL D 160 -2.14 6.57 -11.98
CA VAL D 160 -1.05 7.47 -12.33
C VAL D 160 -1.55 8.88 -12.59
N TYR D 161 -2.63 8.98 -13.36
CA TYR D 161 -3.19 10.27 -13.65
C TYR D 161 -3.48 11.00 -12.35
N ASP D 162 -4.13 10.32 -11.41
CA ASP D 162 -4.55 11.02 -10.23
C ASP D 162 -3.33 11.62 -9.55
N VAL D 163 -2.26 10.84 -9.47
CA VAL D 163 -1.06 11.30 -8.79
C VAL D 163 -0.44 12.50 -9.50
N LEU D 164 -0.37 12.43 -10.82
CA LEU D 164 0.17 13.54 -11.60
C LEU D 164 -0.69 14.78 -11.47
N ASP D 165 -2.00 14.63 -11.70
CA ASP D 165 -2.94 15.75 -11.54
C ASP D 165 -2.75 16.44 -10.19
N LEU D 166 -2.74 15.63 -9.14
CA LEU D 166 -2.58 16.09 -7.78
C LEU D 166 -1.43 17.04 -7.62
N HIS D 167 -0.33 16.74 -8.27
CA HIS D 167 0.85 17.57 -8.16
C HIS D 167 0.77 18.82 -9.01
N ARG D 168 0.28 18.66 -10.23
CA ARG D 168 0.15 19.81 -11.09
C ARG D 168 -0.61 20.87 -10.34
N ILE D 169 -1.44 20.43 -9.40
CA ILE D 169 -2.25 21.34 -8.61
C ILE D 169 -1.41 21.89 -7.48
N PHE D 170 -0.50 21.06 -6.99
CA PHE D 170 0.37 21.38 -5.88
C PHE D 170 1.55 22.24 -6.30
N GLU D 171 2.07 21.99 -7.49
CA GLU D 171 3.20 22.73 -8.04
C GLU D 171 3.05 22.75 -9.54
N PRO D 172 2.13 23.58 -10.02
CA PRO D 172 1.85 23.70 -11.45
C PRO D 172 2.94 23.11 -12.35
N LYS D 173 3.89 23.96 -12.72
CA LYS D 173 5.01 23.58 -13.60
C LYS D 173 5.62 22.20 -13.39
N CYS D 174 5.53 21.65 -12.18
CA CYS D 174 6.12 20.36 -11.91
C CYS D 174 6.14 19.42 -13.11
N LEU D 175 5.19 19.59 -14.01
CA LEU D 175 5.11 18.73 -15.18
C LEU D 175 5.79 19.27 -16.40
N ASP D 176 6.07 20.57 -16.41
CA ASP D 176 6.71 21.14 -17.57
C ASP D 176 7.99 20.39 -17.93
N ALA D 177 8.79 20.04 -16.94
CA ALA D 177 10.02 19.31 -17.22
C ALA D 177 9.72 17.97 -17.88
N PHE D 178 8.45 17.72 -18.17
CA PHE D 178 8.02 16.48 -18.80
C PHE D 178 6.93 16.72 -19.83
N PRO D 179 7.22 16.40 -21.08
CA PRO D 179 6.24 16.58 -22.16
C PRO D 179 5.34 15.37 -22.33
N ASN D 180 5.93 14.18 -22.33
CA ASN D 180 5.16 12.93 -22.49
C ASN D 180 4.14 12.70 -21.38
N LEU D 181 4.41 13.24 -20.20
CA LEU D 181 3.48 13.18 -19.07
C LEU D 181 2.32 14.15 -19.28
N LYS D 182 2.60 15.35 -19.80
CA LYS D 182 1.54 16.29 -20.16
C LYS D 182 0.69 15.73 -21.32
N ASP D 183 1.34 15.04 -22.24
CA ASP D 183 0.59 14.34 -23.28
C ASP D 183 -0.30 13.25 -22.74
N PHE D 184 0.17 12.59 -21.69
CA PHE D 184 -0.61 11.58 -21.00
C PHE D 184 -1.86 12.22 -20.40
N ILE D 185 -1.68 13.33 -19.69
CA ILE D 185 -2.81 14.04 -19.10
C ILE D 185 -3.78 14.49 -20.17
N SER D 186 -3.28 14.90 -21.34
CA SER D 186 -4.14 15.17 -22.48
C SER D 186 -4.94 13.95 -22.90
N ARG D 187 -4.26 12.89 -23.32
CA ARG D 187 -4.95 11.67 -23.71
C ARG D 187 -6.03 11.28 -22.72
N PHE D 188 -5.68 11.25 -21.44
CA PHE D 188 -6.60 10.78 -20.41
C PHE D 188 -7.84 11.66 -20.27
N GLU D 189 -7.63 12.96 -20.03
CA GLU D 189 -8.74 13.91 -19.95
C GLU D 189 -9.47 14.00 -21.31
N GLY D 190 -8.80 13.59 -22.37
CA GLY D 190 -9.37 13.67 -23.69
C GLY D 190 -10.25 12.48 -23.95
N LEU D 191 -10.21 11.51 -23.06
CA LEU D 191 -11.05 10.34 -23.22
C LEU D 191 -12.51 10.78 -23.05
N GLU D 192 -13.36 10.28 -23.94
CA GLU D 192 -14.71 10.81 -24.06
C GLU D 192 -15.48 10.85 -22.74
N LYS D 193 -15.68 9.68 -22.15
CA LYS D 193 -16.44 9.58 -20.90
C LYS D 193 -15.74 10.36 -19.76
N ILE D 194 -14.42 10.49 -19.82
CA ILE D 194 -13.70 11.20 -18.80
C ILE D 194 -14.00 12.67 -18.94
N SER D 195 -13.95 13.14 -20.19
CA SER D 195 -14.26 14.52 -20.48
C SER D 195 -15.70 14.85 -20.04
N ALA D 196 -16.66 14.09 -20.58
CA ALA D 196 -18.08 14.27 -20.22
C ALA D 196 -18.24 14.40 -18.72
N TYR D 197 -17.70 13.42 -17.99
CA TYR D 197 -17.79 13.35 -16.54
C TYR D 197 -17.16 14.55 -15.84
N MET D 198 -16.02 14.99 -16.36
CA MET D 198 -15.34 16.14 -15.77
C MET D 198 -16.22 17.38 -15.88
N LYS D 199 -17.04 17.42 -16.93
CA LYS D 199 -17.95 18.55 -17.15
C LYS D 199 -19.25 18.37 -16.38
N SER D 200 -19.53 17.15 -15.93
CA SER D 200 -20.76 16.90 -15.20
C SER D 200 -20.73 17.54 -13.80
N SER D 201 -21.89 17.56 -13.17
CA SER D 201 -21.99 18.05 -11.79
C SER D 201 -21.57 16.96 -10.80
N ARG D 202 -21.24 15.77 -11.30
CA ARG D 202 -20.77 14.68 -10.43
C ARG D 202 -19.28 14.84 -10.13
N PHE D 203 -18.55 15.53 -11.00
CA PHE D 203 -17.12 15.76 -10.81
C PHE D 203 -16.81 16.36 -9.44
N LEU D 204 -15.84 15.80 -8.74
CA LEU D 204 -15.53 16.24 -7.38
C LEU D 204 -14.03 16.26 -7.19
N PRO D 205 -13.37 17.31 -7.70
CA PRO D 205 -11.91 17.46 -7.65
C PRO D 205 -11.37 18.00 -6.32
N ARG D 206 -12.25 18.44 -5.43
CA ARG D 206 -11.80 18.97 -4.15
C ARG D 206 -12.93 18.95 -3.15
N PRO D 207 -12.63 18.92 -1.84
CA PRO D 207 -11.31 18.88 -1.22
C PRO D 207 -10.48 17.69 -1.69
N VAL D 208 -9.16 17.86 -1.71
CA VAL D 208 -8.29 16.75 -2.06
C VAL D 208 -8.18 15.76 -0.89
N PHE D 209 -8.00 16.30 0.30
CA PHE D 209 -7.91 15.47 1.50
C PHE D 209 -9.02 15.82 2.47
N SER D 210 -9.11 15.07 3.57
CA SER D 210 -10.11 15.32 4.60
C SER D 210 -9.83 16.63 5.33
N LYS D 211 -10.75 17.00 6.21
CA LYS D 211 -10.69 18.28 6.92
C LYS D 211 -9.47 18.39 7.86
N MET D 212 -8.99 17.25 8.35
CA MET D 212 -7.82 17.20 9.24
C MET D 212 -6.58 17.81 8.59
N ALA D 213 -6.67 18.07 7.29
CA ALA D 213 -5.50 18.46 6.50
C ALA D 213 -5.07 19.92 6.69
N VAL D 214 -3.79 20.17 6.41
CA VAL D 214 -3.25 21.53 6.37
C VAL D 214 -3.33 22.10 4.96
N TRP D 215 -3.27 21.22 3.96
CA TRP D 215 -3.32 21.60 2.53
C TRP D 215 -4.33 20.73 1.78
N GLY D 216 -5.08 21.33 0.86
CA GLY D 216 -6.09 20.61 0.09
C GLY D 216 -7.18 20.02 0.96
N ASN D 217 -7.33 20.59 2.16
CA ASN D 217 -8.43 20.28 3.07
C ASN D 217 -9.63 21.14 2.69
N LYS D 218 -9.37 22.11 1.83
CA LYS D 218 -10.37 23.08 1.40
C LYS D 218 -10.87 22.71 -0.01
N MET E 1 8.27 -53.91 -13.38
CA MET E 1 7.10 -54.43 -12.59
C MET E 1 6.74 -53.49 -11.41
N PRO E 2 5.55 -52.83 -11.46
CA PRO E 2 5.11 -52.12 -10.25
C PRO E 2 4.64 -53.10 -9.15
N MET E 3 4.66 -52.67 -7.90
CA MET E 3 4.18 -53.50 -6.79
C MET E 3 2.67 -53.46 -6.77
N ILE E 4 2.06 -54.57 -6.39
CA ILE E 4 0.60 -54.67 -6.22
C ILE E 4 0.23 -54.61 -4.74
N LEU E 5 -0.64 -53.67 -4.41
CA LEU E 5 -1.17 -53.59 -3.08
C LEU E 5 -2.62 -54.03 -3.17
N GLY E 6 -2.96 -55.15 -2.52
CA GLY E 6 -4.33 -55.64 -2.52
C GLY E 6 -5.07 -55.28 -1.24
N TYR E 7 -6.30 -54.80 -1.39
CA TYR E 7 -7.11 -54.40 -0.25
C TYR E 7 -8.48 -53.91 -0.68
N TRP E 8 -9.45 -53.99 0.22
CA TRP E 8 -10.81 -53.54 -0.06
C TRP E 8 -10.82 -52.10 -0.55
N ASP E 9 -11.78 -51.77 -1.41
CA ASP E 9 -11.90 -50.42 -1.94
C ASP E 9 -12.23 -49.42 -0.82
N ILE E 10 -11.52 -49.54 0.30
CA ILE E 10 -11.74 -48.66 1.44
C ILE E 10 -10.41 -48.22 2.06
N ARG E 11 -10.49 -47.39 3.08
CA ARG E 11 -9.31 -46.90 3.76
C ARG E 11 -8.72 -48.02 4.62
N GLY E 12 -9.39 -48.32 5.74
CA GLY E 12 -9.00 -49.41 6.60
C GLY E 12 -7.51 -49.44 6.90
N LEU E 13 -6.91 -50.60 6.73
CA LEU E 13 -5.53 -50.82 7.18
C LEU E 13 -4.48 -50.44 6.13
N ALA E 14 -4.93 -49.92 4.99
CA ALA E 14 -4.06 -49.69 3.86
C ALA E 14 -3.64 -48.24 3.82
N HIS E 15 -4.38 -47.44 4.56
CA HIS E 15 -4.11 -46.03 4.56
C HIS E 15 -2.64 -45.67 4.82
N ALA E 16 -2.04 -46.21 5.89
CA ALA E 16 -0.64 -45.96 6.15
C ALA E 16 0.22 -46.46 5.01
N ILE E 17 -0.13 -47.63 4.49
CA ILE E 17 0.65 -48.19 3.39
C ILE E 17 0.59 -47.33 2.11
N ARG E 18 -0.60 -46.90 1.74
CA ARG E 18 -0.72 -46.00 0.60
C ARG E 18 0.11 -44.73 0.82
N LEU E 19 -0.16 -44.01 1.92
CA LEU E 19 0.65 -42.85 2.26
C LEU E 19 2.15 -43.14 2.17
N LEU E 20 2.59 -44.23 2.79
CA LEU E 20 4.02 -44.54 2.77
C LEU E 20 4.51 -44.79 1.34
N LEU E 21 3.71 -45.53 0.57
CA LEU E 21 4.05 -45.79 -0.81
C LEU E 21 4.31 -44.50 -1.58
N GLU E 22 3.41 -43.55 -1.47
CA GLU E 22 3.55 -42.26 -2.13
C GLU E 22 4.78 -41.53 -1.62
N TYR E 23 4.96 -41.48 -0.32
CA TYR E 23 6.07 -40.70 0.25
C TYR E 23 7.41 -41.22 -0.22
N THR E 24 7.53 -42.53 -0.30
CA THR E 24 8.74 -43.14 -0.76
C THR E 24 8.87 -43.10 -2.27
N ASP E 25 7.81 -42.63 -2.93
CA ASP E 25 7.82 -42.52 -4.38
C ASP E 25 7.76 -43.91 -5.04
N SER E 26 7.36 -44.91 -4.26
CA SER E 26 7.31 -46.28 -4.73
C SER E 26 6.50 -46.43 -6.01
N SER E 27 6.85 -47.42 -6.80
CA SER E 27 6.19 -47.68 -8.05
C SER E 27 5.16 -48.80 -7.90
N TYR E 28 3.86 -48.49 -7.93
CA TYR E 28 2.86 -49.48 -7.53
C TYR E 28 1.50 -49.25 -8.15
N GLU E 29 0.71 -50.32 -8.21
CA GLU E 29 -0.74 -50.20 -8.43
C GLU E 29 -1.51 -50.90 -7.31
N GLU E 30 -2.78 -50.59 -7.19
CA GLU E 30 -3.67 -51.26 -6.23
C GLU E 30 -4.58 -52.28 -6.94
N LYS E 31 -4.68 -53.46 -6.37
CA LYS E 31 -5.75 -54.39 -6.74
C LYS E 31 -6.86 -54.27 -5.70
N LYS E 32 -7.89 -53.49 -6.01
CA LYS E 32 -8.99 -53.24 -5.09
C LYS E 32 -10.07 -54.31 -5.21
N TYR E 33 -10.59 -54.74 -4.05
CA TYR E 33 -11.64 -55.76 -4.00
C TYR E 33 -12.91 -55.12 -3.45
N THR E 34 -14.04 -55.38 -4.11
CA THR E 34 -15.31 -54.85 -3.65
C THR E 34 -16.06 -55.87 -2.79
N MET E 35 -16.79 -55.34 -1.81
CA MET E 35 -17.61 -56.14 -0.93
C MET E 35 -19.09 -55.90 -1.24
N GLY E 36 -19.87 -56.98 -1.22
CA GLY E 36 -21.34 -56.90 -1.41
C GLY E 36 -22.05 -56.12 -0.33
N ASP E 37 -23.36 -55.94 -0.49
CA ASP E 37 -24.17 -55.20 0.46
C ASP E 37 -24.95 -56.14 1.37
N ALA E 38 -25.67 -55.56 2.32
CA ALA E 38 -26.47 -56.35 3.26
C ALA E 38 -27.36 -57.35 2.54
N PRO E 39 -27.61 -58.49 3.17
CA PRO E 39 -27.05 -58.77 4.50
C PRO E 39 -26.06 -59.92 4.48
N ASP E 40 -25.34 -60.05 3.38
CA ASP E 40 -24.35 -61.12 3.23
C ASP E 40 -23.02 -60.59 2.73
N TYR E 41 -22.85 -59.27 2.80
CA TYR E 41 -21.62 -58.63 2.36
C TYR E 41 -20.71 -59.62 1.64
N ASP E 42 -21.18 -60.12 0.50
CA ASP E 42 -20.43 -61.08 -0.27
C ASP E 42 -18.97 -60.66 -0.46
N ARG E 43 -18.06 -61.62 -0.37
CA ARG E 43 -16.63 -61.33 -0.43
C ARG E 43 -15.96 -62.27 -1.43
N SER E 44 -16.78 -62.88 -2.29
CA SER E 44 -16.28 -63.86 -3.26
C SER E 44 -15.25 -63.27 -4.25
N GLN E 45 -15.33 -61.97 -4.54
CA GLN E 45 -14.36 -61.32 -5.41
C GLN E 45 -12.91 -61.49 -4.89
N TRP E 46 -12.78 -61.48 -3.57
CA TRP E 46 -11.50 -61.68 -2.90
C TRP E 46 -11.26 -63.16 -2.61
N LEU E 47 -12.31 -63.86 -2.18
CA LEU E 47 -12.23 -65.29 -1.86
C LEU E 47 -11.91 -66.16 -3.06
N ASN E 48 -12.38 -65.77 -4.24
CA ASN E 48 -12.05 -66.50 -5.47
C ASN E 48 -10.56 -66.46 -5.78
N GLU E 49 -9.85 -65.55 -5.11
CA GLU E 49 -8.47 -65.27 -5.46
C GLU E 49 -7.54 -65.49 -4.26
N LYS E 50 -8.15 -65.52 -3.08
CA LYS E 50 -7.43 -65.59 -1.80
C LYS E 50 -6.29 -66.59 -1.78
N PHE E 51 -6.53 -67.79 -2.29
CA PHE E 51 -5.55 -68.87 -2.14
C PHE E 51 -4.65 -69.06 -3.35
N LYS E 52 -4.81 -68.22 -4.36
CA LYS E 52 -4.00 -68.38 -5.57
C LYS E 52 -3.04 -67.23 -5.81
N LEU E 53 -2.45 -66.70 -4.76
CA LEU E 53 -1.58 -65.55 -4.95
C LEU E 53 -0.19 -65.84 -4.40
N GLY E 54 0.04 -67.10 -4.05
CA GLY E 54 1.30 -67.48 -3.47
C GLY E 54 1.57 -66.71 -2.19
N LEU E 55 0.52 -66.33 -1.46
CA LEU E 55 0.68 -65.71 -0.16
C LEU E 55 0.82 -66.81 0.87
N ASP E 56 1.65 -66.59 1.88
CA ASP E 56 1.84 -67.59 2.91
C ASP E 56 0.71 -67.58 3.90
N PHE E 57 0.18 -66.42 4.21
CA PHE E 57 -0.92 -66.35 5.18
C PHE E 57 -2.02 -65.48 4.63
N PRO E 58 -2.71 -66.01 3.61
CA PRO E 58 -3.59 -65.20 2.77
C PRO E 58 -4.38 -64.21 3.61
N ASN E 59 -4.26 -62.94 3.27
CA ASN E 59 -4.91 -61.93 4.04
C ASN E 59 -4.95 -60.63 3.27
N LEU E 60 -5.64 -59.64 3.84
CA LEU E 60 -5.68 -58.31 3.26
C LEU E 60 -5.35 -57.36 4.38
N PRO E 61 -4.47 -56.39 4.14
CA PRO E 61 -3.85 -56.14 2.85
C PRO E 61 -2.76 -57.14 2.54
N TYR E 62 -2.36 -57.22 1.27
CA TYR E 62 -1.13 -57.87 0.89
C TYR E 62 -0.34 -56.97 -0.06
N LEU E 63 0.96 -57.21 -0.13
CA LEU E 63 1.78 -56.49 -1.06
C LEU E 63 2.53 -57.51 -1.88
N ILE E 64 2.52 -57.33 -3.19
CA ILE E 64 3.28 -58.20 -4.08
C ILE E 64 4.38 -57.45 -4.82
N ASP E 65 5.61 -57.90 -4.66
CA ASP E 65 6.75 -57.18 -5.19
C ASP E 65 7.71 -58.18 -5.82
N GLY E 66 7.45 -58.52 -7.07
CA GLY E 66 8.13 -59.63 -7.72
C GLY E 66 8.02 -60.88 -6.85
N ALA E 67 9.17 -61.43 -6.46
CA ALA E 67 9.24 -62.73 -5.76
C ALA E 67 8.63 -62.62 -4.38
N HIS E 68 8.80 -61.46 -3.75
CA HIS E 68 8.31 -61.23 -2.40
C HIS E 68 6.78 -61.02 -2.35
N LYS E 69 6.09 -61.91 -1.64
CA LYS E 69 4.65 -61.81 -1.45
C LYS E 69 4.42 -61.62 0.03
N ILE E 70 3.90 -60.45 0.41
CA ILE E 70 3.78 -60.12 1.83
C ILE E 70 2.32 -59.94 2.33
N THR E 71 2.05 -60.38 3.55
CA THR E 71 0.82 -60.00 4.25
C THR E 71 1.13 -59.42 5.62
N GLN E 72 0.08 -59.00 6.34
CA GLN E 72 0.26 -58.36 7.64
C GLN E 72 0.67 -56.91 7.51
N SER E 73 -0.31 -56.03 7.68
CA SER E 73 -0.08 -54.63 7.42
C SER E 73 1.26 -54.11 7.96
N ASN E 74 1.60 -54.41 9.21
CA ASN E 74 2.86 -53.89 9.75
C ASN E 74 4.09 -54.44 9.03
N ALA E 75 4.00 -55.68 8.55
CA ALA E 75 5.07 -56.28 7.80
C ALA E 75 5.21 -55.57 6.45
N ILE E 76 4.10 -55.31 5.78
CA ILE E 76 4.18 -54.58 4.53
C ILE E 76 4.86 -53.25 4.81
N LEU E 77 4.44 -52.59 5.89
CA LEU E 77 5.02 -51.29 6.27
C LEU E 77 6.53 -51.31 6.51
N CYS E 78 7.03 -52.26 7.27
CA CYS E 78 8.46 -52.30 7.50
C CYS E 78 9.23 -52.73 6.27
N TYR E 79 8.62 -53.60 5.47
CA TYR E 79 9.27 -54.07 4.25
C TYR E 79 9.54 -52.90 3.33
N ILE E 80 8.52 -52.08 3.11
CA ILE E 80 8.70 -50.88 2.31
C ILE E 80 9.69 -49.93 2.99
N ALA E 81 9.45 -49.61 4.26
CA ALA E 81 10.30 -48.65 4.99
C ALA E 81 11.80 -48.99 4.87
N ARG E 82 12.10 -50.29 4.82
CA ARG E 82 13.48 -50.74 4.79
C ARG E 82 14.16 -50.34 3.50
N LYS E 83 13.45 -50.49 2.38
CA LYS E 83 13.98 -50.07 1.09
C LYS E 83 14.44 -48.61 1.10
N HIS E 84 14.01 -47.82 2.08
CA HIS E 84 14.26 -46.37 2.09
C HIS E 84 14.69 -45.84 3.44
N ASN E 85 15.34 -46.68 4.25
CA ASN E 85 15.83 -46.22 5.54
C ASN E 85 14.81 -45.53 6.45
N LEU E 86 13.73 -46.23 6.74
CA LEU E 86 12.69 -45.64 7.57
C LEU E 86 12.14 -46.63 8.63
N CYS E 87 12.96 -47.59 9.01
CA CYS E 87 12.58 -48.55 10.02
C CYS E 87 13.35 -48.23 11.28
N GLY E 88 14.04 -47.10 11.28
CA GLY E 88 14.78 -46.61 12.45
C GLY E 88 16.26 -46.95 12.50
N GLU E 89 17.08 -45.94 12.79
CA GLU E 89 18.54 -46.07 12.74
C GLU E 89 19.04 -46.63 14.06
N THR E 90 19.09 -45.78 15.08
CA THR E 90 19.71 -46.12 16.34
C THR E 90 18.91 -47.15 17.13
N GLU E 91 19.41 -47.51 18.30
CA GLU E 91 18.68 -48.45 19.16
C GLU E 91 17.45 -47.78 19.76
N GLU E 92 17.63 -46.56 20.27
CA GLU E 92 16.48 -45.83 20.79
C GLU E 92 15.40 -45.69 19.74
N GLU E 93 15.80 -45.41 18.51
CA GLU E 93 14.83 -45.23 17.43
C GLU E 93 14.02 -46.49 17.22
N LYS E 94 14.70 -47.64 17.22
CA LYS E 94 14.04 -48.92 17.05
C LYS E 94 13.04 -49.30 18.14
N ILE E 95 13.40 -49.05 19.39
CA ILE E 95 12.50 -49.32 20.51
C ILE E 95 11.22 -48.58 20.29
N ARG E 96 11.33 -47.27 20.09
CA ARG E 96 10.17 -46.43 19.87
C ARG E 96 9.34 -46.94 18.70
N VAL E 97 10.00 -47.25 17.60
CA VAL E 97 9.31 -47.84 16.45
C VAL E 97 8.53 -49.13 16.81
N ASP E 98 9.20 -50.08 17.44
CA ASP E 98 8.54 -51.32 17.85
C ASP E 98 7.31 -51.03 18.72
N ILE E 99 7.46 -50.12 19.69
CA ILE E 99 6.34 -49.81 20.57
C ILE E 99 5.16 -49.26 19.78
N LEU E 100 5.37 -48.14 19.11
CA LEU E 100 4.31 -47.49 18.36
C LEU E 100 3.68 -48.40 17.31
N GLU E 101 4.50 -49.21 16.66
CA GLU E 101 4.03 -50.17 15.68
C GLU E 101 2.87 -50.95 16.25
N ASN E 102 2.99 -51.37 17.49
CA ASN E 102 1.97 -52.21 18.09
C ASN E 102 0.94 -51.36 18.84
N GLN E 103 1.40 -50.26 19.43
CA GLN E 103 0.52 -49.35 20.15
C GLN E 103 -0.56 -48.79 19.23
N THR E 104 -0.17 -48.28 18.07
CA THR E 104 -1.17 -47.80 17.12
C THR E 104 -2.16 -48.89 16.68
N MET E 105 -1.62 -50.07 16.37
CA MET E 105 -2.45 -51.22 16.03
C MET E 105 -3.55 -51.48 17.07
N ASP E 106 -3.20 -51.33 18.33
CA ASP E 106 -4.15 -51.52 19.41
C ASP E 106 -5.22 -50.45 19.46
N ASN E 107 -4.83 -49.20 19.44
CA ASN E 107 -5.80 -48.12 19.46
C ASN E 107 -6.70 -48.14 18.23
N HIS E 108 -6.14 -48.57 17.09
CA HIS E 108 -6.94 -48.78 15.89
C HIS E 108 -7.93 -49.92 16.08
N MET E 109 -7.48 -51.11 16.50
CA MET E 109 -8.40 -52.21 16.83
CA MET E 109 -8.40 -52.20 16.82
C MET E 109 -9.55 -51.71 17.69
N GLN E 110 -9.21 -50.99 18.77
CA GLN E 110 -10.18 -50.48 19.71
C GLN E 110 -11.27 -49.66 19.05
N LEU E 111 -10.85 -48.70 18.24
CA LEU E 111 -11.80 -47.91 17.47
C LEU E 111 -12.65 -48.82 16.61
N GLY E 112 -11.98 -49.68 15.85
CA GLY E 112 -12.67 -50.54 14.91
C GLY E 112 -13.60 -51.52 15.59
N MET E 113 -13.34 -51.77 16.87
CA MET E 113 -14.16 -52.73 17.59
C MET E 113 -15.57 -52.19 17.84
N ILE E 114 -15.66 -50.92 18.20
CA ILE E 114 -16.97 -50.37 18.48
C ILE E 114 -17.66 -49.95 17.19
N CYS E 115 -16.88 -49.45 16.24
CA CYS E 115 -17.46 -49.01 14.97
C CYS E 115 -17.99 -50.16 14.13
N TYR E 116 -17.69 -51.38 14.55
CA TYR E 116 -18.25 -52.55 13.87
C TYR E 116 -19.27 -53.22 14.77
N ASN E 117 -19.38 -52.74 15.99
CA ASN E 117 -20.30 -53.30 17.00
C ASN E 117 -21.68 -52.68 16.86
N PRO E 118 -22.72 -53.52 16.63
CA PRO E 118 -24.13 -53.08 16.60
C PRO E 118 -24.49 -52.17 17.77
N GLU E 119 -23.90 -52.43 18.93
CA GLU E 119 -24.15 -51.62 20.12
C GLU E 119 -23.53 -50.22 20.01
N PHE E 120 -22.95 -49.91 18.85
CA PHE E 120 -22.12 -48.72 18.69
C PHE E 120 -22.58 -47.54 19.56
N GLU E 121 -23.88 -47.25 19.54
CA GLU E 121 -24.35 -46.04 20.15
C GLU E 121 -24.19 -45.98 21.68
N LYS E 122 -24.29 -47.14 22.34
CA LYS E 122 -24.21 -47.21 23.81
C LYS E 122 -22.75 -47.23 24.28
N LEU E 123 -21.89 -47.85 23.49
CA LEU E 123 -20.48 -47.95 23.80
C LEU E 123 -19.76 -46.61 23.63
N LYS E 124 -20.29 -45.79 22.71
CA LYS E 124 -19.67 -44.52 22.33
C LYS E 124 -19.31 -43.58 23.50
N PRO E 125 -20.25 -43.33 24.44
CA PRO E 125 -19.97 -42.44 25.61
C PRO E 125 -18.74 -42.85 26.40
N LYS E 126 -18.62 -44.15 26.68
CA LYS E 126 -17.48 -44.70 27.43
C LYS E 126 -16.16 -44.55 26.65
N TYR E 127 -16.19 -44.88 25.37
CA TYR E 127 -15.03 -44.73 24.49
C TYR E 127 -14.58 -43.27 24.38
N LEU E 128 -15.53 -42.33 24.35
CA LEU E 128 -15.21 -40.91 24.32
C LEU E 128 -14.69 -40.44 25.66
N GLU E 129 -15.15 -41.04 26.75
CA GLU E 129 -14.65 -40.73 28.08
C GLU E 129 -13.14 -40.92 28.13
N GLU E 130 -12.70 -42.01 27.51
CA GLU E 130 -11.35 -42.51 27.66
C GLU E 130 -10.41 -42.00 26.57
N LEU E 131 -10.96 -41.43 25.51
CA LEU E 131 -10.16 -40.94 24.41
C LEU E 131 -9.11 -39.93 24.83
N PRO E 132 -9.47 -38.88 25.59
CA PRO E 132 -8.44 -37.89 25.91
C PRO E 132 -7.19 -38.55 26.49
N GLU E 133 -7.39 -39.54 27.34
CA GLU E 133 -6.27 -40.25 27.91
C GLU E 133 -5.36 -40.83 26.84
N LYS E 134 -5.93 -41.59 25.92
CA LYS E 134 -5.16 -42.18 24.83
C LYS E 134 -4.34 -41.18 24.06
N LEU E 135 -4.97 -40.06 23.70
CA LEU E 135 -4.29 -38.98 23.00
C LEU E 135 -3.22 -38.31 23.87
N LYS E 136 -3.45 -38.25 25.18
CA LYS E 136 -2.43 -37.65 26.02
C LYS E 136 -1.14 -38.44 25.91
N LEU E 137 -1.26 -39.77 25.95
CA LEU E 137 -0.09 -40.63 25.84
C LEU E 137 0.72 -40.34 24.59
N TYR E 138 0.04 -40.18 23.45
CA TYR E 138 0.74 -39.82 22.23
C TYR E 138 1.43 -38.46 22.38
N SER E 139 0.69 -37.46 22.81
CA SER E 139 1.28 -36.14 22.97
C SER E 139 2.53 -36.19 23.81
N GLU E 140 2.43 -36.73 25.01
CA GLU E 140 3.58 -36.80 25.85
C GLU E 140 4.68 -37.61 25.19
N PHE E 141 4.32 -38.66 24.48
CA PHE E 141 5.34 -39.51 23.87
C PHE E 141 6.08 -38.78 22.78
N LEU E 142 5.36 -38.00 21.98
CA LEU E 142 6.01 -37.22 20.94
C LEU E 142 6.85 -36.12 21.58
N GLY E 143 6.27 -35.42 22.54
CA GLY E 143 6.97 -34.37 23.26
C GLY E 143 7.33 -33.23 22.33
N LYS E 144 8.64 -32.94 22.24
CA LYS E 144 9.13 -31.79 21.48
C LYS E 144 9.76 -32.22 20.15
N ARG E 145 9.86 -33.54 19.94
CA ARG E 145 10.39 -34.09 18.69
C ARG E 145 9.53 -33.76 17.51
N PRO E 146 10.15 -33.62 16.34
CA PRO E 146 9.46 -33.46 15.06
C PRO E 146 8.76 -34.74 14.61
N TRP E 147 9.28 -35.89 15.01
CA TRP E 147 8.67 -37.16 14.62
C TRP E 147 8.67 -38.07 15.82
N PHE E 148 7.92 -39.15 15.74
CA PHE E 148 7.75 -40.03 16.87
C PHE E 148 8.97 -40.87 17.18
N ALA E 149 9.73 -41.20 16.15
CA ALA E 149 10.98 -41.93 16.34
C ALA E 149 12.05 -41.03 16.97
N GLY E 150 12.03 -39.75 16.64
CA GLY E 150 13.07 -38.81 17.06
C GLY E 150 13.18 -37.68 16.06
N ASN E 151 14.36 -37.50 15.47
CA ASN E 151 14.59 -36.42 14.48
C ASN E 151 14.34 -36.80 13.03
N LYS E 152 14.37 -38.09 12.74
CA LYS E 152 14.10 -38.57 11.40
C LYS E 152 12.68 -39.06 11.37
N ILE E 153 12.01 -38.77 10.27
CA ILE E 153 10.72 -39.36 9.99
C ILE E 153 10.92 -40.87 9.82
N THR E 154 9.94 -41.66 10.24
CA THR E 154 9.98 -43.11 10.05
C THR E 154 8.58 -43.63 9.77
N PHE E 155 8.45 -44.91 9.44
CA PHE E 155 7.15 -45.47 9.07
C PHE E 155 6.07 -45.44 10.16
N VAL E 156 6.44 -45.38 11.43
CA VAL E 156 5.43 -45.31 12.46
C VAL E 156 4.72 -43.97 12.44
N ASP E 157 5.35 -42.97 11.85
CA ASP E 157 4.72 -41.65 11.79
C ASP E 157 3.48 -41.76 10.96
N PHE E 158 3.53 -42.64 9.97
CA PHE E 158 2.36 -42.94 9.14
C PHE E 158 1.27 -43.62 9.95
N LEU E 159 1.64 -44.63 10.71
CA LEU E 159 0.68 -45.26 11.58
C LEU E 159 0.08 -44.29 12.59
N VAL E 160 0.91 -43.53 13.30
CA VAL E 160 0.38 -42.58 14.29
C VAL E 160 -0.50 -41.54 13.62
N TYR E 161 -0.07 -41.05 12.48
CA TYR E 161 -0.90 -40.07 11.79
C TYR E 161 -2.29 -40.65 11.55
N ASP E 162 -2.36 -41.84 10.97
CA ASP E 162 -3.64 -42.39 10.57
C ASP E 162 -4.58 -42.47 11.75
N VAL E 163 -4.07 -42.96 12.85
CA VAL E 163 -4.83 -43.03 14.08
C VAL E 163 -5.29 -41.67 14.58
N LEU E 164 -4.40 -40.69 14.55
CA LEU E 164 -4.83 -39.35 14.96
C LEU E 164 -5.89 -38.77 14.02
N ASP E 165 -5.65 -38.86 12.71
CA ASP E 165 -6.59 -38.36 11.73
C ASP E 165 -7.95 -38.98 11.94
N LEU E 166 -7.97 -40.31 12.04
CA LEU E 166 -9.21 -41.06 12.24
C LEU E 166 -10.04 -40.48 13.36
N HIS E 167 -9.40 -40.14 14.47
CA HIS E 167 -10.11 -39.59 15.60
C HIS E 167 -10.64 -38.18 15.46
N ARG E 168 -9.87 -37.32 14.80
CA ARG E 168 -10.30 -35.95 14.58
C ARG E 168 -11.59 -36.03 13.77
N ILE E 169 -11.66 -37.06 12.93
CA ILE E 169 -12.80 -37.32 12.09
C ILE E 169 -13.91 -37.77 13.02
N PHE E 170 -13.56 -38.64 13.96
CA PHE E 170 -14.51 -39.16 14.92
C PHE E 170 -14.91 -38.09 15.93
N GLU E 171 -13.90 -37.48 16.56
CA GLU E 171 -14.14 -36.44 17.56
C GLU E 171 -13.29 -35.21 17.27
N PRO E 172 -13.75 -34.37 16.35
CA PRO E 172 -13.06 -33.13 15.96
C PRO E 172 -12.18 -32.55 17.06
N LYS E 173 -12.80 -31.95 18.06
CA LYS E 173 -12.09 -31.40 19.22
C LYS E 173 -11.45 -32.50 20.04
N CYS E 174 -10.74 -33.41 19.37
CA CYS E 174 -10.07 -34.51 20.05
C CYS E 174 -8.56 -34.29 20.11
N LEU E 175 -8.11 -33.18 19.55
CA LEU E 175 -6.70 -32.84 19.53
C LEU E 175 -6.47 -31.39 19.96
N ASP E 176 -7.56 -30.66 20.16
CA ASP E 176 -7.49 -29.26 20.57
C ASP E 176 -6.72 -29.10 21.87
N ALA E 177 -6.73 -30.16 22.69
CA ALA E 177 -6.04 -30.13 23.98
C ALA E 177 -4.61 -30.65 23.84
N PHE E 178 -4.07 -30.55 22.62
CA PHE E 178 -2.71 -31.01 22.35
C PHE E 178 -2.13 -30.32 21.11
N PRO E 179 -1.49 -29.18 21.31
CA PRO E 179 -0.90 -28.43 20.21
C PRO E 179 0.06 -29.27 19.40
N ASN E 180 1.01 -29.93 20.08
CA ASN E 180 2.10 -30.63 19.42
C ASN E 180 1.63 -31.74 18.47
N LEU E 181 0.46 -32.29 18.76
CA LEU E 181 -0.11 -33.32 17.91
C LEU E 181 -0.72 -32.69 16.67
N LYS E 182 -1.33 -31.51 16.82
CA LYS E 182 -1.84 -30.80 15.65
C LYS E 182 -0.68 -30.34 14.77
N ASP E 183 0.41 -29.93 15.41
CA ASP E 183 1.63 -29.60 14.69
C ASP E 183 2.16 -30.79 13.92
N PHE E 184 2.00 -31.98 14.50
CA PHE E 184 2.44 -33.18 13.87
C PHE E 184 1.60 -33.41 12.60
N ILE E 185 0.29 -33.24 12.74
CA ILE E 185 -0.58 -33.39 11.59
C ILE E 185 -0.25 -32.39 10.48
N SER E 186 0.11 -31.17 10.89
CA SER E 186 0.60 -30.20 9.95
C SER E 186 1.84 -30.69 9.20
N ARG E 187 2.92 -30.92 9.95
CA ARG E 187 4.16 -31.43 9.37
C ARG E 187 3.90 -32.55 8.36
N PHE E 188 3.10 -33.53 8.78
CA PHE E 188 2.92 -34.72 7.98
C PHE E 188 2.16 -34.43 6.69
N GLU E 189 1.01 -33.75 6.81
CA GLU E 189 0.23 -33.38 5.62
C GLU E 189 0.98 -32.28 4.84
N GLY E 190 1.91 -31.61 5.53
CA GLY E 190 2.77 -30.60 4.94
C GLY E 190 3.87 -31.19 4.08
N LEU E 191 4.11 -32.48 4.25
CA LEU E 191 5.10 -33.16 3.44
C LEU E 191 4.66 -33.13 1.99
N GLU E 192 5.61 -32.81 1.12
CA GLU E 192 5.32 -32.53 -0.27
C GLU E 192 4.55 -33.64 -0.97
N LYS E 193 5.12 -34.84 -1.03
CA LYS E 193 4.49 -35.97 -1.72
C LYS E 193 3.16 -36.32 -1.05
N ILE E 194 3.06 -36.08 0.25
CA ILE E 194 1.83 -36.38 0.99
C ILE E 194 0.76 -35.41 0.49
N SER E 195 1.12 -34.12 0.51
CA SER E 195 0.23 -33.07 0.06
C SER E 195 -0.23 -33.33 -1.38
N ALA E 196 0.72 -33.48 -2.29
CA ALA E 196 0.39 -33.78 -3.68
C ALA E 196 -0.60 -34.93 -3.76
N TYR E 197 -0.30 -36.02 -3.05
CA TYR E 197 -1.11 -37.24 -3.09
C TYR E 197 -2.52 -36.98 -2.57
N MET E 198 -2.60 -36.24 -1.46
CA MET E 198 -3.89 -35.91 -0.88
C MET E 198 -4.76 -35.13 -1.88
N LYS E 199 -4.12 -34.36 -2.76
CA LYS E 199 -4.86 -33.62 -3.80
C LYS E 199 -5.15 -34.49 -5.01
N SER E 200 -4.44 -35.59 -5.17
CA SER E 200 -4.63 -36.44 -6.33
C SER E 200 -5.99 -37.15 -6.27
N SER E 201 -6.39 -37.73 -7.39
CA SER E 201 -7.61 -38.51 -7.46
C SER E 201 -7.35 -39.93 -6.94
N ARG E 202 -6.12 -40.19 -6.51
CA ARG E 202 -5.82 -41.49 -5.89
C ARG E 202 -6.17 -41.53 -4.39
N PHE E 203 -6.25 -40.35 -3.77
CA PHE E 203 -6.58 -40.23 -2.35
C PHE E 203 -7.89 -40.94 -2.03
N LEU E 204 -7.90 -41.71 -0.94
CA LEU E 204 -9.09 -42.49 -0.59
C LEU E 204 -9.31 -42.50 0.93
N PRO E 205 -9.84 -41.40 1.46
CA PRO E 205 -10.01 -41.20 2.92
C PRO E 205 -11.25 -41.88 3.49
N ARG E 206 -12.12 -42.41 2.62
CA ARG E 206 -13.36 -43.04 3.06
C ARG E 206 -13.95 -43.92 1.95
N PRO E 207 -14.71 -44.96 2.32
CA PRO E 207 -15.08 -45.36 3.68
C PRO E 207 -13.85 -45.58 4.58
N VAL E 208 -13.99 -45.33 5.88
CA VAL E 208 -12.97 -45.69 6.86
C VAL E 208 -12.92 -47.21 7.11
N PHE E 209 -14.08 -47.81 7.36
CA PHE E 209 -14.15 -49.26 7.55
C PHE E 209 -15.02 -49.91 6.47
N SER E 210 -15.09 -51.25 6.48
CA SER E 210 -15.88 -52.00 5.52
C SER E 210 -17.38 -51.79 5.73
N LYS E 211 -18.18 -52.36 4.84
CA LYS E 211 -19.62 -52.10 4.84
C LYS E 211 -20.32 -52.61 6.10
N MET E 212 -19.78 -53.69 6.67
CA MET E 212 -20.33 -54.28 7.91
C MET E 212 -20.43 -53.25 9.04
N ALA E 213 -19.85 -52.08 8.85
CA ALA E 213 -19.70 -51.14 9.95
C ALA E 213 -20.97 -50.35 10.28
N VAL E 214 -21.05 -49.87 11.50
CA VAL E 214 -22.11 -48.97 11.94
C VAL E 214 -21.67 -47.52 11.76
N TRP E 215 -20.37 -47.27 11.85
CA TRP E 215 -19.81 -45.92 11.68
C TRP E 215 -18.64 -45.97 10.70
N GLY E 216 -18.55 -44.95 9.84
CA GLY E 216 -17.46 -44.85 8.87
C GLY E 216 -17.51 -45.98 7.85
N ASN E 217 -18.68 -46.58 7.72
CA ASN E 217 -18.96 -47.59 6.71
C ASN E 217 -19.36 -46.91 5.42
N LYS E 218 -19.60 -45.60 5.56
CA LYS E 218 -20.07 -44.75 4.48
C LYS E 218 -18.92 -43.91 3.91
N MET F 1 22.15 -54.41 37.58
CA MET F 1 20.68 -54.61 37.74
C MET F 1 20.11 -55.73 36.86
N PRO F 2 19.33 -56.65 37.45
CA PRO F 2 18.52 -57.51 36.59
C PRO F 2 17.36 -56.76 35.93
N MET F 3 16.84 -57.28 34.83
CA MET F 3 15.68 -56.67 34.18
C MET F 3 14.42 -57.08 34.92
N ILE F 4 13.45 -56.18 34.98
CA ILE F 4 12.15 -56.52 35.54
C ILE F 4 11.16 -56.80 34.41
N LEU F 5 10.50 -57.93 34.50
CA LEU F 5 9.40 -58.24 33.60
C LEU F 5 8.11 -58.19 34.41
N GLY F 6 7.22 -57.27 34.06
CA GLY F 6 5.96 -57.15 34.78
C GLY F 6 4.81 -57.79 34.03
N TYR F 7 3.98 -58.55 34.75
CA TYR F 7 2.82 -59.17 34.15
C TYR F 7 1.94 -59.77 35.23
N TRP F 8 0.71 -60.12 34.88
CA TRP F 8 -0.17 -60.87 35.76
C TRP F 8 0.49 -62.19 36.12
N ASP F 9 0.05 -62.78 37.23
CA ASP F 9 0.57 -64.06 37.70
C ASP F 9 0.08 -65.18 36.82
N ILE F 10 0.13 -65.01 35.50
CA ILE F 10 -0.35 -66.03 34.57
C ILE F 10 0.59 -66.17 33.42
N ARG F 11 0.25 -67.08 32.50
CA ARG F 11 0.99 -67.30 31.26
C ARG F 11 0.77 -66.15 30.29
N GLY F 12 -0.44 -66.09 29.72
CA GLY F 12 -0.80 -65.03 28.80
C GLY F 12 0.28 -64.64 27.83
N LEU F 13 0.54 -63.34 27.72
CA LEU F 13 1.41 -62.79 26.69
C LEU F 13 2.89 -62.78 27.07
N ALA F 14 3.22 -63.32 28.23
CA ALA F 14 4.59 -63.25 28.79
C ALA F 14 5.35 -64.53 28.50
N HIS F 15 4.60 -65.54 28.11
CA HIS F 15 5.18 -66.85 27.89
C HIS F 15 6.36 -66.82 26.93
N ALA F 16 6.17 -66.24 25.75
CA ALA F 16 7.28 -66.16 24.81
C ALA F 16 8.41 -65.35 25.39
N ILE F 17 8.08 -64.28 26.09
CA ILE F 17 9.12 -63.46 26.69
C ILE F 17 9.92 -64.24 27.74
N ARG F 18 9.22 -64.93 28.64
CA ARG F 18 9.91 -65.73 29.64
C ARG F 18 10.83 -66.73 28.97
N LEU F 19 10.28 -67.55 28.09
CA LEU F 19 11.09 -68.50 27.33
C LEU F 19 12.28 -67.81 26.66
N LEU F 20 12.06 -66.68 26.03
CA LEU F 20 13.16 -66.04 25.35
C LEU F 20 14.20 -65.60 26.37
N LEU F 21 13.73 -65.01 27.46
CA LEU F 21 14.62 -64.56 28.51
C LEU F 21 15.56 -65.67 28.98
N GLU F 22 15.01 -66.86 29.19
CA GLU F 22 15.77 -68.01 29.64
C GLU F 22 16.73 -68.48 28.57
N TYR F 23 16.25 -68.53 27.33
CA TYR F 23 17.09 -69.03 26.25
C TYR F 23 18.32 -68.16 26.04
N THR F 24 18.13 -66.85 26.16
CA THR F 24 19.20 -65.89 25.97
C THR F 24 20.05 -65.77 27.23
N ASP F 25 19.64 -66.44 28.29
CA ASP F 25 20.40 -66.43 29.51
C ASP F 25 20.34 -65.06 30.14
N SER F 26 19.34 -64.28 29.75
CA SER F 26 19.18 -62.91 30.23
C SER F 26 18.85 -62.81 31.72
N SER F 27 19.64 -62.01 32.43
CA SER F 27 19.44 -61.80 33.86
C SER F 27 18.13 -61.05 34.02
N TYR F 28 17.29 -61.49 34.94
CA TYR F 28 16.00 -60.84 35.16
C TYR F 28 15.22 -61.36 36.38
N GLU F 29 14.32 -60.53 36.90
CA GLU F 29 13.29 -61.01 37.81
C GLU F 29 11.93 -60.57 37.26
N GLU F 30 10.88 -61.20 37.77
CA GLU F 30 9.51 -60.89 37.42
C GLU F 30 8.81 -60.13 38.55
N LYS F 31 8.10 -59.08 38.17
CA LYS F 31 7.18 -58.42 39.10
C LYS F 31 5.79 -58.90 38.74
N LYS F 32 5.28 -59.87 39.48
CA LYS F 32 3.97 -60.48 39.20
C LYS F 32 2.84 -59.74 39.91
N TYR F 33 1.74 -59.53 39.20
CA TYR F 33 0.61 -58.80 39.74
C TYR F 33 -0.55 -59.77 39.84
N THR F 34 -1.24 -59.76 40.98
CA THR F 34 -2.39 -60.64 41.18
C THR F 34 -3.71 -59.94 40.90
N MET F 35 -4.66 -60.71 40.40
CA MET F 35 -5.97 -60.21 40.07
C MET F 35 -7.01 -60.82 41.01
N GLY F 36 -7.93 -59.99 41.47
CA GLY F 36 -8.99 -60.41 42.38
C GLY F 36 -9.95 -61.40 41.73
N ASP F 37 -10.89 -61.93 42.53
CA ASP F 37 -11.89 -62.88 42.05
C ASP F 37 -13.16 -62.17 41.59
N ALA F 38 -14.10 -62.92 41.01
CA ALA F 38 -15.37 -62.34 40.59
C ALA F 38 -16.05 -61.71 41.79
N PRO F 39 -16.90 -60.69 41.55
CA PRO F 39 -17.29 -60.17 40.24
C PRO F 39 -16.52 -58.90 39.81
N ASP F 40 -15.64 -58.38 40.66
CA ASP F 40 -14.87 -57.19 40.31
C ASP F 40 -13.61 -57.54 39.54
N TYR F 41 -13.00 -58.67 39.86
CA TYR F 41 -11.70 -58.98 39.32
C TYR F 41 -10.82 -57.77 39.56
N ASP F 42 -10.68 -57.40 40.83
CA ASP F 42 -9.92 -56.22 41.19
C ASP F 42 -8.51 -56.23 40.61
N ARG F 43 -8.06 -55.10 40.08
CA ARG F 43 -6.71 -55.01 39.51
C ARG F 43 -5.97 -53.81 40.05
N SER F 44 -6.31 -53.42 41.26
CA SER F 44 -5.70 -52.27 41.91
C SER F 44 -4.23 -52.50 42.24
N GLN F 45 -3.84 -53.76 42.42
CA GLN F 45 -2.44 -54.04 42.68
C GLN F 45 -1.58 -53.53 41.52
N TRP F 46 -2.11 -53.64 40.30
CA TRP F 46 -1.41 -53.16 39.12
C TRP F 46 -1.72 -51.69 38.88
N LEU F 47 -2.99 -51.33 39.08
CA LEU F 47 -3.46 -49.95 38.88
C LEU F 47 -2.84 -48.91 39.81
N ASN F 48 -2.53 -49.32 41.03
CA ASN F 48 -1.82 -48.45 41.95
C ASN F 48 -0.42 -48.08 41.44
N GLU F 49 0.08 -48.81 40.45
CA GLU F 49 1.47 -48.70 40.06
C GLU F 49 1.60 -48.36 38.59
N LYS F 50 0.50 -48.53 37.85
CA LYS F 50 0.45 -48.39 36.39
C LYS F 50 1.13 -47.13 35.85
N PHE F 51 0.86 -46.00 36.49
CA PHE F 51 1.33 -44.76 35.92
C PHE F 51 2.61 -44.25 36.56
N LYS F 52 3.18 -45.02 37.49
CA LYS F 52 4.38 -44.59 38.17
C LYS F 52 5.59 -45.44 37.81
N LEU F 53 5.71 -45.86 36.57
CA LEU F 53 6.84 -46.71 36.23
C LEU F 53 7.64 -46.13 35.09
N GLY F 54 7.32 -44.90 34.74
CA GLY F 54 7.98 -44.23 33.64
C GLY F 54 7.76 -44.96 32.33
N LEU F 55 6.61 -45.62 32.19
CA LEU F 55 6.33 -46.29 30.95
C LEU F 55 5.62 -45.30 30.07
N ASP F 56 5.89 -45.35 28.76
CA ASP F 56 5.26 -44.43 27.82
C ASP F 56 3.84 -44.82 27.49
N PHE F 57 3.58 -46.11 27.39
CA PHE F 57 2.20 -46.54 27.16
C PHE F 57 1.85 -47.63 28.18
N PRO F 58 1.64 -47.21 29.43
CA PRO F 58 1.51 -48.12 30.53
C PRO F 58 0.70 -49.33 30.10
N ASN F 59 1.30 -50.50 30.22
CA ASN F 59 0.64 -51.72 29.85
C ASN F 59 1.31 -52.93 30.51
N LEU F 60 0.70 -54.09 30.31
CA LEU F 60 1.29 -55.35 30.71
C LEU F 60 1.27 -56.25 29.50
N PRO F 61 2.38 -56.95 29.22
CA PRO F 61 3.59 -56.95 30.00
C PRO F 61 4.39 -55.68 29.79
N TYR F 62 5.35 -55.45 30.67
CA TYR F 62 6.35 -54.45 30.42
C TYR F 62 7.69 -55.03 30.79
N LEU F 63 8.74 -54.51 30.19
CA LEU F 63 10.10 -54.84 30.58
C LEU F 63 10.86 -53.59 31.01
N ILE F 64 11.55 -53.68 32.13
CA ILE F 64 12.36 -52.56 32.56
C ILE F 64 13.82 -52.97 32.59
N ASP F 65 14.65 -52.25 31.86
CA ASP F 65 16.05 -52.57 31.72
C ASP F 65 16.87 -51.30 31.86
N GLY F 66 17.18 -50.94 33.09
CA GLY F 66 17.80 -49.66 33.38
C GLY F 66 16.96 -48.55 32.79
N ALA F 67 17.58 -47.77 31.90
CA ALA F 67 16.93 -46.58 31.35
C ALA F 67 15.77 -46.95 30.44
N HIS F 68 15.90 -48.09 29.77
CA HIS F 68 14.90 -48.50 28.81
C HIS F 68 13.70 -49.10 29.50
N LYS F 69 12.55 -48.47 29.30
CA LYS F 69 11.28 -48.94 29.84
C LYS F 69 10.35 -49.29 28.69
N ILE F 70 10.05 -50.57 28.54
CA ILE F 70 9.36 -51.03 27.34
C ILE F 70 7.98 -51.63 27.59
N THR F 71 7.01 -51.35 26.70
CA THR F 71 5.75 -52.09 26.70
C THR F 71 5.45 -52.65 25.33
N GLN F 72 4.35 -53.39 25.20
CA GLN F 72 4.01 -54.08 23.93
C GLN F 72 4.78 -55.36 23.70
N SER F 73 4.13 -56.47 23.98
CA SER F 73 4.84 -57.74 24.03
C SER F 73 5.77 -57.93 22.87
N ASN F 74 5.37 -57.64 21.64
CA ASN F 74 6.31 -57.86 20.52
C ASN F 74 7.55 -56.98 20.58
N ALA F 75 7.39 -55.77 21.10
CA ALA F 75 8.49 -54.84 21.31
C ALA F 75 9.47 -55.39 22.33
N ILE F 76 8.95 -55.91 23.44
CA ILE F 76 9.81 -56.51 24.43
C ILE F 76 10.58 -57.62 23.77
N LEU F 77 9.87 -58.43 23.00
CA LEU F 77 10.50 -59.54 22.30
C LEU F 77 11.63 -59.16 21.34
N CYS F 78 11.44 -58.19 20.48
CA CYS F 78 12.51 -57.81 19.57
C CYS F 78 13.62 -57.05 20.28
N TYR F 79 13.28 -56.35 21.35
CA TYR F 79 14.29 -55.63 22.13
C TYR F 79 15.29 -56.58 22.73
N ILE F 80 14.79 -57.65 23.35
CA ILE F 80 15.65 -58.70 23.86
C ILE F 80 16.36 -59.41 22.71
N ALA F 81 15.60 -59.88 21.72
CA ALA F 81 16.21 -60.62 20.62
C ALA F 81 17.41 -59.88 20.01
N ARG F 82 17.34 -58.56 19.99
CA ARG F 82 18.38 -57.75 19.36
C ARG F 82 19.70 -57.87 20.10
N LYS F 83 19.65 -57.81 21.43
CA LYS F 83 20.83 -57.99 22.24
C LYS F 83 21.56 -59.28 21.92
N HIS F 84 20.92 -60.22 21.22
CA HIS F 84 21.49 -61.56 20.98
C HIS F 84 21.33 -62.08 19.55
N ASN F 85 21.25 -61.17 18.58
CA ASN F 85 21.14 -61.56 17.17
C ASN F 85 20.02 -62.54 16.85
N LEU F 86 18.80 -62.18 17.20
CA LEU F 86 17.67 -63.07 16.97
C LEU F 86 16.44 -62.36 16.42
N CYS F 87 16.68 -61.25 15.76
CA CYS F 87 15.63 -60.49 15.14
C CYS F 87 15.71 -60.69 13.64
N GLY F 88 16.59 -61.60 13.20
CA GLY F 88 16.72 -61.96 11.78
C GLY F 88 17.86 -61.27 11.04
N GLU F 89 18.65 -62.06 10.30
CA GLU F 89 19.85 -61.57 9.63
C GLU F 89 19.51 -60.97 8.28
N THR F 90 19.23 -61.84 7.31
CA THR F 90 19.03 -61.46 5.92
C THR F 90 17.73 -60.71 5.73
N GLU F 91 17.44 -60.34 4.49
CA GLU F 91 16.18 -59.68 4.17
C GLU F 91 15.04 -60.70 4.22
N GLU F 92 15.24 -61.86 3.62
CA GLU F 92 14.22 -62.91 3.66
C GLU F 92 13.87 -63.27 5.10
N GLU F 93 14.89 -63.36 5.96
CA GLU F 93 14.67 -63.69 7.36
C GLU F 93 13.77 -62.67 8.01
N LYS F 94 13.99 -61.39 7.71
CA LYS F 94 13.23 -60.31 8.32
C LYS F 94 11.77 -60.29 7.89
N ILE F 95 11.53 -60.54 6.62
CA ILE F 95 10.17 -60.57 6.11
C ILE F 95 9.40 -61.61 6.87
N ARG F 96 9.93 -62.83 6.88
CA ARG F 96 9.28 -63.91 7.59
C ARG F 96 9.03 -63.53 9.05
N VAL F 97 10.04 -62.97 9.70
CA VAL F 97 9.89 -62.50 11.07
C VAL F 97 8.75 -61.50 11.24
N ASP F 98 8.72 -60.47 10.41
CA ASP F 98 7.66 -59.46 10.52
C ASP F 98 6.29 -60.09 10.34
N ILE F 99 6.15 -60.99 9.36
CA ILE F 99 4.88 -61.67 9.14
C ILE F 99 4.46 -62.46 10.39
N LEU F 100 5.27 -63.45 10.78
CA LEU F 100 4.94 -64.31 11.91
C LEU F 100 4.70 -63.53 13.21
N GLU F 101 5.46 -62.45 13.39
CA GLU F 101 5.31 -61.59 14.54
C GLU F 101 3.86 -61.17 14.71
N ASN F 102 3.23 -60.75 13.62
CA ASN F 102 1.85 -60.30 13.63
C ASN F 102 0.87 -61.44 13.43
N GLN F 103 1.23 -62.41 12.58
CA GLN F 103 0.41 -63.59 12.38
C GLN F 103 0.11 -64.33 13.69
N THR F 104 1.15 -64.62 14.49
CA THR F 104 0.92 -65.31 15.75
C THR F 104 0.03 -64.51 16.68
N MET F 105 0.30 -63.21 16.78
CA MET F 105 -0.51 -62.29 17.60
C MET F 105 -1.98 -62.39 17.21
N ASP F 106 -2.27 -62.49 15.92
CA ASP F 106 -3.64 -62.68 15.47
C ASP F 106 -4.26 -64.00 15.93
N ASN F 107 -3.60 -65.11 15.64
CA ASN F 107 -4.16 -66.38 16.04
C ASN F 107 -4.30 -66.47 17.57
N HIS F 108 -3.43 -65.77 18.28
CA HIS F 108 -3.54 -65.69 19.72
C HIS F 108 -4.76 -64.89 20.16
N MET F 109 -4.91 -63.67 19.66
CA MET F 109 -6.13 -62.88 19.88
CA MET F 109 -6.12 -62.90 19.95
C MET F 109 -7.37 -63.72 19.65
N GLN F 110 -7.36 -64.47 18.53
CA GLN F 110 -8.51 -65.27 18.15
C GLN F 110 -8.88 -66.32 19.17
N LEU F 111 -7.88 -67.06 19.64
CA LEU F 111 -8.10 -68.02 20.69
C LEU F 111 -8.62 -67.31 21.91
N GLY F 112 -7.93 -66.25 22.32
CA GLY F 112 -8.30 -65.54 23.53
C GLY F 112 -9.65 -64.89 23.46
N MET F 113 -10.14 -64.66 22.24
CA MET F 113 -11.40 -63.99 22.09
C MET F 113 -12.53 -64.89 22.51
N ILE F 114 -12.45 -66.17 22.16
CA ILE F 114 -13.49 -67.07 22.55
C ILE F 114 -13.34 -67.58 23.98
N CYS F 115 -12.10 -67.80 24.41
CA CYS F 115 -11.84 -68.24 25.77
C CYS F 115 -12.19 -67.19 26.84
N TYR F 116 -12.47 -65.96 26.43
CA TYR F 116 -12.89 -64.93 27.37
C TYR F 116 -14.37 -64.62 27.15
N ASN F 117 -14.94 -65.20 26.10
CA ASN F 117 -16.32 -64.95 25.73
C ASN F 117 -17.22 -65.91 26.47
N PRO F 118 -18.15 -65.37 27.27
CA PRO F 118 -19.16 -66.15 27.96
C PRO F 118 -19.82 -67.22 27.06
N GLU F 119 -19.99 -66.94 25.78
CA GLU F 119 -20.61 -67.86 24.82
C GLU F 119 -19.68 -69.02 24.49
N PHE F 120 -18.54 -69.08 25.17
CA PHE F 120 -17.46 -70.00 24.81
C PHE F 120 -17.93 -71.33 24.23
N GLU F 121 -18.91 -71.96 24.87
CA GLU F 121 -19.31 -73.30 24.47
C GLU F 121 -19.95 -73.40 23.08
N LYS F 122 -20.70 -72.40 22.66
CA LYS F 122 -21.35 -72.38 21.35
C LYS F 122 -20.37 -72.02 20.23
N LEU F 123 -19.40 -71.16 20.55
CA LEU F 123 -18.43 -70.72 19.56
C LEU F 123 -17.40 -71.82 19.26
N LYS F 124 -17.21 -72.70 20.23
CA LYS F 124 -16.12 -73.68 20.16
C LYS F 124 -16.17 -74.57 18.92
N PRO F 125 -17.36 -75.10 18.54
CA PRO F 125 -17.46 -75.96 17.35
C PRO F 125 -16.93 -75.30 16.08
N LYS F 126 -17.33 -74.06 15.86
CA LYS F 126 -16.90 -73.32 14.68
C LYS F 126 -15.38 -73.06 14.71
N TYR F 127 -14.86 -72.67 15.87
CA TYR F 127 -13.43 -72.41 16.02
C TYR F 127 -12.65 -73.68 15.76
N LEU F 128 -13.17 -74.81 16.22
CA LEU F 128 -12.52 -76.11 16.01
C LEU F 128 -12.61 -76.56 14.55
N GLU F 129 -13.68 -76.18 13.87
CA GLU F 129 -13.83 -76.44 12.44
C GLU F 129 -12.66 -75.87 11.66
N GLU F 130 -12.24 -74.68 12.06
CA GLU F 130 -11.34 -73.86 11.26
C GLU F 130 -9.89 -74.03 11.69
N LEU F 131 -9.68 -74.64 12.85
CA LEU F 131 -8.35 -74.80 13.40
C LEU F 131 -7.40 -75.54 12.46
N PRO F 132 -7.83 -76.69 11.94
CA PRO F 132 -6.99 -77.46 11.02
C PRO F 132 -6.34 -76.57 9.97
N GLU F 133 -7.14 -75.65 9.41
CA GLU F 133 -6.69 -74.74 8.41
C GLU F 133 -5.55 -73.88 8.94
N LYS F 134 -5.77 -73.23 10.08
CA LYS F 134 -4.73 -72.36 10.67
C LYS F 134 -3.40 -73.07 10.85
N LEU F 135 -3.46 -74.26 11.42
CA LEU F 135 -2.26 -75.05 11.61
C LEU F 135 -1.63 -75.47 10.30
N LYS F 136 -2.44 -75.69 9.27
CA LYS F 136 -1.87 -76.07 7.98
C LYS F 136 -0.96 -74.96 7.48
N LEU F 137 -1.45 -73.73 7.56
CA LEU F 137 -0.63 -72.57 7.18
C LEU F 137 0.75 -72.55 7.85
N TYR F 138 0.80 -72.76 9.16
CA TYR F 138 2.09 -72.86 9.84
C TYR F 138 2.92 -74.00 9.26
N SER F 139 2.34 -75.19 9.18
CA SER F 139 3.07 -76.34 8.67
C SER F 139 3.71 -76.04 7.33
N GLU F 140 2.88 -75.66 6.37
CA GLU F 140 3.39 -75.35 5.06
C GLU F 140 4.42 -74.23 5.11
N PHE F 141 4.18 -73.23 5.95
CA PHE F 141 5.11 -72.10 6.05
C PHE F 141 6.47 -72.56 6.61
N LEU F 142 6.46 -73.45 7.60
CA LEU F 142 7.72 -73.98 8.15
C LEU F 142 8.38 -74.85 7.10
N GLY F 143 7.61 -75.74 6.51
CA GLY F 143 8.14 -76.60 5.45
C GLY F 143 9.19 -77.54 6.00
N LYS F 144 10.40 -77.47 5.44
CA LYS F 144 11.45 -78.43 5.77
C LYS F 144 12.52 -77.77 6.63
N ARG F 145 12.35 -76.46 6.88
CA ARG F 145 13.26 -75.69 7.72
C ARG F 145 13.23 -76.15 9.17
N PRO F 146 14.36 -76.01 9.85
CA PRO F 146 14.45 -76.26 11.29
C PRO F 146 13.74 -75.18 12.11
N TRP F 147 13.67 -73.97 11.59
CA TRP F 147 13.04 -72.87 12.31
C TRP F 147 12.23 -72.07 11.32
N PHE F 148 11.38 -71.20 11.84
CA PHE F 148 10.46 -70.47 11.00
C PHE F 148 11.11 -69.36 10.16
N ALA F 149 12.17 -68.77 10.69
CA ALA F 149 12.90 -67.75 9.94
C ALA F 149 13.73 -68.36 8.81
N GLY F 150 14.21 -69.59 9.02
CA GLY F 150 15.13 -70.25 8.10
C GLY F 150 16.00 -71.25 8.87
N ASN F 151 17.31 -71.06 8.81
CA ASN F 151 18.22 -72.00 9.46
C ASN F 151 18.65 -71.61 10.84
N LYS F 152 18.49 -70.33 11.16
CA LYS F 152 18.81 -69.83 12.48
C LYS F 152 17.52 -69.71 13.26
N ILE F 153 17.55 -70.14 14.51
CA ILE F 153 16.48 -69.85 15.42
C ILE F 153 16.36 -68.33 15.62
N THR F 154 15.12 -67.84 15.76
CA THR F 154 14.86 -66.41 16.00
C THR F 154 13.71 -66.27 16.97
N PHE F 155 13.45 -65.04 17.41
CA PHE F 155 12.42 -64.81 18.41
C PHE F 155 11.00 -65.19 18.00
N VAL F 156 10.68 -65.23 16.71
CA VAL F 156 9.34 -65.68 16.31
C VAL F 156 9.13 -67.18 16.55
N ASP F 157 10.21 -67.93 16.67
CA ASP F 157 10.05 -69.32 17.01
C ASP F 157 9.40 -69.47 18.38
N PHE F 158 9.68 -68.50 19.24
CA PHE F 158 9.07 -68.47 20.54
C PHE F 158 7.60 -68.17 20.46
N LEU F 159 7.24 -67.18 19.65
CA LEU F 159 5.84 -66.88 19.44
C LEU F 159 5.06 -68.03 18.78
N VAL F 160 5.63 -68.64 17.75
CA VAL F 160 4.95 -69.73 17.09
C VAL F 160 4.80 -70.89 18.03
N TYR F 161 5.86 -71.20 18.76
CA TYR F 161 5.76 -72.32 19.68
C TYR F 161 4.60 -72.12 20.64
N ASP F 162 4.52 -70.93 21.22
CA ASP F 162 3.53 -70.67 22.24
C ASP F 162 2.16 -70.94 21.68
N VAL F 163 1.89 -70.41 20.50
CA VAL F 163 0.62 -70.61 19.85
C VAL F 163 0.32 -72.09 19.56
N LEU F 164 1.29 -72.82 19.03
CA LEU F 164 1.13 -74.25 18.83
C LEU F 164 0.89 -75.01 20.14
N ASP F 165 1.73 -74.77 21.13
CA ASP F 165 1.56 -75.41 22.44
C ASP F 165 0.17 -75.17 22.98
N LEU F 166 -0.26 -73.91 22.94
CA LEU F 166 -1.56 -73.53 23.46
C LEU F 166 -2.62 -74.42 22.87
N HIS F 167 -2.54 -74.65 21.57
CA HIS F 167 -3.55 -75.42 20.88
C HIS F 167 -3.48 -76.91 21.16
N ARG F 168 -2.27 -77.45 21.24
CA ARG F 168 -2.10 -78.85 21.63
C ARG F 168 -2.79 -79.05 22.98
N ILE F 169 -2.78 -78.01 23.82
CA ILE F 169 -3.46 -78.05 25.09
C ILE F 169 -4.97 -77.96 24.89
N PHE F 170 -5.38 -77.03 24.04
CA PHE F 170 -6.79 -76.82 23.75
C PHE F 170 -7.46 -77.98 23.04
N GLU F 171 -6.80 -78.52 22.02
CA GLU F 171 -7.34 -79.65 21.27
C GLU F 171 -6.23 -80.64 20.98
N PRO F 172 -5.89 -81.40 22.02
CA PRO F 172 -4.83 -82.42 22.01
C PRO F 172 -4.34 -82.99 20.68
N LYS F 173 -5.24 -83.35 19.77
CA LYS F 173 -4.80 -83.96 18.52
C LYS F 173 -4.50 -82.94 17.43
N CYS F 174 -5.03 -81.74 17.62
CA CYS F 174 -4.84 -80.66 16.69
C CYS F 174 -3.58 -80.66 15.84
N LEU F 175 -2.53 -81.33 16.30
CA LEU F 175 -1.28 -81.32 15.57
C LEU F 175 -0.91 -82.59 14.84
N ASP F 176 -1.45 -83.71 15.29
CA ASP F 176 -1.14 -84.99 14.68
C ASP F 176 -1.01 -85.00 13.18
N ALA F 177 -1.68 -84.07 12.52
CA ALA F 177 -1.66 -84.02 11.07
C ALA F 177 -0.49 -83.29 10.47
N PHE F 178 0.41 -82.82 11.32
CA PHE F 178 1.57 -82.08 10.85
C PHE F 178 2.85 -82.52 11.53
N PRO F 179 3.44 -83.60 11.02
CA PRO F 179 4.68 -84.14 11.59
C PRO F 179 5.72 -83.04 11.81
N ASN F 180 5.98 -82.25 10.77
CA ASN F 180 6.95 -81.17 10.87
C ASN F 180 6.72 -80.28 12.09
N LEU F 181 5.47 -79.96 12.35
CA LEU F 181 5.11 -79.12 13.49
C LEU F 181 5.55 -79.77 14.80
N LYS F 182 5.15 -81.02 15.00
CA LYS F 182 5.49 -81.76 16.21
C LYS F 182 7.01 -81.89 16.38
N ASP F 183 7.73 -81.95 15.25
CA ASP F 183 9.19 -81.93 15.25
C ASP F 183 9.70 -80.61 15.76
N PHE F 184 8.98 -79.55 15.41
CA PHE F 184 9.35 -78.21 15.81
C PHE F 184 9.24 -78.13 17.33
N ILE F 185 8.12 -78.62 17.85
CA ILE F 185 7.91 -78.62 19.27
C ILE F 185 9.00 -79.41 20.00
N SER F 186 9.45 -80.51 19.39
CA SER F 186 10.55 -81.27 19.93
C SER F 186 11.85 -80.44 19.96
N ARG F 187 12.31 -80.00 18.80
CA ARG F 187 13.47 -79.16 18.72
C ARG F 187 13.44 -78.09 19.78
N PHE F 188 12.32 -77.37 19.86
CA PHE F 188 12.25 -76.20 20.74
C PHE F 188 12.33 -76.60 22.20
N GLU F 189 11.49 -77.54 22.61
CA GLU F 189 11.54 -78.01 24.00
C GLU F 189 12.83 -78.77 24.24
N GLY F 190 13.46 -79.20 23.16
CA GLY F 190 14.72 -79.92 23.24
C GLY F 190 15.90 -79.00 23.46
N LEU F 191 15.68 -77.71 23.28
CA LEU F 191 16.75 -76.76 23.46
C LEU F 191 17.10 -76.81 24.91
N GLU F 192 18.39 -76.78 25.19
CA GLU F 192 18.91 -77.03 26.51
C GLU F 192 18.34 -76.12 27.58
N LYS F 193 18.51 -74.80 27.42
CA LYS F 193 18.01 -73.85 28.40
C LYS F 193 16.48 -73.90 28.53
N ILE F 194 15.80 -74.22 27.43
CA ILE F 194 14.36 -74.32 27.45
C ILE F 194 13.99 -75.49 28.33
N SER F 195 14.62 -76.64 28.06
CA SER F 195 14.36 -77.85 28.82
C SER F 195 14.61 -77.61 30.33
N ALA F 196 15.81 -77.16 30.67
CA ALA F 196 16.17 -76.85 32.05
C ALA F 196 15.10 -75.98 32.71
N TYR F 197 14.69 -74.93 32.00
CA TYR F 197 13.70 -73.98 32.51
C TYR F 197 12.36 -74.62 32.74
N MET F 198 11.93 -75.43 31.77
CA MET F 198 10.67 -76.12 31.88
C MET F 198 10.65 -77.00 33.11
N LYS F 199 11.82 -77.53 33.49
CA LYS F 199 11.93 -78.37 34.70
C LYS F 199 12.04 -77.56 35.98
N SER F 200 12.42 -76.29 35.85
CA SER F 200 12.60 -75.44 37.02
C SER F 200 11.29 -75.11 37.68
N SER F 201 11.39 -74.52 38.86
CA SER F 201 10.20 -74.07 39.58
C SER F 201 9.77 -72.69 39.12
N ARG F 202 10.48 -72.12 38.16
CA ARG F 202 10.06 -70.86 37.55
C ARG F 202 9.04 -71.06 36.41
N PHE F 203 8.99 -72.25 35.82
CA PHE F 203 8.05 -72.55 34.74
C PHE F 203 6.63 -72.21 35.17
N LEU F 204 5.88 -71.53 34.31
CA LEU F 204 4.52 -71.14 34.65
C LEU F 204 3.59 -71.30 33.46
N PRO F 205 3.18 -72.55 33.17
CA PRO F 205 2.36 -72.89 31.99
C PRO F 205 0.87 -72.64 32.17
N ARG F 206 0.43 -72.31 33.37
CA ARG F 206 -0.99 -72.04 33.61
C ARG F 206 -1.16 -71.25 34.91
N PRO F 207 -2.25 -70.49 35.06
CA PRO F 207 -3.32 -70.31 34.09
C PRO F 207 -2.84 -69.80 32.74
N VAL F 208 -3.53 -70.18 31.67
CA VAL F 208 -3.24 -69.66 30.34
C VAL F 208 -3.71 -68.21 30.20
N PHE F 209 -4.94 -67.94 30.62
CA PHE F 209 -5.49 -66.58 30.57
C PHE F 209 -5.82 -66.06 31.97
N SER F 210 -6.29 -64.82 32.06
CA SER F 210 -6.65 -64.23 33.35
C SER F 210 -7.92 -64.85 33.92
N LYS F 211 -8.28 -64.45 35.12
CA LYS F 211 -9.42 -65.05 35.81
C LYS F 211 -10.75 -64.79 35.11
N MET F 212 -10.84 -63.68 34.38
CA MET F 212 -12.05 -63.37 33.62
C MET F 212 -12.45 -64.45 32.64
N ALA F 213 -11.56 -65.41 32.40
CA ALA F 213 -11.75 -66.37 31.33
C ALA F 213 -12.74 -67.50 31.62
N VAL F 214 -13.28 -68.08 30.56
CA VAL F 214 -14.15 -69.24 30.65
C VAL F 214 -13.34 -70.52 30.48
N TRP F 215 -12.25 -70.44 29.74
CA TRP F 215 -11.34 -71.57 29.53
C TRP F 215 -9.90 -71.17 29.81
N GLY F 216 -9.12 -72.03 30.43
CA GLY F 216 -7.73 -71.73 30.72
C GLY F 216 -7.56 -70.58 31.71
N ASN F 217 -8.62 -70.34 32.48
CA ASN F 217 -8.60 -69.38 33.56
C ASN F 217 -8.10 -70.04 34.83
N LYS F 218 -7.98 -71.36 34.77
CA LYS F 218 -7.51 -72.13 35.92
C LYS F 218 -6.06 -72.58 35.72
#